data_7JOK
# 
_entry.id   7JOK 
# 
_audit_conform.dict_name       mmcif_pdbx.dic 
_audit_conform.dict_version    5.380 
_audit_conform.dict_location   http://mmcif.pdb.org/dictionaries/ascii/mmcif_pdbx.dic 
# 
loop_
_database_2.database_id 
_database_2.database_code 
_database_2.pdbx_database_accession 
_database_2.pdbx_DOI 
PDB   7JOK         pdb_00007jok 10.2210/pdb7jok/pdb 
WWPDB D_1000250933 ?            ?                   
# 
_pdbx_database_status.status_code                     REL 
_pdbx_database_status.status_code_sf                  REL 
_pdbx_database_status.status_code_mr                  ? 
_pdbx_database_status.entry_id                        7JOK 
_pdbx_database_status.recvd_initial_deposition_date   2020-08-06 
_pdbx_database_status.SG_entry                        N 
_pdbx_database_status.deposit_site                    RCSB 
_pdbx_database_status.process_site                    RCSB 
_pdbx_database_status.status_code_cs                  ? 
_pdbx_database_status.status_code_nmr_data            ? 
_pdbx_database_status.methods_development_category    ? 
_pdbx_database_status.pdb_format_compatible           Y 
# 
loop_
_audit_author.name 
_audit_author.pdbx_ordinal 
_audit_author.identifier_ORCID 
'Simmons, C.R.'      1 0000-0002-2290-6132 
'MacCulloch, T.'     2 0000-0001-5875-3361 
'Stephanopoulos, N.' 3 0000-0001-7859-410X 
'Yan, H.'            4 0000-0001-7397-9852 
# 
_citation.abstract                  ? 
_citation.abstract_id_CAS           ? 
_citation.book_id_ISBN              ? 
_citation.book_publisher            ? 
_citation.book_publisher_city       ? 
_citation.book_title                ? 
_citation.coordinate_linkage        ? 
_citation.country                   UK 
_citation.database_id_Medline       ? 
_citation.details                   ? 
_citation.id                        primary 
_citation.journal_abbrev            'Nat Commun' 
_citation.journal_id_ASTM           ? 
_citation.journal_id_CSD            ? 
_citation.journal_id_ISSN           2041-1723 
_citation.journal_full              ? 
_citation.journal_issue             ? 
_citation.journal_volume            13 
_citation.language                  ? 
_citation.page_first                3112 
_citation.page_last                 3112 
_citation.title                     'The influence of Holliday junction sequence and dynamics on DNA crystal self-assembly.' 
_citation.year                      2022 
_citation.database_id_CSD           ? 
_citation.pdbx_database_id_DOI      10.1038/s41467-022-30779-6 
_citation.pdbx_database_id_PubMed   35662248 
_citation.unpublished_flag          ? 
# 
loop_
_citation_author.citation_id 
_citation_author.name 
_citation_author.ordinal 
_citation_author.identifier_ORCID 
primary 'Simmons, C.R.'      1  ?                   
primary 'MacCulloch, T.'     2  ?                   
primary 'Krepl, M.'          3  0000-0002-9833-4281 
primary 'Matthies, M.'       4  ?                   
primary 'Buchberger, A.'     5  ?                   
primary 'Crawford, I.'       6  ?                   
primary 'Sponer, J.'         7  0000-0001-6558-6186 
primary 'Sulc, P.'           8  0000-0003-1565-6769 
primary 'Stephanopoulos, N.' 9  0000-0001-7859-410X 
primary 'Yan, H.'            10 0000-0001-7397-9852 
# 
_cell.angle_alpha                  90.000 
_cell.angle_alpha_esd              ? 
_cell.angle_beta                   90.000 
_cell.angle_beta_esd               ? 
_cell.angle_gamma                  120.000 
_cell.angle_gamma_esd              ? 
_cell.entry_id                     7JOK 
_cell.details                      ? 
_cell.formula_units_Z              ? 
_cell.length_a                     68.172 
_cell.length_a_esd                 ? 
_cell.length_b                     68.172 
_cell.length_b_esd                 ? 
_cell.length_c                     55.083 
_cell.length_c_esd                 ? 
_cell.volume                       ? 
_cell.volume_esd                   ? 
_cell.Z_PDB                        3 
_cell.reciprocal_angle_alpha       ? 
_cell.reciprocal_angle_beta        ? 
_cell.reciprocal_angle_gamma       ? 
_cell.reciprocal_angle_alpha_esd   ? 
_cell.reciprocal_angle_beta_esd    ? 
_cell.reciprocal_angle_gamma_esd   ? 
_cell.reciprocal_length_a          ? 
_cell.reciprocal_length_b          ? 
_cell.reciprocal_length_c          ? 
_cell.reciprocal_length_a_esd      ? 
_cell.reciprocal_length_b_esd      ? 
_cell.reciprocal_length_c_esd      ? 
_cell.pdbx_unique_axis             ? 
# 
_symmetry.entry_id                         7JOK 
_symmetry.cell_setting                     ? 
_symmetry.Int_Tables_number                145 
_symmetry.space_group_name_Hall            ? 
_symmetry.space_group_name_H-M             'P 32' 
_symmetry.pdbx_full_space_group_name_H-M   ? 
# 
loop_
_entity.id 
_entity.type 
_entity.src_method 
_entity.pdbx_description 
_entity.formula_weight 
_entity.pdbx_number_of_molecules 
_entity.pdbx_ec 
_entity.pdbx_mutation 
_entity.pdbx_fragment 
_entity.details 
1 polymer     syn 
;DNA (5'-D(*GP*AP*GP*CP*AP*GP*AP*CP*TP*TP*GP*AP*CP*GP*AP*CP*AP*CP*TP*CP*A)-3')
;
6441.188 1 ? ? ? ? 
2 polymer     syn 
;DNA (5'-D(P*TP*CP*GP*TP*CP*A)-3')
;
1784.204 1 ? ? ? ? 
3 polymer     syn 
;DNA (5'-D(*TP*CP*TP*GP*AP*GP*TP*G)-3')
;
2457.627 1 ? ? ? ? 
4 polymer     syn 
;DNA (5'-D(P*AP*GP*TP*CP*TP*GP*C)-3')
;
2113.410 1 ? ? ? ? 
5 non-polymer syn 'CACODYLATE ION'                                                                136.989  3 ? ? ? ? 
# 
loop_
_entity_poly.entity_id 
_entity_poly.type 
_entity_poly.nstd_linkage 
_entity_poly.nstd_monomer 
_entity_poly.pdbx_seq_one_letter_code 
_entity_poly.pdbx_seq_one_letter_code_can 
_entity_poly.pdbx_strand_id 
_entity_poly.pdbx_target_identifier 
1 polydeoxyribonucleotide no no 
;(DG)(DA)(DG)(DC)(DA)(DG)(DA)(DC)(DT)(DT)(DG)(DA)(DC)(DG)(DA)(DC)(DA)(DC)(DT)(DC)
(DA)
;
GAGCAGACTTGACGACACTCA A ? 
2 polydeoxyribonucleotide no no '(DT)(DC)(DG)(DT)(DC)(DA)'                                                              TCGTCA B ? 
3 polydeoxyribonucleotide no no '(DT)(DC)(DT)(DG)(DA)(DG)(DT)(DG)'                                                      TCTGAGTG C 
? 
4 polydeoxyribonucleotide no no '(DA)(DG)(DT)(DC)(DT)(DG)(DC)'                                                          AGTCTGC D 
? 
# 
loop_
_entity_poly_seq.entity_id 
_entity_poly_seq.num 
_entity_poly_seq.mon_id 
_entity_poly_seq.hetero 
1 1  DG n 
1 2  DA n 
1 3  DG n 
1 4  DC n 
1 5  DA n 
1 6  DG n 
1 7  DA n 
1 8  DC n 
1 9  DT n 
1 10 DT n 
1 11 DG n 
1 12 DA n 
1 13 DC n 
1 14 DG n 
1 15 DA n 
1 16 DC n 
1 17 DA n 
1 18 DC n 
1 19 DT n 
1 20 DC n 
1 21 DA n 
2 1  DT n 
2 2  DC n 
2 3  DG n 
2 4  DT n 
2 5  DC n 
2 6  DA n 
3 1  DT n 
3 2  DC n 
3 3  DT n 
3 4  DG n 
3 5  DA n 
3 6  DG n 
3 7  DT n 
3 8  DG n 
4 1  DA n 
4 2  DG n 
4 3  DT n 
4 4  DC n 
4 5  DT n 
4 6  DG n 
4 7  DC n 
# 
loop_
_pdbx_entity_src_syn.entity_id 
_pdbx_entity_src_syn.pdbx_src_id 
_pdbx_entity_src_syn.pdbx_alt_source_flag 
_pdbx_entity_src_syn.pdbx_beg_seq_num 
_pdbx_entity_src_syn.pdbx_end_seq_num 
_pdbx_entity_src_syn.organism_scientific 
_pdbx_entity_src_syn.organism_common_name 
_pdbx_entity_src_syn.ncbi_taxonomy_id 
_pdbx_entity_src_syn.details 
1 1 sample 1 21 'synthetic construct' ? 32630 ? 
2 1 sample 1 6  'synthetic construct' ? 32630 ? 
3 1 sample 1 8  'synthetic construct' ? 32630 ? 
4 1 sample 1 7  'synthetic construct' ? 32630 ? 
# 
loop_
_struct_ref.id 
_struct_ref.db_name 
_struct_ref.db_code 
_struct_ref.pdbx_db_accession 
_struct_ref.pdbx_db_isoform 
_struct_ref.entity_id 
_struct_ref.pdbx_seq_one_letter_code 
_struct_ref.pdbx_align_begin 
1 PDB 7JOK 7JOK ? 1 ? 1 
2 PDB 7JOK 7JOK ? 2 ? 1 
3 PDB 7JOK 7JOK ? 3 ? 1 
4 PDB 7JOK 7JOK ? 4 ? 1 
# 
loop_
_struct_ref_seq.align_id 
_struct_ref_seq.ref_id 
_struct_ref_seq.pdbx_PDB_id_code 
_struct_ref_seq.pdbx_strand_id 
_struct_ref_seq.seq_align_beg 
_struct_ref_seq.pdbx_seq_align_beg_ins_code 
_struct_ref_seq.seq_align_end 
_struct_ref_seq.pdbx_seq_align_end_ins_code 
_struct_ref_seq.pdbx_db_accession 
_struct_ref_seq.db_align_beg 
_struct_ref_seq.pdbx_db_align_beg_ins_code 
_struct_ref_seq.db_align_end 
_struct_ref_seq.pdbx_db_align_end_ins_code 
_struct_ref_seq.pdbx_auth_seq_align_beg 
_struct_ref_seq.pdbx_auth_seq_align_end 
1 1 7JOK A 1 ? 21 ? 7JOK 1  ? 21 ? 1  21 
2 2 7JOK B 1 ? 6  ? 7JOK 0  ? 5  ? 0  5  
3 3 7JOK C 1 ? 8  ? 7JOK 1  ? 8  ? 1  8  
4 4 7JOK D 1 ? 7  ? 7JOK 10 ? 16 ? 10 16 
# 
loop_
_chem_comp.id 
_chem_comp.type 
_chem_comp.mon_nstd_flag 
_chem_comp.name 
_chem_comp.pdbx_synonyms 
_chem_comp.formula 
_chem_comp.formula_weight 
CAC non-polymer   . 'CACODYLATE ION'                     dimethylarsinate 'C2 H6 As O2 -1'  136.989 
DA  'DNA linking' y "2'-DEOXYADENOSINE-5'-MONOPHOSPHATE" ?                'C10 H14 N5 O6 P' 331.222 
DC  'DNA linking' y "2'-DEOXYCYTIDINE-5'-MONOPHOSPHATE"  ?                'C9 H14 N3 O7 P'  307.197 
DG  'DNA linking' y "2'-DEOXYGUANOSINE-5'-MONOPHOSPHATE" ?                'C10 H14 N5 O7 P' 347.221 
DT  'DNA linking' y "THYMIDINE-5'-MONOPHOSPHATE"         ?                'C10 H15 N2 O8 P' 322.208 
# 
_exptl.absorpt_coefficient_mu     ? 
_exptl.absorpt_correction_T_max   ? 
_exptl.absorpt_correction_T_min   ? 
_exptl.absorpt_correction_type    ? 
_exptl.absorpt_process_details    ? 
_exptl.entry_id                   7JOK 
_exptl.crystals_number            1 
_exptl.details                    ? 
_exptl.method                     'X-RAY DIFFRACTION' 
_exptl.method_details             ? 
# 
_exptl_crystal.colour                      ? 
_exptl_crystal.density_diffrn              ? 
_exptl_crystal.density_Matthews            5.77 
_exptl_crystal.density_method              ? 
_exptl_crystal.density_percent_sol         78.70 
_exptl_crystal.description                 ? 
_exptl_crystal.F_000                       ? 
_exptl_crystal.id                          1 
_exptl_crystal.preparation                 ? 
_exptl_crystal.size_max                    ? 
_exptl_crystal.size_mid                    ? 
_exptl_crystal.size_min                    ? 
_exptl_crystal.size_rad                    ? 
_exptl_crystal.colour_lustre               ? 
_exptl_crystal.colour_modifier             ? 
_exptl_crystal.colour_primary              ? 
_exptl_crystal.density_meas                ? 
_exptl_crystal.density_meas_esd            ? 
_exptl_crystal.density_meas_gt             ? 
_exptl_crystal.density_meas_lt             ? 
_exptl_crystal.density_meas_temp           ? 
_exptl_crystal.density_meas_temp_esd       ? 
_exptl_crystal.density_meas_temp_gt        ? 
_exptl_crystal.density_meas_temp_lt        ? 
_exptl_crystal.pdbx_crystal_image_url      ? 
_exptl_crystal.pdbx_crystal_image_format   ? 
_exptl_crystal.pdbx_mosaicity              ? 
_exptl_crystal.pdbx_mosaicity_esd          ? 
# 
_exptl_crystal_grow.apparatus       ? 
_exptl_crystal_grow.atmosphere      ? 
_exptl_crystal_grow.crystal_id      1 
_exptl_crystal_grow.details         ? 
_exptl_crystal_grow.method          'VAPOR DIFFUSION, SITTING DROP' 
_exptl_crystal_grow.method_ref      ? 
_exptl_crystal_grow.pH              ? 
_exptl_crystal_grow.pressure        ? 
_exptl_crystal_grow.pressure_esd    ? 
_exptl_crystal_grow.seeding         ? 
_exptl_crystal_grow.seeding_ref     ? 
_exptl_crystal_grow.temp            298 
_exptl_crystal_grow.temp_details    'temperature gradient generated from 60 to 25 C at 0.3 degrees per hour' 
_exptl_crystal_grow.temp_esd        ? 
_exptl_crystal_grow.time            ? 
_exptl_crystal_grow.pdbx_details    
;0.5 mL of 0.05 M TRIS pH 7.5 with 200 mM MgCl2 and 2.5 M NaCl was added to the reservoir with 2 uL added to the drop containing 4 uL of DNA stock
;
_exptl_crystal_grow.pdbx_pH_range   ? 
# 
_diffrn.ambient_environment              ? 
_diffrn.ambient_temp                     100 
_diffrn.ambient_temp_details             ? 
_diffrn.ambient_temp_esd                 ? 
_diffrn.crystal_id                       1 
_diffrn.crystal_support                  ? 
_diffrn.crystal_treatment                ? 
_diffrn.details                          ? 
_diffrn.id                               1 
_diffrn.ambient_pressure                 ? 
_diffrn.ambient_pressure_esd             ? 
_diffrn.ambient_pressure_gt              ? 
_diffrn.ambient_pressure_lt              ? 
_diffrn.ambient_temp_gt                  ? 
_diffrn.ambient_temp_lt                  ? 
_diffrn.pdbx_serial_crystal_experiment   N 
# 
_diffrn_detector.details                      ? 
_diffrn_detector.detector                     CCD 
_diffrn_detector.diffrn_id                    1 
_diffrn_detector.type                         'ADSC QUANTUM 210r' 
_diffrn_detector.area_resol_mean              ? 
_diffrn_detector.dtime                        ? 
_diffrn_detector.pdbx_frames_total            ? 
_diffrn_detector.pdbx_collection_time_total   ? 
_diffrn_detector.pdbx_collection_date         2017-12-15 
_diffrn_detector.pdbx_frequency               ? 
# 
_diffrn_radiation.collimation                      ? 
_diffrn_radiation.diffrn_id                        1 
_diffrn_radiation.filter_edge                      ? 
_diffrn_radiation.inhomogeneity                    ? 
_diffrn_radiation.monochromator                    ? 
_diffrn_radiation.polarisn_norm                    ? 
_diffrn_radiation.polarisn_ratio                   ? 
_diffrn_radiation.probe                            ? 
_diffrn_radiation.type                             ? 
_diffrn_radiation.xray_symbol                      ? 
_diffrn_radiation.wavelength_id                    1 
_diffrn_radiation.pdbx_monochromatic_or_laue_m_l   M 
_diffrn_radiation.pdbx_wavelength_list             ? 
_diffrn_radiation.pdbx_wavelength                  ? 
_diffrn_radiation.pdbx_diffrn_protocol             'SINGLE WAVELENGTH' 
_diffrn_radiation.pdbx_analyzer                    ? 
_diffrn_radiation.pdbx_scattering_type             x-ray 
# 
_diffrn_radiation_wavelength.id           1 
_diffrn_radiation_wavelength.wavelength   1 
_diffrn_radiation_wavelength.wt           1.0 
# 
_diffrn_source.current                     ? 
_diffrn_source.details                     ? 
_diffrn_source.diffrn_id                   1 
_diffrn_source.power                       ? 
_diffrn_source.size                        ? 
_diffrn_source.source                      SYNCHROTRON 
_diffrn_source.target                      ? 
_diffrn_source.type                        'APS BEAMLINE 19-BM' 
_diffrn_source.voltage                     ? 
_diffrn_source.take-off_angle              ? 
_diffrn_source.pdbx_wavelength_list        1 
_diffrn_source.pdbx_wavelength             ? 
_diffrn_source.pdbx_synchrotron_beamline   19-BM 
_diffrn_source.pdbx_synchrotron_site       APS 
# 
_reflns.B_iso_Wilson_estimate            53.310 
_reflns.entry_id                         7JOK 
_reflns.data_reduction_details           ? 
_reflns.data_reduction_method            ? 
_reflns.d_resolution_high                3.100 
_reflns.d_resolution_low                 50.000 
_reflns.details                          ? 
_reflns.limit_h_max                      ? 
_reflns.limit_h_min                      ? 
_reflns.limit_k_max                      ? 
_reflns.limit_k_min                      ? 
_reflns.limit_l_max                      ? 
_reflns.limit_l_min                      ? 
_reflns.number_all                       ? 
_reflns.number_obs                       4614 
_reflns.observed_criterion               ? 
_reflns.observed_criterion_F_max         ? 
_reflns.observed_criterion_F_min         ? 
_reflns.observed_criterion_I_max         ? 
_reflns.observed_criterion_I_min         ? 
_reflns.observed_criterion_sigma_F       ? 
_reflns.observed_criterion_sigma_I       ? 
_reflns.percent_possible_obs             89.700 
_reflns.R_free_details                   ? 
_reflns.Rmerge_F_all                     ? 
_reflns.Rmerge_F_obs                     ? 
_reflns.Friedel_coverage                 ? 
_reflns.number_gt                        ? 
_reflns.threshold_expression             ? 
_reflns.pdbx_redundancy                  7.100 
_reflns.pdbx_Rmerge_I_obs                0.097 
_reflns.pdbx_Rmerge_I_all                ? 
_reflns.pdbx_Rsym_value                  ? 
_reflns.pdbx_netI_over_av_sigmaI         ? 
_reflns.pdbx_netI_over_sigmaI            8.000 
_reflns.pdbx_res_netI_over_av_sigmaI_2   ? 
_reflns.pdbx_res_netI_over_sigmaI_2      ? 
_reflns.pdbx_chi_squared                 1.653 
_reflns.pdbx_scaling_rejects             ? 
_reflns.pdbx_d_res_high_opt              ? 
_reflns.pdbx_d_res_low_opt               ? 
_reflns.pdbx_d_res_opt_method            ? 
_reflns.phase_calculation_details        ? 
_reflns.pdbx_Rrim_I_all                  0.105 
_reflns.pdbx_Rpim_I_all                  0.038 
_reflns.pdbx_d_opt                       ? 
_reflns.pdbx_number_measured_all         ? 
_reflns.pdbx_diffrn_id                   1 
_reflns.pdbx_ordinal                     1 
_reflns.pdbx_CC_half                     0.994 
_reflns.pdbx_CC_star                     ? 
_reflns.pdbx_R_split                     ? 
# 
loop_
_reflns_shell.d_res_high 
_reflns_shell.d_res_low 
_reflns_shell.meanI_over_sigI_all 
_reflns_shell.meanI_over_sigI_obs 
_reflns_shell.number_measured_all 
_reflns_shell.number_measured_obs 
_reflns_shell.number_possible 
_reflns_shell.number_unique_all 
_reflns_shell.number_unique_obs 
_reflns_shell.percent_possible_all 
_reflns_shell.percent_possible_obs 
_reflns_shell.Rmerge_F_all 
_reflns_shell.Rmerge_F_obs 
_reflns_shell.Rmerge_I_all 
_reflns_shell.Rmerge_I_obs 
_reflns_shell.meanI_over_sigI_gt 
_reflns_shell.meanI_over_uI_all 
_reflns_shell.meanI_over_uI_gt 
_reflns_shell.number_measured_gt 
_reflns_shell.number_unique_gt 
_reflns_shell.percent_possible_gt 
_reflns_shell.Rmerge_F_gt 
_reflns_shell.Rmerge_I_gt 
_reflns_shell.pdbx_redundancy 
_reflns_shell.pdbx_Rsym_value 
_reflns_shell.pdbx_chi_squared 
_reflns_shell.pdbx_netI_over_sigmaI_all 
_reflns_shell.pdbx_netI_over_sigmaI_obs 
_reflns_shell.pdbx_Rrim_I_all 
_reflns_shell.pdbx_Rpim_I_all 
_reflns_shell.pdbx_rejects 
_reflns_shell.pdbx_ordinal 
_reflns_shell.pdbx_diffrn_id 
_reflns_shell.pdbx_CC_half 
_reflns_shell.pdbx_CC_star 
_reflns_shell.pdbx_R_split 
3.100 3.150  ? ? ? ? ? ? 133 57.800  ? ? ? ? 0.526 ? ? ? ? ? ? ? ? 5.700 ? 1.383 ? ? 0.569 0.212 ? 1  1 0.962 ? ? 
3.150 3.210  ? ? ? ? ? ? 176 66.700  ? ? ? ? 0.198 ? ? ? ? ? ? ? ? 5.900 ? 1.562 ? ? 0.214 0.079 ? 2  1 0.991 ? ? 
3.210 3.270  ? ? ? ? ? ? 185 74.000  ? ? ? ? 0.168 ? ? ? ? ? ? ? ? 6.000 ? 1.391 ? ? 0.182 0.068 ? 3  1 0.997 ? ? 
3.270 3.340  ? ? ? ? ? ? 199 74.800  ? ? ? ? 0.239 ? ? ? ? ? ? ? ? 6.000 ? 1.483 ? ? 0.259 0.097 ? 4  1 0.989 ? ? 
3.340 3.410  ? ? ? ? ? ? 205 78.500  ? ? ? ? 0.151 ? ? ? ? ? ? ? ? 6.300 ? 1.605 ? ? 0.163 0.061 ? 5  1 0.996 ? ? 
3.410 3.490  ? ? ? ? ? ? 220 82.100  ? ? ? ? 0.460 ? ? ? ? ? ? ? ? 6.400 ? 1.328 ? ? 0.496 0.184 ? 6  1 0.953 ? ? 
3.490 3.580  ? ? ? ? ? ? 213 86.600  ? ? ? ? 0.356 ? ? ? ? ? ? ? ? 6.700 ? 1.503 ? ? 0.383 0.141 ? 7  1 0.968 ? ? 
3.580 3.680  ? ? ? ? ? ? 232 88.200  ? ? ? ? 0.431 ? ? ? ? ? ? ? ? 6.800 ? 1.522 ? ? 0.463 0.168 ? 8  1 0.944 ? ? 
3.680 3.780  ? ? ? ? ? ? 237 91.900  ? ? ? ? 0.488 ? ? ? ? ? ? ? ? 6.800 ? 1.330 ? ? 0.525 0.191 ? 9  1 0.946 ? ? 
3.780 3.910  ? ? ? ? ? ? 243 94.900  ? ? ? ? 0.467 ? ? ? ? ? ? ? ? 6.900 ? 1.489 ? ? 0.502 0.184 ? 10 1 0.935 ? ? 
3.910 4.040  ? ? ? ? ? ? 258 99.200  ? ? ? ? 0.416 ? ? ? ? ? ? ? ? 7.100 ? 1.538 ? ? 0.447 0.163 ? 11 1 0.961 ? ? 
4.040 4.210  ? ? ? ? ? ? 265 100.000 ? ? ? ? 0.312 ? ? ? ? ? ? ? ? 7.400 ? 1.599 ? ? 0.335 0.122 ? 12 1 0.969 ? ? 
4.210 4.400  ? ? ? ? ? ? 243 99.600  ? ? ? ? 0.287 ? ? ? ? ? ? ? ? 7.600 ? 1.700 ? ? 0.308 0.111 ? 13 1 0.973 ? ? 
4.400 4.630  ? ? ? ? ? ? 262 100.000 ? ? ? ? 0.285 ? ? ? ? ? ? ? ? 7.700 ? 1.534 ? ? 0.305 0.109 ? 14 1 0.975 ? ? 
4.630 4.920  ? ? ? ? ? ? 256 100.000 ? ? ? ? 0.171 ? ? ? ? ? ? ? ? 7.700 ? 1.478 ? ? 0.183 0.066 ? 15 1 0.992 ? ? 
4.920 5.300  ? ? ? ? ? ? 247 100.000 ? ? ? ? 0.114 ? ? ? ? ? ? ? ? 7.800 ? 1.677 ? ? 0.122 0.044 ? 16 1 0.997 ? ? 
5.300 5.830  ? ? ? ? ? ? 265 100.000 ? ? ? ? 0.071 ? ? ? ? ? ? ? ? 7.700 ? 1.455 ? ? 0.076 0.027 ? 17 1 0.998 ? ? 
5.830 6.670  ? ? ? ? ? ? 253 100.000 ? ? ? ? 0.063 ? ? ? ? ? ? ? ? 7.800 ? 1.395 ? ? 0.067 0.024 ? 18 1 0.998 ? ? 
6.670 8.400  ? ? ? ? ? ? 268 100.000 ? ? ? ? 0.033 ? ? ? ? ? ? ? ? 7.800 ? 1.306 ? ? 0.036 0.013 ? 19 1 1.000 ? ? 
8.400 50.000 ? ? ? ? ? ? 254 98.100  ? ? ? ? 0.036 ? ? ? ? ? ? ? ? 7.400 ? 4.258 ? ? 0.038 0.014 ? 20 1 0.999 ? ? 
# 
_refine.aniso_B[1][1]                            ? 
_refine.aniso_B[1][2]                            ? 
_refine.aniso_B[1][3]                            ? 
_refine.aniso_B[2][2]                            ? 
_refine.aniso_B[2][3]                            ? 
_refine.aniso_B[3][3]                            ? 
_refine.B_iso_max                                195.520 
_refine.B_iso_mean                               95.5079 
_refine.B_iso_min                                48.780 
_refine.correlation_coeff_Fo_to_Fc               ? 
_refine.correlation_coeff_Fo_to_Fc_free          ? 
_refine.details                                  ? 
_refine.diff_density_max                         ? 
_refine.diff_density_max_esd                     ? 
_refine.diff_density_min                         ? 
_refine.diff_density_min_esd                     ? 
_refine.diff_density_rms                         ? 
_refine.diff_density_rms_esd                     ? 
_refine.entry_id                                 7JOK 
_refine.pdbx_refine_id                           'X-RAY DIFFRACTION' 
_refine.ls_abs_structure_details                 ? 
_refine.ls_abs_structure_Flack                   ? 
_refine.ls_abs_structure_Flack_esd               ? 
_refine.ls_abs_structure_Rogers                  ? 
_refine.ls_abs_structure_Rogers_esd              ? 
_refine.ls_d_res_high                            3.1100 
_refine.ls_d_res_low                             34.0860 
_refine.ls_extinction_coef                       ? 
_refine.ls_extinction_coef_esd                   ? 
_refine.ls_extinction_expression                 ? 
_refine.ls_extinction_method                     ? 
_refine.ls_goodness_of_fit_all                   ? 
_refine.ls_goodness_of_fit_all_esd               ? 
_refine.ls_goodness_of_fit_obs                   ? 
_refine.ls_goodness_of_fit_obs_esd               ? 
_refine.ls_hydrogen_treatment                    ? 
_refine.ls_matrix_type                           ? 
_refine.ls_number_constraints                    ? 
_refine.ls_number_parameters                     ? 
_refine.ls_number_reflns_all                     ? 
_refine.ls_number_reflns_obs                     4543 
_refine.ls_number_reflns_R_free                  493 
_refine.ls_number_reflns_R_work                  4050 
_refine.ls_number_restraints                     ? 
_refine.ls_percent_reflns_obs                    88.6100 
_refine.ls_percent_reflns_R_free                 10.8500 
_refine.ls_R_factor_all                          ? 
_refine.ls_R_factor_obs                          0.2492 
_refine.ls_R_factor_R_free                       0.2674 
_refine.ls_R_factor_R_free_error                 ? 
_refine.ls_R_factor_R_free_error_details         ? 
_refine.ls_R_factor_R_work                       0.2460 
_refine.ls_R_Fsqd_factor_obs                     ? 
_refine.ls_R_I_factor_obs                        ? 
_refine.ls_redundancy_reflns_all                 ? 
_refine.ls_redundancy_reflns_obs                 ? 
_refine.ls_restrained_S_all                      ? 
_refine.ls_restrained_S_obs                      ? 
_refine.ls_shift_over_esd_max                    ? 
_refine.ls_shift_over_esd_mean                   ? 
_refine.ls_structure_factor_coef                 ? 
_refine.ls_weighting_details                     ? 
_refine.ls_weighting_scheme                      ? 
_refine.ls_wR_factor_all                         ? 
_refine.ls_wR_factor_obs                         ? 
_refine.ls_wR_factor_R_free                      ? 
_refine.ls_wR_factor_R_work                      ? 
_refine.occupancy_max                            ? 
_refine.occupancy_min                            ? 
_refine.solvent_model_details                    'FLAT BULK SOLVENT MODEL' 
_refine.solvent_model_param_bsol                 ? 
_refine.solvent_model_param_ksol                 ? 
_refine.pdbx_R_complete                          ? 
_refine.ls_R_factor_gt                           ? 
_refine.ls_goodness_of_fit_gt                    ? 
_refine.ls_goodness_of_fit_ref                   ? 
_refine.ls_shift_over_su_max                     ? 
_refine.ls_shift_over_su_max_lt                  ? 
_refine.ls_shift_over_su_mean                    ? 
_refine.ls_shift_over_su_mean_lt                 ? 
_refine.pdbx_ls_sigma_I                          ? 
_refine.pdbx_ls_sigma_F                          1.970 
_refine.pdbx_ls_sigma_Fsqd                       ? 
_refine.pdbx_data_cutoff_high_absF               ? 
_refine.pdbx_data_cutoff_high_rms_absF           ? 
_refine.pdbx_data_cutoff_low_absF                ? 
_refine.pdbx_isotropic_thermal_model             ? 
_refine.pdbx_ls_cross_valid_method               THROUGHOUT 
_refine.pdbx_method_to_determine_struct          'MOLECULAR REPLACEMENT' 
_refine.pdbx_starting_model                      5VY6 
_refine.pdbx_stereochemistry_target_values       ML 
_refine.pdbx_R_Free_selection_details            ? 
_refine.pdbx_stereochem_target_val_spec_case     ? 
_refine.pdbx_overall_ESU_R                       ? 
_refine.pdbx_overall_ESU_R_Free                  ? 
_refine.pdbx_solvent_vdw_probe_radii             1.1100 
_refine.pdbx_solvent_ion_probe_radii             ? 
_refine.pdbx_solvent_shrinkage_radii             0.9000 
_refine.pdbx_real_space_R                        ? 
_refine.pdbx_density_correlation                 ? 
_refine.pdbx_pd_number_of_powder_patterns        ? 
_refine.pdbx_pd_number_of_points                 ? 
_refine.pdbx_pd_meas_number_of_points            ? 
_refine.pdbx_pd_proc_ls_prof_R_factor            ? 
_refine.pdbx_pd_proc_ls_prof_wR_factor           ? 
_refine.pdbx_pd_Marquardt_correlation_coeff      ? 
_refine.pdbx_pd_Fsqrd_R_factor                   ? 
_refine.pdbx_pd_ls_matrix_band_width             ? 
_refine.pdbx_overall_phase_error                 43.6400 
_refine.pdbx_overall_SU_R_free_Cruickshank_DPI   ? 
_refine.pdbx_overall_SU_R_free_Blow_DPI          ? 
_refine.pdbx_overall_SU_R_Blow_DPI               ? 
_refine.pdbx_TLS_residual_ADP_flag               ? 
_refine.pdbx_diffrn_id                           1 
_refine.overall_SU_B                             ? 
_refine.overall_SU_ML                            0.3800 
_refine.overall_SU_R_Cruickshank_DPI             ? 
_refine.overall_SU_R_free                        ? 
_refine.overall_FOM_free_R_set                   ? 
_refine.overall_FOM_work_R_set                   ? 
_refine.pdbx_average_fsc_overall                 ? 
_refine.pdbx_average_fsc_work                    ? 
_refine.pdbx_average_fsc_free                    ? 
# 
_refine_hist.pdbx_refine_id                   'X-RAY DIFFRACTION' 
_refine_hist.cycle_id                         final 
_refine_hist.details                          ? 
_refine_hist.d_res_high                       3.1100 
_refine_hist.d_res_low                        34.0860 
_refine_hist.number_atoms_solvent             0 
_refine_hist.number_atoms_total               854 
_refine_hist.number_reflns_all                ? 
_refine_hist.number_reflns_obs                ? 
_refine_hist.number_reflns_R_free             ? 
_refine_hist.number_reflns_R_work             ? 
_refine_hist.R_factor_all                     ? 
_refine_hist.R_factor_obs                     ? 
_refine_hist.R_factor_R_free                  ? 
_refine_hist.R_factor_R_work                  ? 
_refine_hist.pdbx_number_residues_total       42 
_refine_hist.pdbx_B_iso_mean_ligand           157.49 
_refine_hist.pdbx_B_iso_mean_solvent          ? 
_refine_hist.pdbx_number_atoms_protein        0 
_refine_hist.pdbx_number_atoms_nucleic_acid   851 
_refine_hist.pdbx_number_atoms_ligand         3 
_refine_hist.pdbx_number_atoms_lipid          ? 
_refine_hist.pdbx_number_atoms_carb           ? 
_refine_hist.pdbx_pseudo_atom_details         ? 
# 
loop_
_refine_ls_restr.pdbx_refine_id 
_refine_ls_restr.criterion 
_refine_ls_restr.dev_ideal 
_refine_ls_restr.dev_ideal_target 
_refine_ls_restr.number 
_refine_ls_restr.rejects 
_refine_ls_restr.type 
_refine_ls_restr.weight 
_refine_ls_restr.pdbx_restraint_function 
'X-RAY DIFFRACTION' ? 0.005  ? 952  ? f_bond_d           ? ? 
'X-RAY DIFFRACTION' ? 0.766  ? 1461 ? f_angle_d          ? ? 
'X-RAY DIFFRACTION' ? 0.042  ? 164  ? f_chiral_restr     ? ? 
'X-RAY DIFFRACTION' ? 0.004  ? 42   ? f_plane_restr      ? ? 
'X-RAY DIFFRACTION' ? 33.863 ? 400  ? f_dihedral_angle_d ? ? 
# 
loop_
_refine_ls_shell.pdbx_refine_id 
_refine_ls_shell.d_res_high 
_refine_ls_shell.d_res_low 
_refine_ls_shell.number_reflns_all 
_refine_ls_shell.number_reflns_obs 
_refine_ls_shell.number_reflns_R_free 
_refine_ls_shell.number_reflns_R_work 
_refine_ls_shell.percent_reflns_obs 
_refine_ls_shell.percent_reflns_R_free 
_refine_ls_shell.R_factor_all 
_refine_ls_shell.R_factor_obs 
_refine_ls_shell.R_factor_R_free 
_refine_ls_shell.R_factor_R_free_error 
_refine_ls_shell.R_factor_R_work 
_refine_ls_shell.redundancy_reflns_all 
_refine_ls_shell.redundancy_reflns_obs 
_refine_ls_shell.wR_factor_all 
_refine_ls_shell.wR_factor_obs 
_refine_ls_shell.wR_factor_R_free 
_refine_ls_shell.wR_factor_R_work 
_refine_ls_shell.pdbx_R_complete 
_refine_ls_shell.pdbx_total_number_of_bins_used 
_refine_ls_shell.pdbx_phase_error 
_refine_ls_shell.pdbx_fsc_work 
_refine_ls_shell.pdbx_fsc_free 
'X-RAY DIFFRACTION' 3.1104 3.4231 . . 60  777  66.0000  . . . 0.2964 0.0000 0.3194 . . . . . . . . . . . 
'X-RAY DIFFRACTION' 3.4231 3.9178 . . 139 1004 89.0000  . . . 0.3418 0.0000 0.2915 . . . . . . . . . . . 
'X-RAY DIFFRACTION' 3.9178 4.9336 . . 140 1144 100.0000 . . . 0.3497 0.0000 0.3175 . . . . . . . . . . . 
'X-RAY DIFFRACTION' 4.9336 34.086 . . 154 1125 100.0000 . . . 0.2207 0.0000 0.1943 . . . . . . . . . . . 
# 
_struct.entry_id                     7JOK 
_struct.title                        
'Self-assembly of a 3D DNA crystal lattice (4x6 duplex version) containing the J26 immobile Holliday junction' 
_struct.pdbx_model_details           ? 
_struct.pdbx_formula_weight          ? 
_struct.pdbx_formula_weight_method   ? 
_struct.pdbx_model_type_details      ? 
_struct.pdbx_CASP_flag               N 
# 
_struct_keywords.entry_id        7JOK 
_struct_keywords.text            
'Structural DNA nanotechnology, immobile Holliday junctions, 3D DNA self-assembly, designer DNA crystals, DNA' 
_struct_keywords.pdbx_keywords   DNA 
# 
loop_
_struct_asym.id 
_struct_asym.pdbx_blank_PDB_chainid_flag 
_struct_asym.pdbx_modified 
_struct_asym.entity_id 
_struct_asym.details 
A N N 1 ? 
B N N 2 ? 
C N N 3 ? 
D N N 4 ? 
E N N 5 ? 
F N N 5 ? 
G N N 5 ? 
# 
loop_
_struct_conn.id 
_struct_conn.conn_type_id 
_struct_conn.pdbx_leaving_atom_flag 
_struct_conn.pdbx_PDB_id 
_struct_conn.ptnr1_label_asym_id 
_struct_conn.ptnr1_label_comp_id 
_struct_conn.ptnr1_label_seq_id 
_struct_conn.ptnr1_label_atom_id 
_struct_conn.pdbx_ptnr1_label_alt_id 
_struct_conn.pdbx_ptnr1_PDB_ins_code 
_struct_conn.pdbx_ptnr1_standard_comp_id 
_struct_conn.ptnr1_symmetry 
_struct_conn.ptnr2_label_asym_id 
_struct_conn.ptnr2_label_comp_id 
_struct_conn.ptnr2_label_seq_id 
_struct_conn.ptnr2_label_atom_id 
_struct_conn.pdbx_ptnr2_label_alt_id 
_struct_conn.pdbx_ptnr2_PDB_ins_code 
_struct_conn.ptnr1_auth_asym_id 
_struct_conn.ptnr1_auth_comp_id 
_struct_conn.ptnr1_auth_seq_id 
_struct_conn.ptnr2_auth_asym_id 
_struct_conn.ptnr2_auth_comp_id 
_struct_conn.ptnr2_auth_seq_id 
_struct_conn.ptnr2_symmetry 
_struct_conn.pdbx_ptnr3_label_atom_id 
_struct_conn.pdbx_ptnr3_label_seq_id 
_struct_conn.pdbx_ptnr3_label_comp_id 
_struct_conn.pdbx_ptnr3_label_asym_id 
_struct_conn.pdbx_ptnr3_label_alt_id 
_struct_conn.pdbx_ptnr3_PDB_ins_code 
_struct_conn.details 
_struct_conn.pdbx_dist_value 
_struct_conn.pdbx_value_order 
_struct_conn.pdbx_role 
hydrog1  hydrog ? ? A DG 3  N2 ? ? ? 1_555 D DC 7 N3 ? ? A DG 3  D DC 16 1_555 ? ? ? ? ? ? 'DG-DC PAIR'    ? ? ? 
hydrog2  hydrog ? ? A DC 4  N3 ? ? ? 1_555 D DG 6 N1 ? ? A DC 4  D DG 15 1_555 ? ? ? ? ? ? WATSON-CRICK    ? ? ? 
hydrog3  hydrog ? ? A DC 4  N4 ? ? ? 1_555 D DG 6 O6 ? ? A DC 4  D DG 15 1_555 ? ? ? ? ? ? WATSON-CRICK    ? ? ? 
hydrog4  hydrog ? ? A DC 4  O2 ? ? ? 1_555 D DG 6 N2 ? ? A DC 4  D DG 15 1_555 ? ? ? ? ? ? WATSON-CRICK    ? ? ? 
hydrog5  hydrog ? ? A DA 5  N1 ? ? ? 1_555 D DT 5 N3 ? ? A DA 5  D DT 14 1_555 ? ? ? ? ? ? WATSON-CRICK    ? ? ? 
hydrog6  hydrog ? ? A DA 5  N6 ? ? ? 1_555 D DT 5 O4 ? ? A DA 5  D DT 14 1_555 ? ? ? ? ? ? WATSON-CRICK    ? ? ? 
hydrog7  hydrog ? ? A DG 6  N1 ? ? ? 1_555 D DC 4 N3 ? ? A DG 6  D DC 13 1_555 ? ? ? ? ? ? WATSON-CRICK    ? ? ? 
hydrog8  hydrog ? ? A DG 6  N2 ? ? ? 1_555 D DC 4 O2 ? ? A DG 6  D DC 13 1_555 ? ? ? ? ? ? WATSON-CRICK    ? ? ? 
hydrog9  hydrog ? ? A DG 6  O6 ? ? ? 1_555 D DC 4 N4 ? ? A DG 6  D DC 13 1_555 ? ? ? ? ? ? WATSON-CRICK    ? ? ? 
hydrog10 hydrog ? ? A DA 7  N1 ? ? ? 1_555 D DT 3 N3 ? ? A DA 7  D DT 12 1_555 ? ? ? ? ? ? WATSON-CRICK    ? ? ? 
hydrog11 hydrog ? ? A DA 7  N6 ? ? ? 1_555 D DT 3 O4 ? ? A DA 7  D DT 12 1_555 ? ? ? ? ? ? WATSON-CRICK    ? ? ? 
hydrog12 hydrog ? ? A DC 8  N3 ? ? ? 1_555 D DG 2 N1 ? ? A DC 8  D DG 11 1_555 ? ? ? ? ? ? WATSON-CRICK    ? ? ? 
hydrog13 hydrog ? ? A DC 8  N4 ? ? ? 1_555 D DG 2 O6 ? ? A DC 8  D DG 11 1_555 ? ? ? ? ? ? WATSON-CRICK    ? ? ? 
hydrog14 hydrog ? ? A DC 8  O2 ? ? ? 1_555 D DG 2 N2 ? ? A DC 8  D DG 11 1_555 ? ? ? ? ? ? WATSON-CRICK    ? ? ? 
hydrog15 hydrog ? ? A DT 9  N3 ? ? ? 1_555 D DA 1 N1 ? ? A DT 9  D DA 10 1_555 ? ? ? ? ? ? WATSON-CRICK    ? ? ? 
hydrog16 hydrog ? ? A DT 9  O4 ? ? ? 1_555 D DA 1 N6 ? ? A DT 9  D DA 10 1_555 ? ? ? ? ? ? WATSON-CRICK    ? ? ? 
hydrog17 hydrog ? ? A DT 10 O4 ? ? ? 1_555 B DC 5 N4 ? ? A DT 10 B DC 4  1_555 ? ? ? ? ? ? 'DT-DC MISPAIR' ? ? ? 
hydrog18 hydrog ? ? A DT 10 N3 ? ? ? 1_555 B DA 6 N1 ? ? A DT 10 B DA 5  1_555 ? ? ? ? ? ? 'DT-DA PAIR'    ? ? ? 
hydrog19 hydrog ? ? A DG 11 N1 ? ? ? 1_555 B DC 5 N3 ? ? A DG 11 B DC 4  1_555 ? ? ? ? ? ? WATSON-CRICK    ? ? ? 
hydrog20 hydrog ? ? A DG 11 N2 ? ? ? 1_555 B DC 5 O2 ? ? A DG 11 B DC 4  1_555 ? ? ? ? ? ? WATSON-CRICK    ? ? ? 
hydrog21 hydrog ? ? A DG 11 O6 ? ? ? 1_555 B DC 5 N4 ? ? A DG 11 B DC 4  1_555 ? ? ? ? ? ? WATSON-CRICK    ? ? ? 
hydrog22 hydrog ? ? A DA 12 N1 ? ? ? 1_555 B DT 4 N3 ? ? A DA 12 B DT 3  1_555 ? ? ? ? ? ? WATSON-CRICK    ? ? ? 
hydrog23 hydrog ? ? A DA 12 N6 ? ? ? 1_555 B DT 4 O4 ? ? A DA 12 B DT 3  1_555 ? ? ? ? ? ? WATSON-CRICK    ? ? ? 
hydrog24 hydrog ? ? A DC 13 N3 ? ? ? 1_555 B DG 3 N1 ? ? A DC 13 B DG 2  1_555 ? ? ? ? ? ? WATSON-CRICK    ? ? ? 
hydrog25 hydrog ? ? A DC 13 N4 ? ? ? 1_555 B DG 3 O6 ? ? A DC 13 B DG 2  1_555 ? ? ? ? ? ? WATSON-CRICK    ? ? ? 
hydrog26 hydrog ? ? A DC 13 O2 ? ? ? 1_555 B DG 3 N2 ? ? A DC 13 B DG 2  1_555 ? ? ? ? ? ? WATSON-CRICK    ? ? ? 
hydrog27 hydrog ? ? A DG 14 N1 ? ? ? 1_555 B DC 2 N3 ? ? A DG 14 B DC 1  1_555 ? ? ? ? ? ? WATSON-CRICK    ? ? ? 
hydrog28 hydrog ? ? A DG 14 N2 ? ? ? 1_555 B DC 2 O2 ? ? A DG 14 B DC 1  1_555 ? ? ? ? ? ? WATSON-CRICK    ? ? ? 
hydrog29 hydrog ? ? A DG 14 O6 ? ? ? 1_555 B DC 2 N4 ? ? A DG 14 B DC 1  1_555 ? ? ? ? ? ? WATSON-CRICK    ? ? ? 
hydrog30 hydrog ? ? A DA 15 N1 ? ? ? 1_555 B DT 1 N3 ? ? A DA 15 B DT 0  1_555 ? ? ? ? ? ? WATSON-CRICK    ? ? ? 
hydrog31 hydrog ? ? A DA 15 N6 ? ? ? 1_555 B DT 1 O4 ? ? A DA 15 B DT 0  1_555 ? ? ? ? ? ? WATSON-CRICK    ? ? ? 
hydrog32 hydrog ? ? A DC 16 N3 ? ? ? 1_555 C DG 8 N1 ? ? A DC 16 C DG 8  1_555 ? ? ? ? ? ? WATSON-CRICK    ? ? ? 
hydrog33 hydrog ? ? A DC 16 N4 ? ? ? 1_555 C DG 8 O6 ? ? A DC 16 C DG 8  1_555 ? ? ? ? ? ? WATSON-CRICK    ? ? ? 
hydrog34 hydrog ? ? A DC 16 O2 ? ? ? 1_555 C DG 8 N2 ? ? A DC 16 C DG 8  1_555 ? ? ? ? ? ? WATSON-CRICK    ? ? ? 
hydrog35 hydrog ? ? A DA 17 N1 ? ? ? 1_555 C DT 7 N3 ? ? A DA 17 C DT 7  1_555 ? ? ? ? ? ? WATSON-CRICK    ? ? ? 
hydrog36 hydrog ? ? A DA 17 N6 ? ? ? 1_555 C DT 7 O4 ? ? A DA 17 C DT 7  1_555 ? ? ? ? ? ? WATSON-CRICK    ? ? ? 
hydrog37 hydrog ? ? A DC 18 N3 ? ? ? 1_555 C DG 6 N1 ? ? A DC 18 C DG 6  1_555 ? ? ? ? ? ? WATSON-CRICK    ? ? ? 
hydrog38 hydrog ? ? A DC 18 N4 ? ? ? 1_555 C DG 6 O6 ? ? A DC 18 C DG 6  1_555 ? ? ? ? ? ? WATSON-CRICK    ? ? ? 
hydrog39 hydrog ? ? A DC 18 O2 ? ? ? 1_555 C DG 6 N2 ? ? A DC 18 C DG 6  1_555 ? ? ? ? ? ? WATSON-CRICK    ? ? ? 
hydrog40 hydrog ? ? A DT 19 N3 ? ? ? 1_555 C DA 5 N1 ? ? A DT 19 C DA 5  1_555 ? ? ? ? ? ? WATSON-CRICK    ? ? ? 
hydrog41 hydrog ? ? A DT 19 O4 ? ? ? 1_555 C DA 5 N6 ? ? A DT 19 C DA 5  1_555 ? ? ? ? ? ? WATSON-CRICK    ? ? ? 
hydrog42 hydrog ? ? A DC 20 N3 ? ? ? 1_555 C DG 4 N1 ? ? A DC 20 C DG 4  1_555 ? ? ? ? ? ? WATSON-CRICK    ? ? ? 
hydrog43 hydrog ? ? A DC 20 N4 ? ? ? 1_555 C DG 4 O6 ? ? A DC 20 C DG 4  1_555 ? ? ? ? ? ? WATSON-CRICK    ? ? ? 
hydrog44 hydrog ? ? A DC 20 O2 ? ? ? 1_555 C DG 4 N2 ? ? A DC 20 C DG 4  1_555 ? ? ? ? ? ? WATSON-CRICK    ? ? ? 
hydrog45 hydrog ? ? A DA 21 N1 ? ? ? 1_555 C DT 3 N3 ? ? A DA 21 C DT 3  1_555 ? ? ? ? ? ? WATSON-CRICK    ? ? ? 
hydrog46 hydrog ? ? A DA 21 N6 ? ? ? 1_555 C DT 3 O4 ? ? A DA 21 C DT 3  1_555 ? ? ? ? ? ? WATSON-CRICK    ? ? ? 
# 
_struct_conn_type.id          hydrog 
_struct_conn_type.criteria    ? 
_struct_conn_type.reference   ? 
# 
_atom_sites.entry_id                    7JOK 
_atom_sites.Cartn_transf_matrix[1][1]   ? 
_atom_sites.Cartn_transf_matrix[1][2]   ? 
_atom_sites.Cartn_transf_matrix[1][3]   ? 
_atom_sites.Cartn_transf_matrix[2][1]   ? 
_atom_sites.Cartn_transf_matrix[2][2]   ? 
_atom_sites.Cartn_transf_matrix[2][3]   ? 
_atom_sites.Cartn_transf_matrix[3][1]   ? 
_atom_sites.Cartn_transf_matrix[3][2]   ? 
_atom_sites.Cartn_transf_matrix[3][3]   ? 
_atom_sites.Cartn_transf_vector[1]      ? 
_atom_sites.Cartn_transf_vector[2]      ? 
_atom_sites.Cartn_transf_vector[3]      ? 
_atom_sites.fract_transf_matrix[1][1]   -0.00033370 
_atom_sites.fract_transf_matrix[1][2]   -0.00642589 
_atom_sites.fract_transf_matrix[1][3]   0.01566844 
_atom_sites.fract_transf_matrix[2][1]   -0.01481517 
_atom_sites.fract_transf_matrix[2][2]   -0.00376859 
_atom_sites.fract_transf_matrix[2][3]   0.00729412 
_atom_sites.fract_transf_matrix[3][1]   0.00088969 
_atom_sites.fract_transf_matrix[3][2]   -0.01678280 
_atom_sites.fract_transf_matrix[3][3]   -0.00686396 
_atom_sites.fract_transf_vector[1]      0.233688 
_atom_sites.fract_transf_vector[2]      -0.285820 
_atom_sites.fract_transf_vector[3]      -0.450383 
_atom_sites.solution_primary            ? 
_atom_sites.solution_secondary          ? 
_atom_sites.solution_hydrogens          ? 
_atom_sites.special_details             ? 
# 
loop_
_atom_type.symbol 
AS 
C  
H  
N  
O  
P  
# 
loop_
_atom_site.group_PDB 
_atom_site.id 
_atom_site.type_symbol 
_atom_site.label_atom_id 
_atom_site.label_alt_id 
_atom_site.label_comp_id 
_atom_site.label_asym_id 
_atom_site.label_entity_id 
_atom_site.label_seq_id 
_atom_site.pdbx_PDB_ins_code 
_atom_site.Cartn_x 
_atom_site.Cartn_y 
_atom_site.Cartn_z 
_atom_site.occupancy 
_atom_site.B_iso_or_equiv 
_atom_site.pdbx_formal_charge 
_atom_site.auth_seq_id 
_atom_site.auth_comp_id 
_atom_site.auth_asym_id 
_atom_site.auth_atom_id 
_atom_site.pdbx_PDB_model_num 
ATOM   1    C  "C4'"  . DG  A 1 1  ? 24.358  7.181   -25.851 1.00 110.22 ? 1   DG  A "C4'"  1 
ATOM   2    O  "O4'"  . DG  A 1 1  ? 23.573  7.242   -27.052 1.00 96.63  ? 1   DG  A "O4'"  1 
ATOM   3    C  "C3'"  . DG  A 1 1  ? 23.548  7.977   -24.842 1.00 115.99 ? 1   DG  A "C3'"  1 
ATOM   4    O  "O3'"  . DG  A 1 1  ? 24.393  8.538   -23.841 1.00 111.33 ? 1   DG  A "O3'"  1 
ATOM   5    C  "C2'"  . DG  A 1 1  ? 22.863  9.050   -25.695 1.00 104.36 ? 1   DG  A "C2'"  1 
ATOM   6    C  "C1'"  . DG  A 1 1  ? 22.940  8.501   -27.120 1.00 88.33  ? 1   DG  A "C1'"  1 
ATOM   7    N  N9     . DG  A 1 1  ? 21.648  8.328   -27.775 1.00 89.11  ? 1   DG  A N9     1 
ATOM   8    C  C8     . DG  A 1 1  ? 21.166  7.172   -28.336 1.00 95.09  ? 1   DG  A C8     1 
ATOM   9    N  N7     . DG  A 1 1  ? 19.991  7.307   -28.879 1.00 91.47  ? 1   DG  A N7     1 
ATOM   10   C  C5     . DG  A 1 1  ? 19.672  8.641   -28.671 1.00 85.21  ? 1   DG  A C5     1 
ATOM   11   C  C6     . DG  A 1 1  ? 18.515  9.364   -29.041 1.00 83.43  ? 1   DG  A C6     1 
ATOM   12   O  O6     . DG  A 1 1  ? 17.515  8.954   -29.647 1.00 85.20  ? 1   DG  A O6     1 
ATOM   13   N  N1     . DG  A 1 1  ? 18.589  10.696  -28.641 1.00 81.36  ? 1   DG  A N1     1 
ATOM   14   C  C2     . DG  A 1 1  ? 19.650  11.255  -27.965 1.00 91.67  ? 1   DG  A C2     1 
ATOM   15   N  N2     . DG  A 1 1  ? 19.540  12.556  -27.659 1.00 100.06 ? 1   DG  A N2     1 
ATOM   16   N  N3     . DG  A 1 1  ? 20.742  10.586  -27.610 1.00 85.62  ? 1   DG  A N3     1 
ATOM   17   C  C4     . DG  A 1 1  ? 20.683  9.288   -27.996 1.00 86.96  ? 1   DG  A C4     1 
ATOM   18   H  "H3'"  . DG  A 1 1  ? 22.881  7.406   -24.431 1.00 139.36 ? 1   DG  A "H3'"  1 
ATOM   19   H  "H2'"  . DG  A 1 1  ? 21.937  9.161   -25.424 1.00 125.40 ? 1   DG  A "H2'"  1 
ATOM   20   H  "H2''" . DG  A 1 1  ? 23.340  9.892   -25.629 1.00 125.40 ? 1   DG  A "H2''" 1 
ATOM   21   H  "H1'"  . DG  A 1 1  ? 23.486  9.098   -27.657 1.00 106.16 ? 1   DG  A "H1'"  1 
ATOM   22   H  H8     . DG  A 1 1  ? 21.634  6.368   -28.326 1.00 114.27 ? 1   DG  A H8     1 
ATOM   23   H  H1     . DG  A 1 1  ? 17.924  11.207  -28.831 1.00 97.80  ? 1   DG  A H1     1 
ATOM   24   H  H21    . DG  A 1 1  ? 20.175  12.954  -27.235 1.00 120.23 ? 1   DG  A H21    1 
ATOM   25   H  H22    . DG  A 1 1  ? 18.835  12.993  -27.885 1.00 120.23 ? 1   DG  A H22    1 
ATOM   26   P  P      . DA  A 1 2  ? 23.962  8.470   -22.295 1.00 115.14 ? 2   DA  A P      1 
ATOM   27   O  OP1    . DA  A 1 2  ? 25.171  8.743   -21.487 1.00 103.74 ? 2   DA  A OP1    1 
ATOM   28   O  OP2    . DA  A 1 2  ? 23.219  7.204   -22.096 1.00 126.97 ? 2   DA  A OP2    1 
ATOM   29   O  "O5'"  . DA  A 1 2  ? 22.938  9.692   -22.121 1.00 102.85 ? 2   DA  A "O5'"  1 
ATOM   30   C  "C5'"  . DA  A 1 2  ? 23.428  10.994  -21.789 1.00 92.05  ? 2   DA  A "C5'"  1 
ATOM   31   C  "C4'"  . DA  A 1 2  ? 22.433  12.076  -22.187 1.00 95.56  ? 2   DA  A "C4'"  1 
ATOM   32   O  "O4'"  . DA  A 1 2  ? 21.705  11.643  -23.367 1.00 84.89  ? 2   DA  A "O4'"  1 
ATOM   33   C  "C3'"  . DA  A 1 2  ? 21.377  12.419  -21.127 1.00 112.18 ? 2   DA  A "C3'"  1 
ATOM   34   O  "O3'"  . DA  A 1 2  ? 21.275  13.829  -20.954 1.00 120.30 ? 2   DA  A "O3'"  1 
ATOM   35   C  "C2'"  . DA  A 1 2  ? 20.088  11.813  -21.674 1.00 106.95 ? 2   DA  A "C2'"  1 
ATOM   36   C  "C1'"  . DA  A 1 2  ? 20.317  11.813  -23.175 1.00 93.00  ? 2   DA  A "C1'"  1 
ATOM   37   N  N9     . DA  A 1 2  ? 19.622  10.734  -23.863 1.00 99.52  ? 2   DA  A N9     1 
ATOM   38   C  C8     . DA  A 1 2  ? 19.932  9.407   -23.815 1.00 102.35 ? 2   DA  A C8     1 
ATOM   39   N  N7     . DA  A 1 2  ? 19.139  8.650   -24.532 1.00 101.33 ? 2   DA  A N7     1 
ATOM   40   C  C5     . DA  A 1 2  ? 18.238  9.543   -25.082 1.00 94.95  ? 2   DA  A C5     1 
ATOM   41   C  C6     . DA  A 1 2  ? 17.138  9.367   -25.938 1.00 98.22  ? 2   DA  A C6     1 
ATOM   42   N  N6     . DA  A 1 2  ? 16.759  8.172   -26.403 1.00 101.47 ? 2   DA  A N6     1 
ATOM   43   N  N1     . DA  A 1 2  ? 16.443  10.466  -26.302 1.00 98.71  ? 2   DA  A N1     1 
ATOM   44   C  C2     . DA  A 1 2  ? 16.832  11.657  -25.832 1.00 101.68 ? 2   DA  A C2     1 
ATOM   45   N  N3     . DA  A 1 2  ? 17.849  11.949  -25.021 1.00 100.97 ? 2   DA  A N3     1 
ATOM   46   C  C4     . DA  A 1 2  ? 18.518  10.835  -24.680 1.00 97.71  ? 2   DA  A C4     1 
ATOM   47   H  "H5'"  . DA  A 1 2  ? 24.265  11.146  -22.253 1.00 110.63 ? 2   DA  A "H5'"  1 
ATOM   48   H  "H5''" . DA  A 1 2  ? 23.581  11.040  -20.833 1.00 110.63 ? 2   DA  A "H5''" 1 
ATOM   49   H  "H4'"  . DA  A 1 2  ? 22.925  12.883  -22.405 1.00 114.84 ? 2   DA  A "H4'"  1 
ATOM   50   H  "H3'"  . DA  A 1 2  ? 21.608  11.998  -20.285 1.00 134.77 ? 2   DA  A "H3'"  1 
ATOM   51   H  "H2'"  . DA  A 1 2  ? 19.970  10.907  -21.346 1.00 128.51 ? 2   DA  A "H2'"  1 
ATOM   52   H  "H2''" . DA  A 1 2  ? 19.326  12.366  -21.444 1.00 128.51 ? 2   DA  A "H2''" 1 
ATOM   53   H  "H1'"  . DA  A 1 2  ? 20.041  12.666  -23.545 1.00 111.77 ? 2   DA  A "H1'"  1 
ATOM   54   H  H8     . DA  A 1 2  ? 20.650  9.071   -23.329 1.00 122.99 ? 2   DA  A H8     1 
ATOM   55   H  H61    . DA  A 1 2  ? 16.078  8.111   -26.926 1.00 121.92 ? 2   DA  A H61    1 
ATOM   56   H  H62    . DA  A 1 2  ? 17.193  7.465   -26.179 1.00 121.92 ? 2   DA  A H62    1 
ATOM   57   H  H2     . DA  A 1 2  ? 16.322  12.383  -26.111 1.00 122.18 ? 2   DA  A H2     1 
ATOM   58   P  P      . DG  A 1 3  ? 20.237  14.433  -19.886 1.00 114.14 ? 3   DG  A P      1 
ATOM   59   O  OP1    . DG  A 1 3  ? 20.860  15.617  -19.252 1.00 121.40 ? 3   DG  A OP1    1 
ATOM   60   O  OP2    . DG  A 1 3  ? 19.767  13.308  -19.048 1.00 120.14 ? 3   DG  A OP2    1 
ATOM   61   O  "O5'"  . DG  A 1 3  ? 19.002  14.910  -20.780 1.00 100.05 ? 3   DG  A "O5'"  1 
ATOM   62   C  "C5'"  . DG  A 1 3  ? 17.894  15.545  -20.165 1.00 106.03 ? 3   DG  A "C5'"  1 
ATOM   63   C  "C4'"  . DG  A 1 3  ? 16.616  15.263  -20.930 1.00 114.71 ? 3   DG  A "C4'"  1 
ATOM   64   O  "O4'"  . DG  A 1 3  ? 16.762  14.033  -21.660 1.00 103.46 ? 3   DG  A "O4'"  1 
ATOM   65   C  "C3'"  . DG  A 1 3  ? 15.377  15.089  -20.060 1.00 119.64 ? 3   DG  A "C3'"  1 
ATOM   66   O  "O3'"  . DG  A 1 3  ? 14.626  16.303  -20.037 1.00 120.85 ? 3   DG  A "O3'"  1 
ATOM   67   C  "C2'"  . DG  A 1 3  ? 14.604  13.926  -20.704 1.00 113.72 ? 3   DG  A "C2'"  1 
ATOM   68   C  "C1'"  . DG  A 1 3  ? 15.502  13.440  -21.843 1.00 101.89 ? 3   DG  A "C1'"  1 
ATOM   69   N  N9     . DG  A 1 3  ? 15.702  11.993  -21.882 1.00 97.51  ? 3   DG  A N9     1 
ATOM   70   C  C8     . DG  A 1 3  ? 16.715  11.288  -21.280 1.00 99.50  ? 3   DG  A C8     1 
ATOM   71   N  N7     . DG  A 1 3  ? 16.660  10.004  -21.500 1.00 102.78 ? 3   DG  A N7     1 
ATOM   72   C  C5     . DG  A 1 3  ? 15.542  9.847   -22.308 1.00 100.47 ? 3   DG  A C5     1 
ATOM   73   C  C6     . DG  A 1 3  ? 14.981  8.674   -22.869 1.00 100.15 ? 3   DG  A C6     1 
ATOM   74   O  O6     . DG  A 1 3  ? 15.377  7.504   -22.758 1.00 105.92 ? 3   DG  A O6     1 
ATOM   75   N  N1     . DG  A 1 3  ? 13.844  8.960   -23.628 1.00 89.58  ? 3   DG  A N1     1 
ATOM   76   C  C2     . DG  A 1 3  ? 13.323  10.221  -23.817 1.00 89.08  ? 3   DG  A C2     1 
ATOM   77   N  N2     . DG  A 1 3  ? 12.220  10.305  -24.574 1.00 79.18  ? 3   DG  A N2     1 
ATOM   78   N  N3     . DG  A 1 3  ? 13.841  11.325  -23.296 1.00 91.29  ? 3   DG  A N3     1 
ATOM   79   C  C4     . DG  A 1 3  ? 14.944  11.064  -22.557 1.00 97.32  ? 3   DG  A C4     1 
ATOM   80   H  "H5'"  . DG  A 1 3  ? 18.048  16.503  -20.144 1.00 127.40 ? 3   DG  A "H5'"  1 
ATOM   81   H  "H5''" . DG  A 1 3  ? 17.801  15.218  -19.257 1.00 127.40 ? 3   DG  A "H5''" 1 
ATOM   82   H  "H4'"  . DG  A 1 3  ? 16.460  15.985  -21.559 1.00 137.81 ? 3   DG  A "H4'"  1 
ATOM   83   H  "H3'"  . DG  A 1 3  ? 15.641  14.848  -19.157 1.00 143.73 ? 3   DG  A "H3'"  1 
ATOM   84   H  "H2'"  . DG  A 1 3  ? 14.463  13.215  -20.059 1.00 136.62 ? 3   DG  A "H2'"  1 
ATOM   85   H  "H2''" . DG  A 1 3  ? 13.755  14.238  -21.054 1.00 136.62 ? 3   DG  A "H2''" 1 
ATOM   86   H  "H1'"  . DG  A 1 3  ? 15.130  13.733  -22.690 1.00 122.43 ? 3   DG  A "H1'"  1 
ATOM   87   H  H8     . DG  A 1 3  ? 17.375  11.686  -20.760 1.00 119.57 ? 3   DG  A H8     1 
ATOM   88   H  H1     . DG  A 1 3  ? 13.441  8.301   -24.005 1.00 107.66 ? 3   DG  A H1     1 
ATOM   89   H  H21    . DG  A 1 3  ? 11.854  11.070  -24.719 1.00 95.18  ? 3   DG  A H21    1 
ATOM   90   H  H22    . DG  A 1 3  ? 11.878  9.594   -24.916 1.00 95.18  ? 3   DG  A H22    1 
ATOM   91   P  P      . DC  A 1 4  ? 13.652  16.649  -18.808 1.00 129.77 ? 4   DC  A P      1 
ATOM   92   O  OP1    . DC  A 1 4  ? 13.548  18.121  -18.706 1.00 124.13 ? 4   DC  A OP1    1 
ATOM   93   O  OP2    . DC  A 1 4  ? 14.066  15.844  -17.637 1.00 114.42 ? 4   DC  A OP2    1 
ATOM   94   O  "O5'"  . DC  A 1 4  ? 12.240  16.101  -19.293 1.00 115.42 ? 4   DC  A "O5'"  1 
ATOM   95   C  "C5'"  . DC  A 1 4  ? 11.789  16.376  -20.611 1.00 108.30 ? 4   DC  A "C5'"  1 
ATOM   96   C  "C4'"  . DC  A 1 4  ? 10.711  15.394  -21.012 1.00 105.13 ? 4   DC  A "C4'"  1 
ATOM   97   O  "O4'"  . DC  A 1 4  ? 11.320  14.149  -21.407 1.00 109.16 ? 4   DC  A "O4'"  1 
ATOM   98   C  "C3'"  . DC  A 1 4  ? 9.750   15.034  -19.889 1.00 122.34 ? 4   DC  A "C3'"  1 
ATOM   99   O  "O3'"  . DC  A 1 4  ? 8.561   15.795  -19.980 1.00 133.38 ? 4   DC  A "O3'"  1 
ATOM   100  C  "C2'"  . DC  A 1 4  ? 9.487   13.536  -20.062 1.00 111.76 ? 4   DC  A "C2'"  1 
ATOM   101  C  "C1'"  . DC  A 1 4  ? 10.400  13.104  -21.200 1.00 99.82  ? 4   DC  A "C1'"  1 
ATOM   102  N  N1     . DC  A 1 4  ? 11.156  11.853  -20.905 1.00 99.16  ? 4   DC  A N1     1 
ATOM   103  C  C2     . DC  A 1 4  ? 10.781  10.650  -21.515 1.00 93.70  ? 4   DC  A C2     1 
ATOM   104  O  O2     . DC  A 1 4  ? 9.825   10.644  -22.299 1.00 90.04  ? 4   DC  A O2     1 
ATOM   105  N  N3     . DC  A 1 4  ? 11.482  9.525   -21.230 1.00 87.14  ? 4   DC  A N3     1 
ATOM   106  C  C4     . DC  A 1 4  ? 12.508  9.575   -20.377 1.00 87.81  ? 4   DC  A C4     1 
ATOM   107  N  N4     . DC  A 1 4  ? 13.170  8.441   -20.128 1.00 86.20  ? 4   DC  A N4     1 
ATOM   108  C  C5     . DC  A 1 4  ? 12.901  10.789  -19.746 1.00 88.12  ? 4   DC  A C5     1 
ATOM   109  C  C6     . DC  A 1 4  ? 12.201  11.890  -20.031 1.00 91.52  ? 4   DC  A C6     1 
ATOM   110  H  "H5'"  . DC  A 1 4  ? 12.535  16.302  -21.227 1.00 130.12 ? 4   DC  A "H5'"  1 
ATOM   111  H  "H5''" . DC  A 1 4  ? 11.431  17.277  -20.647 1.00 130.12 ? 4   DC  A "H5''" 1 
ATOM   112  H  "H4'"  . DC  A 1 4  ? 10.210  15.756  -21.759 1.00 126.31 ? 4   DC  A "H4'"  1 
ATOM   113  H  "H3'"  . DC  A 1 4  ? 10.175  15.193  -19.032 1.00 146.98 ? 4   DC  A "H3'"  1 
ATOM   114  H  "H2'"  . DC  A 1 4  ? 9.713   13.058  -19.249 1.00 134.28 ? 4   DC  A "H2'"  1 
ATOM   115  H  "H2''" . DC  A 1 4  ? 8.559   13.382  -20.298 1.00 134.28 ? 4   DC  A "H2''" 1 
ATOM   116  H  "H1'"  . DC  A 1 4  ? 9.872   12.978  -22.004 1.00 119.94 ? 4   DC  A "H1'"  1 
ATOM   117  H  H41    . DC  A 1 4  ? 13.835  8.444   -19.582 1.00 103.61 ? 4   DC  A H41    1 
ATOM   118  H  H42    . DC  A 1 4  ? 12.932  7.709   -20.512 1.00 103.61 ? 4   DC  A H42    1 
ATOM   119  H  H5     . DC  A 1 4  ? 13.617  10.814  -19.154 1.00 105.91 ? 4   DC  A H5     1 
ATOM   120  H  H6     . DC  A 1 4  ? 12.437  12.697  -19.634 1.00 109.99 ? 4   DC  A H6     1 
ATOM   121  P  P      . DA  A 1 5  ? 7.628   15.978  -18.686 1.00 122.54 ? 5   DA  A P      1 
ATOM   122  O  OP1    . DA  A 1 5  ? 6.954   17.288  -18.810 1.00 119.06 ? 5   DA  A OP1    1 
ATOM   123  O  OP2    . DA  A 1 5  ? 8.450   15.673  -17.493 1.00 114.40 ? 5   DA  A OP2    1 
ATOM   124  O  "O5'"  . DA  A 1 5  ? 6.525   14.833  -18.846 1.00 109.82 ? 5   DA  A "O5'"  1 
ATOM   125  C  "C5'"  . DA  A 1 5  ? 5.643   14.857  -19.962 1.00 127.37 ? 5   DA  A "C5'"  1 
ATOM   126  C  "C4'"  . DA  A 1 5  ? 5.263   13.453  -20.375 1.00 121.71 ? 5   DA  A "C4'"  1 
ATOM   127  O  "O4'"  . DA  A 1 5  ? 6.436   12.617  -20.314 1.00 105.06 ? 5   DA  A "O4'"  1 
ATOM   128  C  "C3'"  . DA  A 1 5  ? 4.208   12.786  -19.490 1.00 115.70 ? 5   DA  A "C3'"  1 
ATOM   129  O  "O3'"  . DA  A 1 5  ? 2.997   12.604  -20.219 1.00 116.45 ? 5   DA  A "O3'"  1 
ATOM   130  C  "C2'"  . DA  A 1 5  ? 4.839   11.453  -19.059 1.00 105.07 ? 5   DA  A "C2'"  1 
ATOM   131  C  "C1'"  . DA  A 1 5  ? 6.066   11.317  -19.949 1.00 91.11  ? 5   DA  A "C1'"  1 
ATOM   132  N  N9     . DA  A 1 5  ? 7.209   10.685  -19.303 1.00 88.74  ? 5   DA  A N9     1 
ATOM   133  C  C8     . DA  A 1 5  ? 8.101   11.267  -18.445 1.00 90.67  ? 5   DA  A C8     1 
ATOM   134  N  N7     . DA  A 1 5  ? 9.046   10.457  -18.033 1.00 88.06  ? 5   DA  A N7     1 
ATOM   135  C  C5     . DA  A 1 5  ? 8.749   9.258   -18.659 1.00 89.27  ? 5   DA  A C5     1 
ATOM   136  C  C6     . DA  A 1 5  ? 9.368   7.991   -18.632 1.00 88.48  ? 5   DA  A C6     1 
ATOM   137  N  N6     . DA  A 1 5  ? 10.462  7.716   -17.915 1.00 85.64  ? 5   DA  A N6     1 
ATOM   138  N  N1     . DA  A 1 5  ? 8.811   7.010   -19.373 1.00 87.26  ? 5   DA  A N1     1 
ATOM   139  C  C2     . DA  A 1 5  ? 7.715   7.285   -20.090 1.00 85.14  ? 5   DA  A C2     1 
ATOM   140  N  N3     . DA  A 1 5  ? 7.046   8.432   -20.192 1.00 89.62  ? 5   DA  A N3     1 
ATOM   141  C  C4     . DA  A 1 5  ? 7.622   9.386   -19.448 1.00 88.63  ? 5   DA  A C4     1 
ATOM   142  H  "H5'"  . DA  A 1 5  ? 6.080   15.302  -20.704 1.00 153.01 ? 5   DA  A "H5'"  1 
ATOM   143  H  "H5''" . DA  A 1 5  ? 4.841   15.348  -19.724 1.00 153.01 ? 5   DA  A "H5''" 1 
ATOM   144  H  "H4'"  . DA  A 1 5  ? 4.938   13.472  -21.289 1.00 146.21 ? 5   DA  A "H4'"  1 
ATOM   145  H  "H3'"  . DA  A 1 5  ? 4.042   13.337  -18.709 1.00 139.00 ? 5   DA  A "H3'"  1 
ATOM   146  H  "H2'"  . DA  A 1 5  ? 5.100   11.487  -18.125 1.00 126.24 ? 5   DA  A "H2'"  1 
ATOM   147  H  "H2''" . DA  A 1 5  ? 4.223   10.720  -19.215 1.00 126.24 ? 5   DA  A "H2''" 1 
ATOM   148  H  "H1'"  . DA  A 1 5  ? 5.830   10.817  -20.746 1.00 109.49 ? 5   DA  A "H1'"  1 
ATOM   149  H  H8     . DA  A 1 5  ? 8.050   12.160  -18.191 1.00 108.96 ? 5   DA  A H8     1 
ATOM   150  H  H61    . DA  A 1 5  ? 10.799  6.926   -17.931 1.00 102.93 ? 5   DA  A H61    1 
ATOM   151  H  H62    . DA  A 1 5  ? 10.829  8.331   -17.437 1.00 102.93 ? 5   DA  A H62    1 
ATOM   152  H  H2     . DA  A 1 5  ? 7.370   6.576   -20.582 1.00 102.33 ? 5   DA  A H2     1 
ATOM   153  P  P      . DG  A 1 6  ? 1.615   12.312  -19.453 1.00 133.43 ? 6   DG  A P      1 
ATOM   154  O  OP1    . DG  A 1 6  ? 0.615   11.952  -20.481 1.00 118.94 ? 6   DG  A OP1    1 
ATOM   155  O  OP2    . DG  A 1 6  ? 1.352   13.448  -18.544 1.00 128.29 ? 6   DG  A OP2    1 
ATOM   156  O  "O5'"  . DG  A 1 6  ? 1.941   11.023  -18.563 1.00 117.22 ? 6   DG  A "O5'"  1 
ATOM   157  C  "C5'"  . DG  A 1 6  ? 1.006   9.956   -18.478 1.00 116.95 ? 6   DG  A "C5'"  1 
ATOM   158  C  "C4'"  . DG  A 1 6  ? 1.599   8.669   -19.027 1.00 115.65 ? 6   DG  A "C4'"  1 
ATOM   159  O  "O4'"  . DG  A 1 6  ? 3.033   8.699   -18.895 1.00 106.90 ? 6   DG  A "O4'"  1 
ATOM   160  C  "C3'"  . DG  A 1 6  ? 1.152   7.403   -18.307 1.00 126.50 ? 6   DG  A "C3'"  1 
ATOM   161  O  "O3'"  . DG  A 1 6  ? 0.107   6.766   -19.024 1.00 126.44 ? 6   DG  A "O3'"  1 
ATOM   162  C  "C2'"  . DG  A 1 6  ? 2.413   6.529   -18.221 1.00 114.99 ? 6   DG  A "C2'"  1 
ATOM   163  C  "C1'"  . DG  A 1 6  ? 3.520   7.379   -18.832 1.00 100.08 ? 6   DG  A "C1'"  1 
ATOM   164  N  N9     . DG  A 1 6  ? 4.760   7.385   -18.056 1.00 93.82  ? 6   DG  A N9     1 
ATOM   165  C  C8     . DG  A 1 6  ? 5.321   8.466   -17.421 1.00 93.38  ? 6   DG  A C8     1 
ATOM   166  N  N7     . DG  A 1 6  ? 6.438   8.188   -16.809 1.00 90.04  ? 6   DG  A N7     1 
ATOM   167  C  C5     . DG  A 1 6  ? 6.632   6.835   -17.048 1.00 85.97  ? 6   DG  A C5     1 
ATOM   168  C  C6     . DG  A 1 6  ? 7.678   5.981   -16.631 1.00 78.31  ? 6   DG  A C6     1 
ATOM   169  O  O6     . DG  A 1 6  ? 8.671   6.265   -15.946 1.00 75.63  ? 6   DG  A O6     1 
ATOM   170  N  N1     . DG  A 1 6  ? 7.497   4.678   -17.088 1.00 75.29  ? 6   DG  A N1     1 
ATOM   171  C  C2     . DG  A 1 6  ? 6.437   4.253   -17.851 1.00 87.80  ? 6   DG  A C2     1 
ATOM   172  N  N2     . DG  A 1 6  ? 6.438   2.955   -18.197 1.00 89.10  ? 6   DG  A N2     1 
ATOM   173  N  N3     . DG  A 1 6  ? 5.446   5.046   -18.254 1.00 90.72  ? 6   DG  A N3     1 
ATOM   174  C  C4     . DG  A 1 6  ? 5.608   6.321   -17.815 1.00 89.84  ? 6   DG  A C4     1 
ATOM   175  H  "H5'"  . DG  A 1 6  ? 0.214   10.185  -18.988 1.00 140.50 ? 6   DG  A "H5'"  1 
ATOM   176  H  "H5''" . DG  A 1 6  ? 0.759   9.821   -17.550 1.00 140.50 ? 6   DG  A "H5''" 1 
ATOM   177  H  "H4'"  . DG  A 1 6  ? 1.371   8.594   -19.967 1.00 138.94 ? 6   DG  A "H4'"  1 
ATOM   178  H  "H3'"  . DG  A 1 6  ? 0.847   7.626   -17.413 1.00 151.97 ? 6   DG  A "H3'"  1 
ATOM   179  H  "H2'"  . DG  A 1 6  ? 2.618   6.322   -17.296 1.00 138.15 ? 6   DG  A "H2'"  1 
ATOM   180  H  "H2''" . DG  A 1 6  ? 2.293   5.714   -18.733 1.00 138.15 ? 6   DG  A "H2''" 1 
ATOM   181  H  "H1'"  . DG  A 1 6  ? 3.707   7.064   -19.731 1.00 120.26 ? 6   DG  A "H1'"  1 
ATOM   182  H  H8     . DG  A 1 6  ? 4.944   9.316   -17.432 1.00 112.22 ? 6   DG  A H8     1 
ATOM   183  H  H1     . DG  A 1 6  ? 8.093   4.095   -16.876 1.00 90.51  ? 6   DG  A H1     1 
ATOM   184  H  H21    . DG  A 1 6  ? 5.799   2.637   -18.677 1.00 107.08 ? 6   DG  A H21    1 
ATOM   185  H  H22    . DG  A 1 6  ? 7.078   2.441   -17.938 1.00 107.08 ? 6   DG  A H22    1 
ATOM   186  P  P      . DA  A 1 7  ? -1.078  6.030   -18.231 1.00 135.06 ? 7   DA  A P      1 
ATOM   187  O  OP1    . DA  A 1 7  ? -2.143  5.705   -19.207 1.00 122.03 ? 7   DA  A OP1    1 
ATOM   188  O  OP2    . DA  A 1 7  ? -1.402  6.863   -17.052 1.00 145.94 ? 7   DA  A OP2    1 
ATOM   189  O  "O5'"  . DA  A 1 7  ? -0.400  4.675   -17.711 1.00 129.76 ? 7   DA  A "O5'"  1 
ATOM   190  C  "C5'"  . DA  A 1 7  ? 0.150   3.749   -18.649 1.00 123.33 ? 7   DA  A "C5'"  1 
ATOM   191  C  "C4'"  . DA  A 1 7  ? 0.880   2.616   -17.943 1.00 117.69 ? 7   DA  A "C4'"  1 
ATOM   192  O  "O4'"  . DA  A 1 7  ? 2.198   3.070   -17.523 1.00 110.67 ? 7   DA  A "O4'"  1 
ATOM   193  C  "C3'"  . DA  A 1 7  ? 0.191   2.082   -16.678 1.00 120.57 ? 7   DA  A "C3'"  1 
ATOM   194  O  "O3'"  . DA  A 1 7  ? 0.100   0.658   -16.712 1.00 128.33 ? 7   DA  A "O3'"  1 
ATOM   195  C  "C2'"  . DA  A 1 7  ? 1.083   2.574   -15.543 1.00 120.22 ? 7   DA  A "C2'"  1 
ATOM   196  C  "C1'"  . DA  A 1 7  ? 2.442   2.628   -16.206 1.00 106.32 ? 7   DA  A "C1'"  1 
ATOM   197  N  N9     . DA  A 1 7  ? 3.377   3.538   -15.564 1.00 98.51  ? 7   DA  A N9     1 
ATOM   198  C  C8     . DA  A 1 7  ? 3.182   4.863   -15.304 1.00 98.08  ? 7   DA  A C8     1 
ATOM   199  N  N7     . DA  A 1 7  ? 4.200   5.442   -14.716 1.00 90.87  ? 7   DA  A N7     1 
ATOM   200  C  C5     . DA  A 1 7  ? 5.125   4.421   -14.574 1.00 86.48  ? 7   DA  A C5     1 
ATOM   201  C  C6     . DA  A 1 7  ? 6.418   4.384   -14.019 1.00 86.90  ? 7   DA  A C6     1 
ATOM   202  N  N6     . DA  A 1 7  ? 7.022   5.451   -13.487 1.00 81.44  ? 7   DA  A N6     1 
ATOM   203  N  N1     . DA  A 1 7  ? 7.071   3.204   -14.037 1.00 86.31  ? 7   DA  A N1     1 
ATOM   204  C  C2     . DA  A 1 7  ? 6.463   2.138   -14.576 1.00 92.29  ? 7   DA  A C2     1 
ATOM   205  N  N3     . DA  A 1 7  ? 5.253   2.052   -15.125 1.00 87.39  ? 7   DA  A N3     1 
ATOM   206  C  C4     . DA  A 1 7  ? 4.632   3.241   -15.094 1.00 88.73  ? 7   DA  A C4     1 
ATOM   207  H  "H5'"  . DA  A 1 7  ? 0.774   4.217   -19.227 1.00 148.16 ? 7   DA  A "H5'"  1 
ATOM   208  H  "H5''" . DA  A 1 7  ? -0.566  3.380   -19.187 1.00 148.16 ? 7   DA  A "H5''" 1 
ATOM   209  H  "H4'"  . DA  A 1 7  ? 0.991   1.882   -18.568 1.00 141.39 ? 7   DA  A "H4'"  1 
ATOM   210  H  "H3'"  . DA  A 1 7  ? -0.694  2.470   -16.595 1.00 144.85 ? 7   DA  A "H3'"  1 
ATOM   211  H  "H2'"  . DA  A 1 7  ? 0.809   3.456   -15.246 1.00 144.42 ? 7   DA  A "H2'"  1 
ATOM   212  H  "H2''" . DA  A 1 7  ? 1.084   1.943   -14.807 1.00 144.42 ? 7   DA  A "H2''" 1 
ATOM   213  H  "H1'"  . DA  A 1 7  ? 2.825   1.737   -16.231 1.00 127.75 ? 7   DA  A "H1'"  1 
ATOM   214  H  H8     . DA  A 1 7  ? 2.404   5.316   -15.534 1.00 117.86 ? 7   DA  A H8     1 
ATOM   215  H  H61    . DA  A 1 7  ? 7.816   5.378   -13.164 1.00 97.90  ? 7   DA  A H61    1 
ATOM   216  H  H62    . DA  A 1 7  ? 6.617   6.209   -13.467 1.00 97.90  ? 7   DA  A H62    1 
ATOM   217  H  H2     . DA  A 1 7  ? 6.954   1.349   -14.562 1.00 110.91 ? 7   DA  A H2     1 
ATOM   218  P  P      . DC  A 1 8  ? -0.539  -0.142  -15.472 1.00 146.90 ? 8   DC  A P      1 
ATOM   219  O  OP1    . DC  A 1 8  ? -1.217  -1.342  -16.008 1.00 144.88 ? 8   DC  A OP1    1 
ATOM   220  O  OP2    . DC  A 1 8  ? -1.290  0.836   -14.655 1.00 142.02 ? 8   DC  A OP2    1 
ATOM   221  O  "O5'"  . DC  A 1 8  ? 0.731   -0.629  -14.631 1.00 111.26 ? 8   DC  A "O5'"  1 
ATOM   222  C  "C5'"  . DC  A 1 8  ? 1.715   -1.444  -15.254 1.00 118.72 ? 8   DC  A "C5'"  1 
ATOM   223  C  "C4'"  . DC  A 1 8  ? 2.839   -1.776  -14.295 1.00 116.17 ? 8   DC  A "C4'"  1 
ATOM   224  O  "O4'"  . DC  A 1 8  ? 3.615   -0.577  -14.013 1.00 108.41 ? 8   DC  A "O4'"  1 
ATOM   225  C  "C3'"  . DC  A 1 8  ? 2.387   -2.316  -12.934 1.00 101.55 ? 8   DC  A "C3'"  1 
ATOM   226  O  "O3'"  . DC  A 1 8  ? 3.106   -3.496  -12.614 1.00 101.51 ? 8   DC  A "O3'"  1 
ATOM   227  C  "C2'"  . DC  A 1 8  ? 2.692   -1.165  -11.979 1.00 90.87  ? 8   DC  A "C2'"  1 
ATOM   228  C  "C1'"  . DC  A 1 8  ? 3.904   -0.546  -12.636 1.00 95.20  ? 8   DC  A "C1'"  1 
ATOM   229  N  N1     . DC  A 1 8  ? 4.171   0.850   -12.219 1.00 91.72  ? 8   DC  A N1     1 
ATOM   230  C  C2     . DC  A 1 8  ? 5.383   1.169   -11.594 1.00 87.12  ? 8   DC  A C2     1 
ATOM   231  O  O2     . DC  A 1 8  ? 6.220   0.276   -11.405 1.00 80.56  ? 8   DC  A O2     1 
ATOM   232  N  N3     . DC  A 1 8  ? 5.609   2.449   -11.216 1.00 80.04  ? 8   DC  A N3     1 
ATOM   233  C  C4     . DC  A 1 8  ? 4.681   3.382   -11.436 1.00 84.19  ? 8   DC  A C4     1 
ATOM   234  N  N4     . DC  A 1 8  ? 4.948   4.630   -11.048 1.00 81.67  ? 8   DC  A N4     1 
ATOM   235  C  C5     . DC  A 1 8  ? 3.440   3.075   -12.068 1.00 84.59  ? 8   DC  A C5     1 
ATOM   236  C  C6     . DC  A 1 8  ? 3.230   1.811   -12.439 1.00 88.36  ? 8   DC  A C6     1 
ATOM   237  H  "H5'"  . DC  A 1 8  ? 2.079   -0.973  -16.020 1.00 142.62 ? 8   DC  A "H5'"  1 
ATOM   238  H  "H5''" . DC  A 1 8  ? 1.300   -2.267  -15.556 1.00 142.62 ? 8   DC  A "H5''" 1 
ATOM   239  H  "H4'"  . DC  A 1 8  ? 3.419   -2.432  -14.712 1.00 139.56 ? 8   DC  A "H4'"  1 
ATOM   240  H  "H3'"  . DC  A 1 8  ? 1.434   -2.496  -12.946 1.00 122.03 ? 8   DC  A "H3'"  1 
ATOM   241  H  "H2'"  . DC  A 1 8  ? 1.956   -0.535  -11.947 1.00 109.21 ? 8   DC  A "H2'"  1 
ATOM   242  H  "H2''" . DC  A 1 8  ? 2.910   -1.497  -11.094 1.00 109.21 ? 8   DC  A "H2''" 1 
ATOM   243  H  "H1'"  . DC  A 1 8  ? 4.684   -1.093  -12.457 1.00 114.41 ? 8   DC  A "H1'"  1 
ATOM   244  H  H41    . DC  A 1 8  ? 4.370   5.253   -11.176 1.00 98.16  ? 8   DC  A H41    1 
ATOM   245  H  H42    . DC  A 1 8  ? 5.699   4.812   -10.669 1.00 98.16  ? 8   DC  A H42    1 
ATOM   246  H  H5     . DC  A 1 8  ? 2.800   3.733   -12.219 1.00 101.67 ? 8   DC  A H5     1 
ATOM   247  H  H6     . DC  A 1 8  ? 2.429   1.581   -12.851 1.00 106.19 ? 8   DC  A H6     1 
ATOM   248  P  P      . DT  A 1 9  ? 2.972   -4.156  -11.159 1.00 124.44 ? 9   DT  A P      1 
ATOM   249  O  OP1    . DT  A 1 9  ? 3.486   -5.541  -11.250 1.00 118.42 ? 9   DT  A OP1    1 
ATOM   250  O  OP2    . DT  A 1 9  ? 1.604   -3.884  -10.668 1.00 114.78 ? 9   DT  A OP2    1 
ATOM   251  O  "O5'"  . DT  A 1 9  ? 3.977   -3.299  -10.265 1.00 96.56  ? 9   DT  A "O5'"  1 
ATOM   252  C  "C5'"  . DT  A 1 9  ? 4.317   -3.745  -8.974  1.00 92.73  ? 9   DT  A "C5'"  1 
ATOM   253  C  "C4'"  . DT  A 1 9  ? 5.815   -3.883  -8.840  1.00 97.58  ? 9   DT  A "C4'"  1 
ATOM   254  O  "O4'"  . DT  A 1 9  ? 6.437   -2.589  -9.049  1.00 93.82  ? 9   DT  A "O4'"  1 
ATOM   255  C  "C3'"  . DT  A 1 9  ? 6.296   -4.335  -7.477  1.00 103.38 ? 9   DT  A "C3'"  1 
ATOM   256  O  "O3'"  . DT  A 1 9  ? 7.535   -5.013  -7.592  1.00 113.83 ? 9   DT  A "O3'"  1 
ATOM   257  C  "C2'"  . DT  A 1 9  ? 6.415   -3.022  -6.721  1.00 95.76  ? 9   DT  A "C2'"  1 
ATOM   258  C  "C1'"  . DT  A 1 9  ? 6.868   -2.051  -7.807  1.00 90.60  ? 9   DT  A "C1'"  1 
ATOM   259  N  N1     . DT  A 1 9  ? 6.294   -0.695  -7.654  1.00 79.44  ? 9   DT  A N1     1 
ATOM   260  C  C2     . DT  A 1 9  ? 6.957   0.233   -6.887  1.00 78.63  ? 9   DT  A C2     1 
ATOM   261  O  O2     . DT  A 1 9  ? 8.011   0.002   -6.323  1.00 76.60  ? 9   DT  A O2     1 
ATOM   262  N  N3     . DT  A 1 9  ? 6.338   1.451   -6.802  1.00 66.91  ? 9   DT  A N3     1 
ATOM   263  C  C4     . DT  A 1 9  ? 5.144   1.821   -7.397  1.00 66.65  ? 9   DT  A C4     1 
ATOM   264  O  O4     . DT  A 1 9  ? 4.664   2.944   -7.264  1.00 59.17  ? 9   DT  A O4     1 
ATOM   265  C  C5     . DT  A 1 9  ? 4.501   0.793   -8.185  1.00 70.56  ? 9   DT  A C5     1 
ATOM   266  C  C7     . DT  A 1 9  ? 3.200   1.067   -8.878  1.00 63.89  ? 9   DT  A C7     1 
ATOM   267  C  C6     . DT  A 1 9  ? 5.100   -0.400  -8.273  1.00 69.28  ? 9   DT  A C6     1 
ATOM   268  H  "H5'"  . DT  A 1 9  ? 3.901   -4.607  -8.814  1.00 111.44 ? 9   DT  A "H5'"  1 
ATOM   269  H  "H5''" . DT  A 1 9  ? 3.994   -3.108  -8.319  1.00 111.44 ? 9   DT  A "H5''" 1 
ATOM   270  H  "H4'"  . DT  A 1 9  ? 6.139   -4.503  -9.513  1.00 117.25 ? 9   DT  A "H4'"  1 
ATOM   271  H  "H3'"  . DT  A 1 9  ? 5.633   -4.907  -7.059  1.00 124.22 ? 9   DT  A "H3'"  1 
ATOM   272  H  "H2'"  . DT  A 1 9  ? 5.555   -2.755  -6.358  1.00 115.08 ? 9   DT  A "H2'"  1 
ATOM   273  H  "H2''" . DT  A 1 9  ? 7.081   -3.087  -6.019  1.00 115.08 ? 9   DT  A "H2''" 1 
ATOM   274  H  "H1'"  . DT  A 1 9  ? 7.835   -1.992  -7.801  1.00 108.88 ? 9   DT  A "H1'"  1 
ATOM   275  H  H3     . DT  A 1 9  ? 6.734   2.050   -6.330  1.00 80.46  ? 9   DT  A H3     1 
ATOM   276  H  H71    . DT  A 1 9  ? 3.310   0.941   -9.834  1.00 76.83  ? 9   DT  A H71    1 
ATOM   277  H  H72    . DT  A 1 9  ? 2.523   0.456   -8.548  1.00 76.83  ? 9   DT  A H72    1 
ATOM   278  H  H73    . DT  A 1 9  ? 2.925   1.980   -8.702  1.00 76.83  ? 9   DT  A H73    1 
ATOM   279  H  H6     . DT  A 1 9  ? 4.688   -1.064  -8.777  1.00 83.30  ? 9   DT  A H6     1 
ATOM   280  P  P      . DT  A 1 10 ? 8.060   -5.951  -6.402  1.00 123.75 ? 10  DT  A P      1 
ATOM   281  O  OP1    . DT  A 1 10 ? 9.328   -6.561  -6.859  1.00 134.55 ? 10  DT  A OP1    1 
ATOM   282  O  OP2    . DT  A 1 10 ? 6.940   -6.804  -5.949  1.00 127.76 ? 10  DT  A OP2    1 
ATOM   283  O  "O5'"  . DT  A 1 10 ? 8.404   -4.921  -5.238  1.00 116.54 ? 10  DT  A "O5'"  1 
ATOM   284  C  "C5'"  . DT  A 1 10 ? 9.488   -4.026  -5.397  1.00 117.66 ? 10  DT  A "C5'"  1 
ATOM   285  C  "C4'"  . DT  A 1 10 ? 9.758   -3.258  -4.120  1.00 112.27 ? 10  DT  A "C4'"  1 
ATOM   286  O  "O4'"  . DT  A 1 10 ? 9.092   -1.981  -4.183  1.00 107.97 ? 10  DT  A "O4'"  1 
ATOM   287  C  "C3'"  . DT  A 1 10 ? 9.263   -3.932  -2.835  1.00 110.43 ? 10  DT  A "C3'"  1 
ATOM   288  O  "O3'"  . DT  A 1 10 ? 10.366  -4.288  -2.011  1.00 120.16 ? 10  DT  A "O3'"  1 
ATOM   289  C  "C2'"  . DT  A 1 10 ? 8.352   -2.887  -2.175  1.00 97.67  ? 10  DT  A "C2'"  1 
ATOM   290  C  "C1'"  . DT  A 1 10 ? 8.730   -1.599  -2.886  1.00 92.31  ? 10  DT  A "C1'"  1 
ATOM   291  N  N1     . DT  A 1 10 ? 7.644   -0.584  -2.993  1.00 85.68  ? 10  DT  A N1     1 
ATOM   292  C  C2     . DT  A 1 10 ? 7.798   0.626   -2.360  1.00 80.99  ? 10  DT  A C2     1 
ATOM   293  O  O2     . DT  A 1 10 ? 8.766   0.902   -1.674  1.00 76.49  ? 10  DT  A O2     1 
ATOM   294  N  N3     . DT  A 1 10 ? 6.767   1.505   -2.544  1.00 78.98  ? 10  DT  A N3     1 
ATOM   295  C  C4     . DT  A 1 10 ? 5.625   1.308   -3.294  1.00 80.88  ? 10  DT  A C4     1 
ATOM   296  O  O4     . DT  A 1 10 ? 4.751   2.164   -3.398  1.00 72.95  ? 10  DT  A O4     1 
ATOM   297  C  C5     . DT  A 1 10 ? 5.530   0.026   -3.946  1.00 83.34  ? 10  DT  A C5     1 
ATOM   298  C  C7     . DT  A 1 10 ? 4.328   -0.299  -4.782  1.00 77.28  ? 10  DT  A C7     1 
ATOM   299  C  C6     . DT  A 1 10 ? 6.535   -0.850  -3.775  1.00 81.75  ? 10  DT  A C6     1 
ATOM   300  H  "H5'"  . DT  A 1 10 ? 9.281   -3.399  -6.107  1.00 141.35 ? 10  DT  A "H5'"  1 
ATOM   301  H  "H5''" . DT  A 1 10 ? 10.282  -4.529  -5.640  1.00 141.35 ? 10  DT  A "H5''" 1 
ATOM   302  H  "H4'"  . DT  A 1 10 ? 10.714  -3.107  -4.045  1.00 134.89 ? 10  DT  A "H4'"  1 
ATOM   303  H  "H3'"  . DT  A 1 10 ? 8.748   -4.723  -3.056  1.00 132.68 ? 10  DT  A "H3'"  1 
ATOM   304  H  "H2'"  . DT  A 1 10 ? 7.419   -3.101  -2.328  1.00 117.36 ? 10  DT  A "H2'"  1 
ATOM   305  H  "H2''" . DT  A 1 10 ? 8.540   -2.821  -1.226  1.00 117.36 ? 10  DT  A "H2''" 1 
ATOM   306  H  "H1'"  . DT  A 1 10 ? 9.496   -1.203  -2.443  1.00 110.94 ? 10  DT  A "H1'"  1 
ATOM   307  H  H3     . DT  A 1 10 ? 6.838   2.265   -2.147  1.00 94.94  ? 10  DT  A H3     1 
ATOM   308  H  H71    . DT  A 1 10 ? 4.608   -0.484  -5.691  1.00 92.90  ? 10  DT  A H71    1 
ATOM   309  H  H72    . DT  A 1 10 ? 3.881   -1.077  -4.415  1.00 92.90  ? 10  DT  A H72    1 
ATOM   310  H  H73    . DT  A 1 10 ? 3.719   0.456   -4.777  1.00 92.90  ? 10  DT  A H73    1 
ATOM   311  H  H6     . DT  A 1 10 ? 6.478   -1.677  -4.195  1.00 98.26  ? 10  DT  A H6     1 
ATOM   312  P  P      . DG  A 1 11 ? 10.140  -5.175  -0.693  1.00 125.17 ? 11  DG  A P      1 
ATOM   313  O  OP1    . DG  A 1 11 ? 11.354  -5.998  -0.486  1.00 115.31 ? 11  DG  A OP1    1 
ATOM   314  O  OP2    . DG  A 1 11 ? 8.821   -5.831  -0.828  1.00 105.19 ? 11  DG  A OP2    1 
ATOM   315  O  "O5'"  . DG  A 1 11 ? 10.031  -4.090  0.477   1.00 111.62 ? 11  DG  A "O5'"  1 
ATOM   316  C  "C5'"  . DG  A 1 11 ? 10.951  -3.001  0.528   1.00 107.67 ? 11  DG  A "C5'"  1 
ATOM   317  C  "C4'"  . DG  A 1 11 ? 10.641  -2.081  1.695   1.00 103.39 ? 11  DG  A "C4'"  1 
ATOM   318  O  "O4'"  . DG  A 1 11 ? 9.700   -1.055  1.266   1.00 96.40  ? 11  DG  A "O4'"  1 
ATOM   319  C  "C3'"  . DG  A 1 11 ? 9.992   -2.767  2.892   1.00 104.53 ? 11  DG  A "C3'"  1 
ATOM   320  O  "O3'"  . DG  A 1 11 ? 10.448  -2.211  4.112   1.00 94.98  ? 11  DG  A "O3'"  1 
ATOM   321  C  "C2'"  . DG  A 1 11 ? 8.513   -2.515  2.666   1.00 90.14  ? 11  DG  A "C2'"  1 
ATOM   322  C  "C1'"  . DG  A 1 11 ? 8.518   -1.131  2.038   1.00 78.23  ? 11  DG  A "C1'"  1 
ATOM   323  N  N9     . DG  A 1 11 ? 7.365   -0.876  1.180   1.00 77.31  ? 11  DG  A N9     1 
ATOM   324  C  C8     . DG  A 1 11 ? 6.769   -1.754  0.309   1.00 87.33  ? 11  DG  A C8     1 
ATOM   325  N  N7     . DG  A 1 11 ? 5.744   -1.252  -0.318  1.00 80.01  ? 11  DG  A N7     1 
ATOM   326  C  C5     . DG  A 1 11 ? 5.645   0.040   0.177   1.00 76.23  ? 11  DG  A C5     1 
ATOM   327  C  C6     . DG  A 1 11 ? 4.721   1.061   -0.130  1.00 78.32  ? 11  DG  A C6     1 
ATOM   328  O  O6     . DG  A 1 11 ? 3.775   1.027   -0.927  1.00 92.67  ? 11  DG  A O6     1 
ATOM   329  N  N1     . DG  A 1 11 ? 4.976   2.221   0.597   1.00 69.67  ? 11  DG  A N1     1 
ATOM   330  C  C2     . DG  A 1 11 ? 5.994   2.370   1.504   1.00 66.99  ? 11  DG  A C2     1 
ATOM   331  N  N2     . DG  A 1 11 ? 6.081   3.563   2.106   1.00 62.44  ? 11  DG  A N2     1 
ATOM   332  N  N3     . DG  A 1 11 ? 6.868   1.421   1.802   1.00 68.41  ? 11  DG  A N3     1 
ATOM   333  C  C4     . DG  A 1 11 ? 6.635   0.286   1.102   1.00 75.65  ? 11  DG  A C4     1 
ATOM   334  H  "H5'"  . DG  A 1 11 ? 10.895  -2.496  -0.298  1.00 129.36 ? 11  DG  A "H5'"  1 
ATOM   335  H  "H5''" . DG  A 1 11 ? 11.851  -3.348  0.628   1.00 129.36 ? 11  DG  A "H5''" 1 
ATOM   336  H  "H4'"  . DG  A 1 11 ? 11.462  -1.653  1.986   1.00 124.23 ? 11  DG  A "H4'"  1 
ATOM   337  H  "H3'"  . DG  A 1 11 ? 10.174  -3.720  2.870   1.00 125.60 ? 11  DG  A "H3'"  1 
ATOM   338  H  "H2'"  . DG  A 1 11 ? 8.140   -3.170  2.056   1.00 108.32 ? 11  DG  A "H2'"  1 
ATOM   339  H  "H2''" . DG  A 1 11 ? 8.031   -2.509  3.508   1.00 108.32 ? 11  DG  A "H2''" 1 
ATOM   340  H  "H1'"  . DG  A 1 11 ? 8.551   -0.462  2.738   1.00 94.04  ? 11  DG  A "H1'"  1 
ATOM   341  H  H8     . DG  A 1 11 ? 7.076   -2.620  0.171   1.00 104.95 ? 11  DG  A H8     1 
ATOM   342  H  H1     . DG  A 1 11 ? 4.456   2.894   0.469   1.00 83.76  ? 11  DG  A H1     1 
ATOM   343  H  H21    . DG  A 1 11 ? 6.702   3.711   2.682   1.00 75.09  ? 11  DG  A H21    1 
ATOM   344  H  H22    . DG  A 1 11 ? 5.514   4.182   1.917   1.00 75.09  ? 11  DG  A H22    1 
ATOM   345  P  P      . DA  A 1 12 ? 10.082  -2.938  5.494   1.00 113.74 ? 12  DA  A P      1 
ATOM   346  O  OP1    . DA  A 1 12 ? 11.340  -3.129  6.246   1.00 105.71 ? 12  DA  A OP1    1 
ATOM   347  O  OP2    . DA  A 1 12 ? 9.234   -4.104  5.166   1.00 124.51 ? 12  DA  A OP2    1 
ATOM   348  O  "O5'"  . DA  A 1 12 ? 9.172   -1.875  6.264   1.00 107.72 ? 12  DA  A "O5'"  1 
ATOM   349  C  "C5'"  . DA  A 1 12 ? 9.725   -1.127  7.333   1.00 111.25 ? 12  DA  A "C5'"  1 
ATOM   350  C  "C4'"  . DA  A 1 12 ? 9.166   0.283   7.357   1.00 98.87  ? 12  DA  A "C4'"  1 
ATOM   351  O  "O4'"  . DA  A 1 12 ? 8.535   0.566   6.083   1.00 88.59  ? 12  DA  A "O4'"  1 
ATOM   352  C  "C3'"  . DA  A 1 12 ? 8.117   0.529   8.440   1.00 91.39  ? 12  DA  A "C3'"  1 
ATOM   353  O  "O3'"  . DA  A 1 12 ? 8.479   1.636   9.243   1.00 93.88  ? 12  DA  A "O3'"  1 
ATOM   354  C  "C2'"  . DA  A 1 12 ? 6.814   0.769   7.684   1.00 82.69  ? 12  DA  A "C2'"  1 
ATOM   355  C  "C1'"  . DA  A 1 12 ? 7.259   1.130   6.273   1.00 77.11  ? 12  DA  A "C1'"  1 
ATOM   356  N  N9     . DA  A 1 12 ? 6.370   0.605   5.249   1.00 68.91  ? 12  DA  A N9     1 
ATOM   357  C  C8     . DA  A 1 12 ? 6.459   -0.609  4.632   1.00 77.63  ? 12  DA  A C8     1 
ATOM   358  N  N7     . DA  A 1 12 ? 5.510   -0.829  3.756   1.00 69.57  ? 12  DA  A N7     1 
ATOM   359  C  C5     . DA  A 1 12 ? 4.740   0.318   3.808   1.00 64.55  ? 12  DA  A C5     1 
ATOM   360  C  C6     . DA  A 1 12 ? 3.581   0.711   3.116   1.00 72.77  ? 12  DA  A C6     1 
ATOM   361  N  N6     . DA  A 1 12 ? 2.980   -0.056  2.203   1.00 75.38  ? 12  DA  A N6     1 
ATOM   362  N  N1     . DA  A 1 12 ? 3.062   1.923   3.404   1.00 71.42  ? 12  DA  A N1     1 
ATOM   363  C  C2     . DA  A 1 12 ? 3.671   2.684   4.323   1.00 70.15  ? 12  DA  A C2     1 
ATOM   364  N  N3     . DA  A 1 12 ? 4.765   2.422   5.037   1.00 56.70  ? 12  DA  A N3     1 
ATOM   365  C  C4     . DA  A 1 12 ? 5.256   1.213   4.726   1.00 57.20  ? 12  DA  A C4     1 
ATOM   366  H  "H5'"  . DA  A 1 12 ? 10.688  -1.086  7.227   1.00 133.66 ? 12  DA  A "H5'"  1 
ATOM   367  H  "H5''" . DA  A 1 12 ? 9.515   -1.567  8.171   1.00 133.66 ? 12  DA  A "H5''" 1 
ATOM   368  H  "H4'"  . DA  A 1 12 ? 9.899   0.904   7.488   1.00 118.80 ? 12  DA  A "H4'"  1 
ATOM   369  H  "H3'"  . DA  A 1 12 ? 8.029   -0.262  8.994   1.00 109.83 ? 12  DA  A "H3'"  1 
ATOM   370  H  "H2'"  . DA  A 1 12 ? 6.275   -0.037  7.672   1.00 99.40  ? 12  DA  A "H2'"  1 
ATOM   371  H  "H2''" . DA  A 1 12 ? 6.322   1.504   8.082   1.00 99.40  ? 12  DA  A "H2''" 1 
ATOM   372  H  "H1'"  . DA  A 1 12 ? 7.316   2.094   6.190   1.00 92.69  ? 12  DA  A "H1'"  1 
ATOM   373  H  H8     . DA  A 1 12 ? 7.135   -1.221  4.813   1.00 93.32  ? 12  DA  A H8     1 
ATOM   374  H  H61    . DA  A 1 12 ? 2.271   0.225   1.805   1.00 90.61  ? 12  DA  A H61    1 
ATOM   375  H  H62    . DA  A 1 12 ? 3.303   -0.830  2.013   1.00 90.61  ? 12  DA  A H62    1 
ATOM   376  H  H2     . DA  A 1 12 ? 3.275   3.509   4.486   1.00 84.35  ? 12  DA  A H2     1 
ATOM   377  P  P      . DC  A 1 13 ? 7.936   1.737   10.750  1.00 129.59 ? 13  DC  A P      1 
ATOM   378  O  OP1    . DC  A 1 13 ? 8.800   2.700   11.468  1.00 133.64 ? 13  DC  A OP1    1 
ATOM   379  O  OP2    . DC  A 1 13 ? 7.781   0.360   11.269  1.00 127.98 ? 13  DC  A OP2    1 
ATOM   380  O  "O5'"  . DC  A 1 13 ? 6.472   2.360   10.588  1.00 104.00 ? 13  DC  A "O5'"  1 
ATOM   381  C  "C5'"  . DC  A 1 13 ? 6.323   3.762   10.453  1.00 107.75 ? 13  DC  A "C5'"  1 
ATOM   382  C  "C4'"  . DC  A 1 13 ? 4.914   4.131   10.022  1.00 96.87  ? 13  DC  A "C4'"  1 
ATOM   383  O  "O4'"  . DC  A 1 13 ? 4.572   3.425   8.814   1.00 85.25  ? 13  DC  A "O4'"  1 
ATOM   384  C  "C3'"  . DC  A 1 13 ? 3.805   3.763   11.007  1.00 103.71 ? 13  DC  A "C3'"  1 
ATOM   385  O  "O3'"  . DC  A 1 13 ? 3.488   4.865   11.852  1.00 106.88 ? 13  DC  A "O3'"  1 
ATOM   386  C  "C2'"  . DC  A 1 13 ? 2.621   3.368   10.108  1.00 92.04  ? 13  DC  A "C2'"  1 
ATOM   387  C  "C1'"  . DC  A 1 13 ? 3.174   3.471   8.688   1.00 76.35  ? 13  DC  A "C1'"  1 
ATOM   388  N  N1     . DC  A 1 13 ? 2.725   2.378   7.778   1.00 67.24  ? 13  DC  A N1     1 
ATOM   389  C  C2     . DC  A 1 13 ? 1.545   2.539   7.044   1.00 71.72  ? 13  DC  A C2     1 
ATOM   390  O  O2     . DC  A 1 13 ? 0.894   3.584   7.171   1.00 70.15  ? 13  DC  A O2     1 
ATOM   391  N  N3     . DC  A 1 13 ? 1.145   1.545   6.216   1.00 69.30  ? 13  DC  A N3     1 
ATOM   392  C  C4     . DC  A 1 13 ? 1.873   0.433   6.107   1.00 69.21  ? 13  DC  A C4     1 
ATOM   393  N  N4     . DC  A 1 13 ? 1.435   -0.518  5.277   1.00 63.51  ? 13  DC  A N4     1 
ATOM   394  C  C5     . DC  A 1 13 ? 3.080   0.249   6.848   1.00 62.95  ? 13  DC  A C5     1 
ATOM   395  C  C6     . DC  A 1 13 ? 3.465   1.239   7.660   1.00 68.07  ? 13  DC  A C6     1 
ATOM   396  H  "H5'"  . DC  A 1 13 ? 6.952   4.084   9.791   1.00 129.46 ? 13  DC  A "H5'"  1 
ATOM   397  H  "H5''" . DC  A 1 13 ? 6.514   4.184   11.306  1.00 129.46 ? 13  DC  A "H5''" 1 
ATOM   398  H  "H4'"  . DC  A 1 13 ? 4.879   5.084   9.850   1.00 116.41 ? 13  DC  A "H4'"  1 
ATOM   399  H  "H3'"  . DC  A 1 13 ? 4.079   3.002   11.543  1.00 124.61 ? 13  DC  A "H3'"  1 
ATOM   400  H  "H2'"  . DC  A 1 13 ? 2.339   2.460   10.298  1.00 110.61 ? 13  DC  A "H2'"  1 
ATOM   401  H  "H2''" . DC  A 1 13 ? 1.883   3.986   10.229  1.00 110.61 ? 13  DC  A "H2''" 1 
ATOM   402  H  "H1'"  . DC  A 1 13 ? 2.918   4.325   8.309   1.00 91.78  ? 13  DC  A "H1'"  1 
ATOM   403  H  H41    . DC  A 1 13 ? 1.884   -1.246  5.182   1.00 76.37  ? 13  DC  A H41    1 
ATOM   404  H  H42    . DC  A 1 13 ? 0.706   -0.403  4.837   1.00 76.37  ? 13  DC  A H42    1 
ATOM   405  H  H5     . DC  A 1 13 ? 3.582   -0.530  6.764   1.00 75.70  ? 13  DC  A H5     1 
ATOM   406  H  H6     . DC  A 1 13 ? 4.248   1.148   8.154   1.00 81.85  ? 13  DC  A H6     1 
ATOM   407  P  P      . DG  A 1 14 ? 2.315   4.730   12.943  1.00 123.86 ? 14  DG  A P      1 
ATOM   408  O  OP1    . DG  A 1 14 ? 2.550   5.741   13.997  1.00 118.51 ? 14  DG  A OP1    1 
ATOM   409  O  OP2    . DG  A 1 14 ? 2.229   3.298   13.303  1.00 122.96 ? 14  DG  A OP2    1 
ATOM   410  O  "O5'"  . DG  A 1 14 ? 0.983   5.106   12.135  1.00 97.01  ? 14  DG  A "O5'"  1 
ATOM   411  C  "C5'"  . DG  A 1 14 ? 0.856   6.388   11.528  1.00 105.10 ? 14  DG  A "C5'"  1 
ATOM   412  C  "C4'"  . DG  A 1 14 ? -0.467  6.523   10.787  1.00 108.13 ? 14  DG  A "C4'"  1 
ATOM   413  O  "O4'"  . DG  A 1 14 ? -0.513  5.559   9.692   1.00 106.39 ? 14  DG  A "O4'"  1 
ATOM   414  C  "C3'"  . DG  A 1 14 ? -1.714  6.261   11.636  1.00 103.44 ? 14  DG  A "C3'"  1 
ATOM   415  O  "O3'"  . DG  A 1 14 ? -2.748  7.204   11.350  1.00 114.49 ? 14  DG  A "O3'"  1 
ATOM   416  C  "C2'"  . DG  A 1 14 ? -2.112  4.850   11.248  1.00 95.79  ? 14  DG  A "C2'"  1 
ATOM   417  C  "C1'"  . DG  A 1 14 ? -1.685  4.776   9.791   1.00 90.18  ? 14  DG  A "C1'"  1 
ATOM   418  N  N9     . DG  A 1 14 ? -1.398  3.419   9.348   1.00 79.07  ? 14  DG  A N9     1 
ATOM   419  C  C8     . DG  A 1 14 ? -0.415  2.591   9.826   1.00 79.20  ? 14  DG  A C8     1 
ATOM   420  N  N7     . DG  A 1 14 ? -0.400  1.420   9.258   1.00 73.71  ? 14  DG  A N7     1 
ATOM   421  C  C5     . DG  A 1 14 ? -1.447  1.468   8.353   1.00 71.20  ? 14  DG  A C5     1 
ATOM   422  C  C6     . DG  A 1 14 ? -1.914  0.485   7.455   1.00 72.39  ? 14  DG  A C6     1 
ATOM   423  O  O6     . DG  A 1 14 ? -1.476  -0.661  7.277   1.00 68.92  ? 14  DG  A O6     1 
ATOM   424  N  N1     . DG  A 1 14 ? -3.001  0.937   6.713   1.00 69.68  ? 14  DG  A N1     1 
ATOM   425  C  C2     . DG  A 1 14 ? -3.563  2.187   6.827   1.00 74.03  ? 14  DG  A C2     1 
ATOM   426  N  N2     . DG  A 1 14 ? -4.609  2.440   6.029   1.00 72.61  ? 14  DG  A N2     1 
ATOM   427  N  N3     . DG  A 1 14 ? -3.136  3.121   7.668   1.00 80.46  ? 14  DG  A N3     1 
ATOM   428  C  C4     . DG  A 1 14 ? -2.074  2.693   8.394   1.00 75.71  ? 14  DG  A C4     1 
ATOM   429  H  "H5'"  . DG  A 1 14 ? 1.585   6.516   10.902  1.00 126.28 ? 14  DG  A "H5'"  1 
ATOM   430  H  "H5''" . DG  A 1 14 ? 0.905   7.069   12.216  1.00 126.28 ? 14  DG  A "H5''" 1 
ATOM   431  H  "H4'"  . DG  A 1 14 ? -0.526  7.418   10.416  1.00 129.91 ? 14  DG  A "H4'"  1 
ATOM   432  H  "H3'"  . DG  A 1 14 ? -1.485  6.294   12.578  1.00 124.29 ? 14  DG  A "H3'"  1 
ATOM   433  H  "H2'"  . DG  A 1 14 ? -1.630  4.198   11.781  1.00 115.10 ? 14  DG  A "H2'"  1 
ATOM   434  H  "H2''" . DG  A 1 14 ? -3.071  4.727   11.333  1.00 115.10 ? 14  DG  A "H2''" 1 
ATOM   435  H  "H1'"  . DG  A 1 14 ? -2.378  5.160   9.231   1.00 108.37 ? 14  DG  A "H1'"  1 
ATOM   436  H  H8     . DG  A 1 14 ? 0.191   2.847   10.483  1.00 95.20  ? 14  DG  A H8     1 
ATOM   437  H  H1     . DG  A 1 14 ? -3.346  0.396   6.140   1.00 83.78  ? 14  DG  A H1     1 
ATOM   438  H  H21    . DG  A 1 14 ? -5.000  3.205   6.063   1.00 87.29  ? 14  DG  A H21    1 
ATOM   439  H  H22    . DG  A 1 14 ? -4.888  1.837   5.482   1.00 87.29  ? 14  DG  A H22    1 
ATOM   440  P  P      . DA  A 1 15 ? -4.116  7.172   12.196  1.00 122.33 ? 15  DA  A P      1 
ATOM   441  O  OP1    . DA  A 1 15 ? -4.607  8.561   12.306  1.00 115.07 ? 15  DA  A OP1    1 
ATOM   442  O  OP2    . DA  A 1 15 ? -3.865  6.380   13.418  1.00 111.42 ? 15  DA  A OP2    1 
ATOM   443  O  "O5'"  . DA  A 1 15 ? -5.135  6.339   11.282  1.00 104.80 ? 15  DA  A "O5'"  1 
ATOM   444  C  "C5'"  . DA  A 1 15 ? -5.749  6.959   10.159  1.00 99.47  ? 15  DA  A "C5'"  1 
ATOM   445  C  "C4'"  . DA  A 1 15 ? -6.702  6.005   9.461   1.00 109.42 ? 15  DA  A "C4'"  1 
ATOM   446  O  "O4'"  . DA  A 1 15 ? -5.955  4.870   8.963   1.00 103.76 ? 15  DA  A "O4'"  1 
ATOM   447  C  "C3'"  . DA  A 1 15 ? -7.816  5.451   10.349  1.00 95.99  ? 15  DA  A "C3'"  1 
ATOM   448  O  "O3'"  . DA  A 1 15 ? -9.081  5.884   9.879   1.00 105.56 ? 15  DA  A "O3'"  1 
ATOM   449  C  "C2'"  . DA  A 1 15 ? -7.670  3.927   10.282  1.00 92.60  ? 15  DA  A "C2'"  1 
ATOM   450  C  "C1'"  . DA  A 1 15 ? -6.677  3.678   9.158   1.00 94.86  ? 15  DA  A "C1'"  1 
ATOM   451  N  N9     . DA  A 1 15 ? -5.723  2.626   9.471   1.00 83.47  ? 15  DA  A N9     1 
ATOM   452  C  C8     . DA  A 1 15 ? -4.645  2.731   10.295  1.00 86.83  ? 15  DA  A C8     1 
ATOM   453  N  N7     . DA  A 1 15 ? -3.952  1.626   10.407  1.00 86.90  ? 15  DA  A N7     1 
ATOM   454  C  C5     . DA  A 1 15 ? -4.627  0.730   9.602   1.00 77.62  ? 15  DA  A C5     1 
ATOM   455  C  C6     . DA  A 1 15 ? -4.396  -0.622  9.293   1.00 68.65  ? 15  DA  A C6     1 
ATOM   456  N  N6     . DA  A 1 15 ? -3.371  -1.322  9.789   1.00 72.76  ? 15  DA  A N6     1 
ATOM   457  N  N1     . DA  A 1 15 ? -5.260  -1.228  8.457   1.00 69.31  ? 15  DA  A N1     1 
ATOM   458  C  C2     . DA  A 1 15 ? -6.285  -0.519  7.965   1.00 77.06  ? 15  DA  A C2     1 
ATOM   459  N  N3     . DA  A 1 15 ? -6.605  0.757   8.182   1.00 77.84  ? 15  DA  A N3     1 
ATOM   460  C  C4     . DA  A 1 15 ? -5.725  1.329   9.016   1.00 79.37  ? 15  DA  A C4     1 
ATOM   461  H  "H5'"  . DA  A 1 15 ? -5.061  7.237   9.534   1.00 119.53 ? 15  DA  A "H5'"  1 
ATOM   462  H  "H5''" . DA  A 1 15 ? -6.243  7.740   10.457  1.00 119.53 ? 15  DA  A "H5''" 1 
ATOM   463  H  "H4'"  . DA  A 1 15 ? -7.106  6.465   8.708   1.00 131.47 ? 15  DA  A "H4'"  1 
ATOM   464  H  "H3'"  . DA  A 1 15 ? -7.685  5.752   11.261  1.00 115.35 ? 15  DA  A "H3'"  1 
ATOM   465  H  "H2'"  . DA  A 1 15 ? -7.322  3.585   11.121  1.00 111.28 ? 15  DA  A "H2'"  1 
ATOM   466  H  "H2''" . DA  A 1 15 ? -8.523  3.515   10.076  1.00 111.28 ? 15  DA  A "H2''" 1 
ATOM   467  H  "H1'"  . DA  A 1 15 ? -7.156  3.451   8.346   1.00 114.00 ? 15  DA  A "H1'"  1 
ATOM   468  H  H8     . DA  A 1 15 ? -4.416  3.519   10.733  1.00 104.36 ? 15  DA  A H8     1 
ATOM   469  H  H61    . DA  A 1 15 ? -3.269  -2.148  9.573   1.00 87.47  ? 15  DA  A H61    1 
ATOM   470  H  H62    . DA  A 1 15 ? -2.813  -0.946  10.325  1.00 87.47  ? 15  DA  A H62    1 
ATOM   471  H  H2     . DA  A 1 15 ? -6.854  -0.982  7.392   1.00 92.64  ? 15  DA  A H2     1 
ATOM   472  P  P      . DC  A 1 16 ? -10.417 5.490   10.675  1.00 128.64 ? 16  DC  A P      1 
ATOM   473  O  OP1    . DC  A 1 16 ? -11.005 6.744   11.193  1.00 144.45 ? 16  DC  A OP1    1 
ATOM   474  O  OP2    . DC  A 1 16 ? -10.107 4.384   11.607  1.00 120.25 ? 16  DC  A OP2    1 
ATOM   475  O  "O5'"  . DC  A 1 16 ? -11.376 4.907   9.537   1.00 111.65 ? 16  DC  A "O5'"  1 
ATOM   476  C  "C5'"  . DC  A 1 16 ? -10.834 4.136   8.467   1.00 102.84 ? 16  DC  A "C5'"  1 
ATOM   477  C  "C4'"  . DC  A 1 16 ? -11.264 2.676   8.552   1.00 100.58 ? 16  DC  A "C4'"  1 
ATOM   478  O  "O4'"  . DC  A 1 16 ? -10.104 1.830   8.748   1.00 103.50 ? 16  DC  A "O4'"  1 
ATOM   479  C  "C3'"  . DC  A 1 16 ? -12.234 2.323   9.697   1.00 95.29  ? 16  DC  A "C3'"  1 
ATOM   480  O  "O3'"  . DC  A 1 16 ? -13.489 1.923   9.156   1.00 100.05 ? 16  DC  A "O3'"  1 
ATOM   481  C  "C2'"  . DC  A 1 16 ? -11.529 1.187   10.455  1.00 93.92  ? 16  DC  A "C2'"  1 
ATOM   482  C  "C1'"  . DC  A 1 16 ? -10.519 0.684   9.446   1.00 94.84  ? 16  DC  A "C1'"  1 
ATOM   483  N  N1     . DC  A 1 16 ? -9.326  0.013   10.048  1.00 84.13  ? 16  DC  A N1     1 
ATOM   484  C  C2     . DC  A 1 16 ? -9.099  -1.349  9.801   1.00 77.75  ? 16  DC  A C2     1 
ATOM   485  O  O2     . DC  A 1 16 ? -9.899  -1.974  9.098   1.00 85.33  ? 16  DC  A O2     1 
ATOM   486  N  N3     . DC  A 1 16 ? -8.009  -1.943  10.345  1.00 70.50  ? 16  DC  A N3     1 
ATOM   487  C  C4     . DC  A 1 16 ? -7.171  -1.231  11.102  1.00 81.44  ? 16  DC  A C4     1 
ATOM   488  N  N4     . DC  A 1 16 ? -6.104  -1.856  11.614  1.00 84.79  ? 16  DC  A N4     1 
ATOM   489  C  C5     . DC  A 1 16 ? -7.387  0.156   11.364  1.00 90.23  ? 16  DC  A C5     1 
ATOM   490  C  C6     . DC  A 1 16 ? -8.464  0.731   10.819  1.00 85.85  ? 16  DC  A C6     1 
ATOM   491  H  "H5'"  . DC  A 1 16 ? -9.866  4.182   8.503   1.00 123.57 ? 16  DC  A "H5'"  1 
ATOM   492  H  "H5''" . DC  A 1 16 ? -11.138 4.507   7.624   1.00 123.57 ? 16  DC  A "H5''" 1 
ATOM   493  H  "H4'"  . DC  A 1 16 ? -11.682 2.433   7.711   1.00 120.86 ? 16  DC  A "H4'"  1 
ATOM   494  H  "H3'"  . DC  A 1 16 ? -12.351 3.088   10.279  1.00 114.52 ? 16  DC  A "H3'"  1 
ATOM   495  H  "H2'"  . DC  A 1 16 ? -11.084 1.528   11.246  1.00 112.86 ? 16  DC  A "H2'"  1 
ATOM   496  H  "H2''" . DC  A 1 16 ? -12.160 0.488   10.688  1.00 112.86 ? 16  DC  A "H2''" 1 
ATOM   497  H  "H1'"  . DC  A 1 16 ? -10.956 0.073   8.832   1.00 113.97 ? 16  DC  A "H1'"  1 
ATOM   498  H  H41    . DC  A 1 16 ? -5.547  -1.422  12.106  1.00 101.90 ? 16  DC  A H41    1 
ATOM   499  H  H42    . DC  A 1 16 ? -5.975  -2.690  11.452  1.00 101.90 ? 16  DC  A H42    1 
ATOM   500  H  H5     . DC  A 1 16 ? -6.793  0.644   11.887  1.00 108.44 ? 16  DC  A H5     1 
ATOM   501  H  H6     . DC  A 1 16 ? -8.627  1.634   10.971  1.00 103.18 ? 16  DC  A H6     1 
ATOM   502  P  P      . DA  A 1 17 ? -14.671 1.378   10.098  1.00 101.89 ? 17  DA  A P      1 
ATOM   503  O  OP1    . DA  A 1 17 ? -15.866 2.201   9.809   1.00 108.57 ? 17  DA  A OP1    1 
ATOM   504  O  OP2    . DA  A 1 17 ? -14.177 1.275   11.489  1.00 100.73 ? 17  DA  A OP2    1 
ATOM   505  O  "O5'"  . DA  A 1 17 ? -14.939 -0.093  9.533   1.00 87.74  ? 17  DA  A "O5'"  1 
ATOM   506  C  "C5'"  . DA  A 1 17 ? -15.084 -0.285  8.125   1.00 92.06  ? 17  DA  A "C5'"  1 
ATOM   507  C  "C4'"  . DA  A 1 17 ? -15.298 -1.750  7.788   1.00 89.39  ? 17  DA  A "C4'"  1 
ATOM   508  O  "O4'"  . DA  A 1 17 ? -14.085 -2.493  8.081   1.00 84.35  ? 17  DA  A "O4'"  1 
ATOM   509  C  "C3'"  . DA  A 1 17 ? -16.395 -2.438  8.579   1.00 89.98  ? 17  DA  A "C3'"  1 
ATOM   510  O  "O3'"  . DA  A 1 17 ? -17.000 -3.465  7.809   1.00 88.96  ? 17  DA  A "O3'"  1 
ATOM   511  C  "C2'"  . DA  A 1 17 ? -15.646 -2.984  9.784   1.00 81.14  ? 17  DA  A "C2'"  1 
ATOM   512  C  "C1'"  . DA  A 1 17 ? -14.289 -3.347  9.193   1.00 77.44  ? 17  DA  A "C1'"  1 
ATOM   513  N  N9     . DA  A 1 17 ? -13.180 -3.166  10.118  1.00 74.41  ? 17  DA  A N9     1 
ATOM   514  C  C8     . DA  A 1 17 ? -12.840 -2.018  10.774  1.00 81.18  ? 17  DA  A C8     1 
ATOM   515  N  N7     . DA  A 1 17 ? -11.786 -2.139  11.540  1.00 79.39  ? 17  DA  A N7     1 
ATOM   516  C  C5     . DA  A 1 17 ? -11.407 -3.458  11.376  1.00 75.11  ? 17  DA  A C5     1 
ATOM   517  C  C6     . DA  A 1 17 ? -10.358 -4.212  11.924  1.00 76.48  ? 17  DA  A C6     1 
ATOM   518  N  N6     . DA  A 1 17 ? -9.473  -3.708  12.785  1.00 72.58  ? 17  DA  A N6     1 
ATOM   519  N  N1     . DA  A 1 17 ? -10.256 -5.508  11.556  1.00 71.14  ? 17  DA  A N1     1 
ATOM   520  C  C2     . DA  A 1 17 ? -11.149 -6.001  10.688  1.00 74.48  ? 17  DA  A C2     1 
ATOM   521  N  N3     . DA  A 1 17 ? -12.184 -5.389  10.111  1.00 65.25  ? 17  DA  A N3     1 
ATOM   522  C  C4     . DA  A 1 17 ? -12.253 -4.106  10.498  1.00 68.63  ? 17  DA  A C4     1 
ATOM   523  H  "H5'"  . DA  A 1 17 ? -14.284 0.031   7.678   1.00 110.63 ? 17  DA  A "H5'"  1 
ATOM   524  H  "H5''" . DA  A 1 17 ? -15.846 0.227   7.813   1.00 110.63 ? 17  DA  A "H5''" 1 
ATOM   525  H  "H4'"  . DA  A 1 17 ? -15.495 -1.828  6.841   1.00 107.43 ? 17  DA  A "H4'"  1 
ATOM   526  H  "H3'"  . DA  A 1 17 ? -17.061 -1.792  8.862   1.00 108.14 ? 17  DA  A "H3'"  1 
ATOM   527  H  "H2'"  . DA  A 1 17 ? -15.552 -2.303  10.468  1.00 97.53  ? 17  DA  A "H2'"  1 
ATOM   528  H  "H2''" . DA  A 1 17 ? -16.089 -3.771  10.138  1.00 97.53  ? 17  DA  A "H2''" 1 
ATOM   529  H  "H1'"  . DA  A 1 17 ? -14.307 -4.268  8.891   1.00 93.10  ? 17  DA  A "H1'"  1 
ATOM   530  H  H8     . DA  A 1 17 ? -13.314 -1.223  10.683  1.00 97.57  ? 17  DA  A H8     1 
ATOM   531  H  H61    . DA  A 1 17 ? -8.847  -4.206  13.099  1.00 87.26  ? 17  DA  A H61    1 
ATOM   532  H  H62    . DA  A 1 17 ? -9.529  -2.885  13.026  1.00 87.26  ? 17  DA  A H62    1 
ATOM   533  H  H2     . DA  A 1 17 ? -11.041 -6.898  10.468  1.00 89.54  ? 17  DA  A H2     1 
ATOM   534  P  P      . DC  A 1 18 ? -18.148 -4.379  8.458   1.00 92.42  ? 18  DC  A P      1 
ATOM   535  O  OP1    . DC  A 1 18 ? -18.905 -5.017  7.358   1.00 80.44  ? 18  DC  A OP1    1 
ATOM   536  O  OP2    . DC  A 1 18 ? -18.842 -3.541  9.462   1.00 102.24 ? 18  DC  A OP2    1 
ATOM   537  O  "O5'"  . DC  A 1 18 ? -17.338 -5.505  9.253   1.00 77.55  ? 18  DC  A "O5'"  1 
ATOM   538  C  "C5'"  . DC  A 1 18 ? -17.457 -6.861  8.871   1.00 81.95  ? 18  DC  A "C5'"  1 
ATOM   539  C  "C4'"  . DC  A 1 18 ? -16.250 -7.659  9.326   1.00 74.02  ? 18  DC  A "C4'"  1 
ATOM   540  O  "O4'"  . DC  A 1 18 ? -15.326 -6.790  10.040  1.00 75.71  ? 18  DC  A "O4'"  1 
ATOM   541  C  "C3'"  . DC  A 1 18 ? -16.559 -8.818  10.283  1.00 66.21  ? 18  DC  A "C3'"  1 
ATOM   542  O  "O3'"  . DC  A 1 18 ? -15.980 -10.025 9.795   1.00 64.91  ? 18  DC  A "O3'"  1 
ATOM   543  C  "C2'"  . DC  A 1 18 ? -15.935 -8.364  11.601  1.00 63.53  ? 18  DC  A "C2'"  1 
ATOM   544  C  "C1'"  . DC  A 1 18 ? -14.780 -7.521  11.106  1.00 63.96  ? 18  DC  A "C1'"  1 
ATOM   545  N  N1     . DC  A 1 18 ? -14.178 -6.571  12.114  1.00 64.38  ? 18  DC  A N1     1 
ATOM   546  C  C2     . DC  A 1 18 ? -13.077 -6.985  12.881  1.00 62.64  ? 18  DC  A C2     1 
ATOM   547  O  O2     . DC  A 1 18 ? -12.636 -8.129  12.728  1.00 57.43  ? 18  DC  A O2     1 
ATOM   548  N  N3     . DC  A 1 18 ? -12.523 -6.114  13.762  1.00 62.54  ? 18  DC  A N3     1 
ATOM   549  C  C4     . DC  A 1 18 ? -13.023 -4.883  13.891  1.00 72.90  ? 18  DC  A C4     1 
ATOM   550  N  N4     . DC  A 1 18 ? -12.447 -4.060  14.778  1.00 83.83  ? 18  DC  A N4     1 
ATOM   551  C  C5     . DC  A 1 18 ? -14.140 -4.441  13.116  1.00 68.75  ? 18  DC  A C5     1 
ATOM   552  C  C6     . DC  A 1 18 ? -14.677 -5.306  12.246  1.00 72.19  ? 18  DC  A C6     1 
ATOM   553  H  "H5'"  . DC  A 1 18 ? -17.529 -6.916  7.906   1.00 98.50  ? 18  DC  A "H5'"  1 
ATOM   554  H  "H5''" . DC  A 1 18 ? -18.257 -7.236  9.272   1.00 98.50  ? 18  DC  A "H5''" 1 
ATOM   555  H  "H4'"  . DC  A 1 18 ? -15.801 -8.015  8.543   1.00 88.98  ? 18  DC  A "H4'"  1 
ATOM   556  H  "H3'"  . DC  A 1 18 ? -17.518 -8.922  10.385  1.00 79.62  ? 18  DC  A "H3'"  1 
ATOM   557  H  "H2'"  . DC  A 1 18 ? -16.560 -7.830  12.115  1.00 76.40  ? 18  DC  A "H2'"  1 
ATOM   558  H  "H2''" . DC  A 1 18 ? -15.616 -9.123  12.115  1.00 76.40  ? 18  DC  A "H2''" 1 
ATOM   559  H  "H1'"  . DC  A 1 18 ? -14.083 -8.105  10.768  1.00 76.91  ? 18  DC  A "H1'"  1 
ATOM   560  H  H41    . DC  A 1 18 ? -12.748 -3.261  14.883  1.00 100.75 ? 18  DC  A H41    1 
ATOM   561  H  H42    . DC  A 1 18 ? -11.776 -4.332  15.243  1.00 100.75 ? 18  DC  A H42    1 
ATOM   562  H  H5     . DC  A 1 18 ? -14.483 -3.581  13.213  1.00 82.67  ? 18  DC  A H5     1 
ATOM   563  H  H6     . DC  A 1 18 ? -15.404 -5.044  11.728  1.00 86.79  ? 18  DC  A H6     1 
ATOM   564  P  P      . DT  A 1 19 ? -16.718 -11.432 10.025  1.00 96.02  ? 19  DT  A P      1 
ATOM   565  O  OP1    . DT  A 1 19 ? -16.857 -12.080 8.702   1.00 89.50  ? 19  DT  A OP1    1 
ATOM   566  O  OP2    . DT  A 1 19 ? -17.914 -11.188 10.863  1.00 77.84  ? 19  DT  A OP2    1 
ATOM   567  O  "O5'"  . DT  A 1 19 ? -15.667 -12.272 10.884  1.00 84.55  ? 19  DT  A "O5'"  1 
ATOM   568  C  "C5'"  . DT  A 1 19 ? -14.826 -11.608 11.810  1.00 66.40  ? 19  DT  A "C5'"  1 
ATOM   569  C  "C4'"  . DT  A 1 19 ? -13.693 -12.508 12.252  1.00 64.48  ? 19  DT  A "C4'"  1 
ATOM   570  O  "O4'"  . DT  A 1 19 ? -12.763 -11.761 13.074  1.00 78.42  ? 19  DT  A "O4'"  1 
ATOM   571  C  "C3'"  . DT  A 1 19 ? -14.101 -13.669 13.120  1.00 71.43  ? 19  DT  A "C3'"  1 
ATOM   572  O  "O3'"  . DT  A 1 19 ? -13.130 -14.702 13.031  1.00 74.79  ? 19  DT  A "O3'"  1 
ATOM   573  C  "C2'"  . DT  A 1 19 ? -14.159 -13.029 14.504  1.00 78.25  ? 19  DT  A "C2'"  1 
ATOM   574  C  "C1'"  . DT  A 1 19 ? -13.000 -12.031 14.453  1.00 69.86  ? 19  DT  A "C1'"  1 
ATOM   575  N  N1     . DT  A 1 19 ? -13.232 -10.707 15.126  1.00 62.74  ? 19  DT  A N1     1 
ATOM   576  C  C2     . DT  A 1 19 ? -12.260 -10.206 15.971  1.00 67.59  ? 19  DT  A C2     1 
ATOM   577  O  O2     . DT  A 1 19 ? -11.240 -10.809 16.249  1.00 72.54  ? 19  DT  A O2     1 
ATOM   578  N  N3     . DT  A 1 19 ? -12.538 -8.969  16.491  1.00 59.03  ? 19  DT  A N3     1 
ATOM   579  C  C4     . DT  A 1 19 ? -13.651 -8.193  16.247  1.00 61.19  ? 19  DT  A C4     1 
ATOM   580  O  O4     . DT  A 1 19 ? -13.812 -7.092  16.765  1.00 58.16  ? 19  DT  A O4     1 
ATOM   581  C  C5     . DT  A 1 19 ? -14.617 -8.761  15.343  1.00 56.39  ? 19  DT  A C5     1 
ATOM   582  C  C7     . DT  A 1 19 ? -15.864 -8.001  15.016  1.00 51.23  ? 19  DT  A C7     1 
ATOM   583  C  C6     . DT  A 1 19 ? -14.360 -9.972  14.819  1.00 58.78  ? 19  DT  A C6     1 
ATOM   584  H  "H5'"  . DT  A 1 19 ? -15.349 -11.349 12.587  1.00 79.84  ? 19  DT  A "H5'"  1 
ATOM   585  H  "H5''" . DT  A 1 19 ? -14.459 -10.813 11.395  1.00 79.84  ? 19  DT  A "H5''" 1 
ATOM   586  H  "H4'"  . DT  A 1 19 ? -13.228 -12.843 11.469  1.00 77.54  ? 19  DT  A "H4'"  1 
ATOM   587  H  "H3'"  . DT  A 1 19 ? -14.976 -13.997 12.859  1.00 85.88  ? 19  DT  A "H3'"  1 
ATOM   588  H  "H2'"  . DT  A 1 19 ? -15.003 -12.571 14.637  1.00 94.06  ? 19  DT  A "H2'"  1 
ATOM   589  H  "H2''" . DT  A 1 19 ? -14.012 -13.693 15.196  1.00 94.06  ? 19  DT  A "H2''" 1 
ATOM   590  H  "H1'"  . DT  A 1 19 ? -12.210 -12.445 14.834  1.00 84.00  ? 19  DT  A "H1'"  1 
ATOM   591  H  H3     . DT  A 1 19 ? -11.952 -8.640  17.028  1.00 71.00  ? 19  DT  A H3     1 
ATOM   592  H  H71    . DT  A 1 19 ? -15.865 -7.159  15.497  1.00 61.64  ? 19  DT  A H71    1 
ATOM   593  H  H72    . DT  A 1 19 ? -15.896 -7.828  14.062  1.00 61.64  ? 19  DT  A H72    1 
ATOM   594  H  H73    . DT  A 1 19 ? -16.639 -8.523  15.276  1.00 61.64  ? 19  DT  A H73    1 
ATOM   595  H  H6     . DT  A 1 19 ? -14.982 -10.343 14.236  1.00 70.70  ? 19  DT  A H6     1 
ATOM   596  P  P      . DC  A 1 20 ? -13.530 -16.227 13.326  1.00 106.59 ? 20  DC  A P      1 
ATOM   597  O  OP1    . DC  A 1 20 ? -12.748 -17.084 12.407  1.00 111.56 ? 20  DC  A OP1    1 
ATOM   598  O  OP2    . DC  A 1 20 ? -15.005 -16.310 13.329  1.00 92.52  ? 20  DC  A OP2    1 
ATOM   599  O  "O5'"  . DC  A 1 20 ? -13.029 -16.471 14.825  1.00 84.19  ? 20  DC  A "O5'"  1 
ATOM   600  C  "C5'"  . DC  A 1 20 ? -11.730 -16.049 15.225  1.00 81.69  ? 20  DC  A "C5'"  1 
ATOM   601  C  "C4'"  . DC  A 1 20 ? -11.636 -15.947 16.738  1.00 95.41  ? 20  DC  A "C4'"  1 
ATOM   602  O  "O4'"  . DC  A 1 20 ? -12.121 -14.644 17.175  1.00 90.11  ? 20  DC  A "O4'"  1 
ATOM   603  C  "C3'"  . DC  A 1 20 ? -12.472 -16.972 17.500  1.00 94.59  ? 20  DC  A "C3'"  1 
ATOM   604  O  "O3'"  . DC  A 1 20 ? -11.797 -17.400 18.666  1.00 96.76  ? 20  DC  A "O3'"  1 
ATOM   605  C  "C2'"  . DC  A 1 20 ? -13.736 -16.192 17.821  1.00 92.14  ? 20  DC  A "C2'"  1 
ATOM   606  C  "C1'"  . DC  A 1 20 ? -13.155 -14.822 18.125  1.00 86.48  ? 20  DC  A "C1'"  1 
ATOM   607  N  N1     . DC  A 1 20 ? -14.109 -13.670 18.014  1.00 79.02  ? 20  DC  A N1     1 
ATOM   608  C  C2     . DC  A 1 20 ? -13.750 -12.447 18.580  1.00 73.40  ? 20  DC  A C2     1 
ATOM   609  O  O2     . DC  A 1 20 ? -12.664 -12.354 19.160  1.00 76.57  ? 20  DC  A O2     1 
ATOM   610  N  N3     . DC  A 1 20 ? -14.596 -11.397 18.479  1.00 64.00  ? 20  DC  A N3     1 
ATOM   611  C  C4     . DC  A 1 20 ? -15.757 -11.536 17.843  1.00 64.57  ? 20  DC  A C4     1 
ATOM   612  N  N4     . DC  A 1 20 ? -16.562 -10.468 17.767  1.00 66.43  ? 20  DC  A N4     1 
ATOM   613  C  C5     . DC  A 1 20 ? -16.146 -12.775 17.253  1.00 69.25  ? 20  DC  A C5     1 
ATOM   614  C  C6     . DC  A 1 20 ? -15.305 -13.809 17.367  1.00 74.67  ? 20  DC  A C6     1 
ATOM   615  H  "H5'"  . DC  A 1 20 ? -11.544 -15.181 14.834  1.00 98.19  ? 20  DC  A "H5'"  1 
ATOM   616  H  "H5''" . DC  A 1 20 ? -11.075 -16.689 14.906  1.00 98.19  ? 20  DC  A "H5''" 1 
ATOM   617  H  "H4'"  . DC  A 1 20 ? -10.707 -16.041 17.002  1.00 114.66 ? 20  DC  A "H4'"  1 
ATOM   618  H  "H3'"  . DC  A 1 20 ? -12.679 -17.730 16.931  1.00 113.67 ? 20  DC  A "H3'"  1 
ATOM   619  H  "H2'"  . DC  A 1 20 ? -14.329 -16.158 17.054  1.00 110.74 ? 20  DC  A "H2'"  1 
ATOM   620  H  "H2''" . DC  A 1 20 ? -14.185 -16.561 18.598  1.00 110.74 ? 20  DC  A "H2''" 1 
ATOM   621  H  "H1'"  . DC  A 1 20 ? -12.771 -14.831 19.015  1.00 103.94 ? 20  DC  A "H1'"  1 
ATOM   622  H  H41    . DC  A 1 20 ? -17.319 -10.527 17.363  1.00 79.88  ? 20  DC  A H41    1 
ATOM   623  H  H42    . DC  A 1 20 ? -16.322 -9.723  18.124  1.00 79.88  ? 20  DC  A H42    1 
ATOM   624  H  H5     . DC  A 1 20 ? -16.959 -12.863 16.810  1.00 83.26  ? 20  DC  A H5     1 
ATOM   625  H  H6     . DC  A 1 20 ? -15.529 -14.626 16.985  1.00 89.77  ? 20  DC  A H6     1 
ATOM   626  P  P      . DA  A 1 21 ? -11.690 -18.964 19.012  1.00 110.20 ? 21  DA  A P      1 
ATOM   627  O  OP1    . DA  A 1 21 ? -10.919 -19.617 17.929  1.00 116.96 ? 21  DA  A OP1    1 
ATOM   628  O  OP2    . DA  A 1 21 ? -13.053 -19.433 19.347  1.00 103.21 ? 21  DA  A OP2    1 
ATOM   629  O  "O5'"  . DA  A 1 21 ? -10.807 -18.996 20.340  1.00 104.88 ? 21  DA  A "O5'"  1 
ATOM   630  C  "C5'"  . DA  A 1 21 ? -9.566  -18.302 20.373  1.00 108.48 ? 21  DA  A "C5'"  1 
ATOM   631  C  "C4'"  . DA  A 1 21 ? -9.531  -17.301 21.514  1.00 102.97 ? 21  DA  A "C4'"  1 
ATOM   632  O  "O4'"  . DA  A 1 21 ? -10.502 -16.249 21.265  1.00 97.13  ? 21  DA  A "O4'"  1 
ATOM   633  C  "C3'"  . DA  A 1 21 ? -9.882  -17.879 22.887  1.00 109.31 ? 21  DA  A "C3'"  1 
ATOM   634  O  "O3'"  . DA  A 1 21 ? -9.001  -17.373 23.882  1.00 99.03  ? 21  DA  A "O3'"  1 
ATOM   635  C  "C2'"  . DA  A 1 21 ? -11.321 -17.427 23.103  1.00 102.32 ? 21  DA  A "C2'"  1 
ATOM   636  C  "C1'"  . DA  A 1 21 ? -11.336 -16.093 22.394  1.00 91.90  ? 21  DA  A "C1'"  1 
ATOM   637  N  N9     . DA  A 1 21 ? -12.649 -15.656 21.939  1.00 87.81  ? 21  DA  A N9     1 
ATOM   638  C  C8     . DA  A 1 21 ? -13.544 -16.346 21.169  1.00 90.29  ? 21  DA  A C8     1 
ATOM   639  N  N7     . DA  A 1 21 ? -14.639 -15.672 20.901  1.00 86.80  ? 21  DA  A N7     1 
ATOM   640  C  C5     . DA  A 1 21 ? -14.438 -14.455 21.533  1.00 83.51  ? 21  DA  A C5     1 
ATOM   641  C  C6     . DA  A 1 21 ? -15.224 -13.289 21.635  1.00 78.33  ? 21  DA  A C6     1 
ATOM   642  N  N6     . DA  A 1 21 ? -16.430 -13.158 21.074  1.00 75.93  ? 21  DA  A N6     1 
ATOM   643  N  N1     . DA  A 1 21 ? -14.722 -12.256 22.345  1.00 76.83  ? 21  DA  A N1     1 
ATOM   644  C  C2     . DA  A 1 21 ? -13.514 -12.388 22.905  1.00 83.26  ? 21  DA  A C2     1 
ATOM   645  N  N3     . DA  A 1 21 ? -12.690 -13.427 22.879  1.00 82.95  ? 21  DA  A N3     1 
ATOM   646  C  C4     . DA  A 1 21 ? -13.215 -14.434 22.170  1.00 85.50  ? 21  DA  A C4     1 
ATOM   647  H  "H5'"  . DA  A 1 21 ? -9.443  -17.831 19.534  1.00 130.33 ? 21  DA  A "H5'"  1 
ATOM   648  H  "H5''" . DA  A 1 21 ? -8.846  -18.942 20.488  1.00 130.33 ? 21  DA  A "H5''" 1 
ATOM   649  H  "H4'"  . DA  A 1 21 ? -8.646  -16.908 21.557  1.00 123.72 ? 21  DA  A "H4'"  1 
ATOM   650  H  "H3'"  . DA  A 1 21 ? -9.837  -18.848 22.862  1.00 131.33 ? 21  DA  A "H3'"  1 
ATOM   651  H  "HO3'" . DA  A 1 21 ? -8.522  -17.900 24.326  1.00 119.00 ? 21  DA  A "HO3'" 1 
ATOM   652  H  "H2'"  . DA  A 1 21 ? -11.944 -18.047 22.691  1.00 122.95 ? 21  DA  A "H2'"  1 
ATOM   653  H  "H2''" . DA  A 1 21 ? -11.510 -17.319 24.049  1.00 122.95 ? 21  DA  A "H2''" 1 
ATOM   654  H  "H1'"  . DA  A 1 21 ? -10.960 -15.417 22.978  1.00 110.44 ? 21  DA  A "H1'"  1 
ATOM   655  H  H8     . DA  A 1 21 ? -13.393 -17.213 20.867  1.00 108.51 ? 21  DA  A H8     1 
ATOM   656  H  H61    . DA  A 1 21 ? -16.870 -12.426 21.168  1.00 91.28  ? 21  DA  A H61    1 
ATOM   657  H  H62    . DA  A 1 21 ? -16.765 -13.806 20.618  1.00 91.28  ? 21  DA  A H62    1 
ATOM   658  H  H2     . DA  A 1 21 ? -13.212 -11.650 23.384  1.00 100.08 ? 21  DA  A H2     1 
ATOM   659  P  P      . DT  B 2 1  ? -4.150  -8.604  1.251   1.00 100.95 ? 0   DT  B P      1 
ATOM   660  O  OP1    . DT  B 2 1  ? -3.102  -8.413  2.287   1.00 82.75  ? 0   DT  B OP1    1 
ATOM   661  O  OP2    . DT  B 2 1  ? -3.871  -9.436  0.056   1.00 97.90  ? 0   DT  B OP2    1 
ATOM   662  O  "O5'"  . DT  B 2 1  ? -5.475  -9.170  1.949   1.00 90.51  ? 0   DT  B "O5'"  1 
ATOM   663  C  "C5'"  . DT  B 2 1  ? -5.728  -8.877  3.310   1.00 78.38  ? 0   DT  B "C5'"  1 
ATOM   664  C  "C4'"  . DT  B 2 1  ? -6.705  -7.725  3.455   1.00 62.07  ? 0   DT  B "C4'"  1 
ATOM   665  O  "O4'"  . DT  B 2 1  ? -6.633  -7.241  4.807   1.00 66.06  ? 0   DT  B "O4'"  1 
ATOM   666  C  "C3'"  . DT  B 2 1  ? -6.429  -6.519  2.568   1.00 86.12  ? 0   DT  B "C3'"  1 
ATOM   667  O  "O3'"  . DT  B 2 1  ? -7.206  -6.585  1.378   1.00 92.02  ? 0   DT  B "O3'"  1 
ATOM   668  C  "C2'"  . DT  B 2 1  ? -6.817  -5.320  3.432   1.00 74.05  ? 0   DT  B "C2'"  1 
ATOM   669  C  "C1'"  . DT  B 2 1  ? -6.864  -5.857  4.857   1.00 58.56  ? 0   DT  B "C1'"  1 
ATOM   670  N  N1     . DT  B 2 1  ? -5.855  -5.260  5.759   1.00 59.90  ? 0   DT  B N1     1 
ATOM   671  C  C2     . DT  B 2 1  ? -6.089  -4.015  6.280   1.00 64.15  ? 0   DT  B C2     1 
ATOM   672  O  O2     . DT  B 2 1  ? -7.085  -3.364  6.024   1.00 67.65  ? 0   DT  B O2     1 
ATOM   673  N  N3     . DT  B 2 1  ? -5.112  -3.551  7.113   1.00 62.41  ? 0   DT  B N3     1 
ATOM   674  C  C4     . DT  B 2 1  ? -3.945  -4.198  7.472   1.00 63.77  ? 0   DT  B C4     1 
ATOM   675  O  O4     . DT  B 2 1  ? -3.125  -3.697  8.234   1.00 67.07  ? 0   DT  B O4     1 
ATOM   676  C  C5     . DT  B 2 1  ? -3.763  -5.506  6.895   1.00 64.92  ? 0   DT  B C5     1 
ATOM   677  C  C7     . DT  B 2 1  ? -2.536  -6.303  7.218   1.00 73.46  ? 0   DT  B C7     1 
ATOM   678  C  C6     . DT  B 2 1  ? -4.716  -5.974  6.077   1.00 57.81  ? 0   DT  B C6     1 
ATOM   679  H  "H5'"  . DT  B 2 1  ? -4.894  -8.641  3.744   1.00 94.22  ? 0   DT  B "H5'"  1 
ATOM   680  H  "H5''" . DT  B 2 1  ? -6.099  -9.663  3.741   1.00 94.22  ? 0   DT  B "H5''" 1 
ATOM   681  H  "H4'"  . DT  B 2 1  ? -7.603  -8.047  3.281   1.00 74.65  ? 0   DT  B "H4'"  1 
ATOM   682  H  "H3'"  . DT  B 2 1  ? -5.484  -6.478  2.348   1.00 103.51 ? 0   DT  B "H3'"  1 
ATOM   683  H  "H2'"  . DT  B 2 1  ? -6.150  -4.620  3.357   1.00 89.02  ? 0   DT  B "H2'"  1 
ATOM   684  H  "H2''" . DT  B 2 1  ? -7.689  -4.985  3.170   1.00 89.02  ? 0   DT  B "H2''" 1 
ATOM   685  H  "H1'"  . DT  B 2 1  ? -7.748  -5.700  5.224   1.00 70.44  ? 0   DT  B "H1'"  1 
ATOM   686  H  H3     . DT  B 2 1  ? -5.237  -2.770  7.451   1.00 75.06  ? 0   DT  B H3     1 
ATOM   687  H  H71    . DT  B 2 1  ? -1.968  -5.793  7.817   1.00 88.31  ? 0   DT  B H71    1 
ATOM   688  H  H72    . DT  B 2 1  ? -2.793  -7.134  7.646   1.00 88.31  ? 0   DT  B H72    1 
ATOM   689  H  H73    . DT  B 2 1  ? -2.051  -6.498  6.401   1.00 88.31  ? 0   DT  B H73    1 
ATOM   690  H  H6     . DT  B 2 1  ? -4.603  -6.817  5.701   1.00 69.54  ? 0   DT  B H6     1 
ATOM   691  P  P      . DC  B 2 2  ? -6.654  -5.978  -0.007  1.00 88.51  ? 1   DC  B P      1 
ATOM   692  O  OP1    . DC  B 2 2  ? -7.534  -6.514  -1.071  1.00 98.08  ? 1   DC  B OP1    1 
ATOM   693  O  OP2    . DC  B 2 2  ? -5.191  -6.192  -0.084  1.00 82.75  ? 1   DC  B OP2    1 
ATOM   694  O  "O5'"  . DC  B 2 2  ? -6.900  -4.402  0.122   1.00 66.11  ? 1   DC  B "O5'"  1 
ATOM   695  C  "C5'"  . DC  B 2 2  ? -8.203  -3.910  0.385   1.00 74.72  ? 1   DC  B "C5'"  1 
ATOM   696  C  "C4'"  . DC  B 2 2  ? -8.150  -2.482  0.883   1.00 74.48  ? 1   DC  B "C4'"  1 
ATOM   697  O  "O4'"  . DC  B 2 2  ? -7.490  -2.452  2.163   1.00 79.63  ? 1   DC  B "O4'"  1 
ATOM   698  C  "C3'"  . DC  B 2 2  ? -7.356  -1.529  0.006   1.00 80.19  ? 1   DC  B "C3'"  1 
ATOM   699  O  "O3'"  . DC  B 2 2  ? -8.201  -0.876  -0.931  1.00 78.35  ? 1   DC  B "O3'"  1 
ATOM   700  C  "C2'"  . DC  B 2 2  ? -6.730  -0.543  0.992   1.00 79.41  ? 1   DC  B "C2'"  1 
ATOM   701  C  "C1'"  . DC  B 2 2  ? -6.895  -1.189  2.363   1.00 69.46  ? 1   DC  B "C1'"  1 
ATOM   702  N  N1     . DC  B 2 2  ? -5.609  -1.385  3.103   1.00 56.75  ? 1   DC  B N1     1 
ATOM   703  C  C2     . DC  B 2 2  ? -5.177  -0.418  4.023   1.00 63.80  ? 1   DC  B C2     1 
ATOM   704  O  O2     . DC  B 2 2  ? -5.866  0.592   4.205   1.00 60.83  ? 1   DC  B O2     1 
ATOM   705  N  N3     . DC  B 2 2  ? -4.011  -0.620  4.691   1.00 63.10  ? 1   DC  B N3     1 
ATOM   706  C  C4     . DC  B 2 2  ? -3.299  -1.724  4.467   1.00 67.22  ? 1   DC  B C4     1 
ATOM   707  N  N4     . DC  B 2 2  ? -2.155  -1.878  5.142   1.00 66.38  ? 1   DC  B N4     1 
ATOM   708  C  C5     . DC  B 2 2  ? -3.722  -2.717  3.536   1.00 70.11  ? 1   DC  B C5     1 
ATOM   709  C  C6     . DC  B 2 2  ? -4.868  -2.507  2.879   1.00 60.00  ? 1   DC  B C6     1 
ATOM   710  H  "H5'"  . DC  B 2 2  ? -8.623  -4.467  1.060   1.00 89.83  ? 1   DC  B "H5'"  1 
ATOM   711  H  "H5''" . DC  B 2 2  ? -8.728  -3.945  -0.429  1.00 89.83  ? 1   DC  B "H5''" 1 
ATOM   712  H  "H4'"  . DC  B 2 2  ? -9.054  -2.146  0.983   1.00 89.53  ? 1   DC  B "H4'"  1 
ATOM   713  H  "H3'"  . DC  B 2 2  ? -6.658  -2.016  -0.462  1.00 96.39  ? 1   DC  B "H3'"  1 
ATOM   714  H  "H2'"  . DC  B 2 2  ? -5.789  -0.418  0.791   1.00 95.45  ? 1   DC  B "H2'"  1 
ATOM   715  H  "H2''" . DC  B 2 2  ? -7.198  0.306   0.961   1.00 95.45  ? 1   DC  B "H2''" 1 
ATOM   716  H  "H1'"  . DC  B 2 2  ? -7.489  -0.641  2.901   1.00 83.51  ? 1   DC  B "H1'"  1 
ATOM   717  H  H41    . DC  B 2 2  ? -1.674  -2.581  5.020   1.00 79.82  ? 1   DC  B H41    1 
ATOM   718  H  H42    . DC  B 2 2  ? -1.900  -1.274  5.699   1.00 79.82  ? 1   DC  B H42    1 
ATOM   719  H  H5     . DC  B 2 2  ? -3.217  -3.484  3.386   1.00 84.29  ? 1   DC  B H5     1 
ATOM   720  H  H6     . DC  B 2 2  ? -5.171  -3.141  2.271   1.00 72.17  ? 1   DC  B H6     1 
ATOM   721  P  P      . DG  B 2 3  ? -7.560  -0.040  -2.145  1.00 98.63  ? 2   DG  B P      1 
ATOM   722  O  OP1    . DG  B 2 3  ? -8.654  0.435   -3.021  1.00 98.41  ? 2   DG  B OP1    1 
ATOM   723  O  OP2    . DG  B 2 3  ? -6.473  -0.860  -2.719  1.00 89.99  ? 2   DG  B OP2    1 
ATOM   724  O  "O5'"  . DG  B 2 3  ? -6.872  1.214   -1.431  1.00 84.94  ? 2   DG  B "O5'"  1 
ATOM   725  C  "C5'"  . DG  B 2 3  ? -7.670  2.170   -0.754  1.00 78.50  ? 2   DG  B "C5'"  1 
ATOM   726  C  "C4'"  . DG  B 2 3  ? -6.812  3.069   0.125   1.00 82.92  ? 2   DG  B "C4'"  1 
ATOM   727  O  "O4'"  . DG  B 2 3  ? -5.997  2.254   0.990   1.00 79.32  ? 2   DG  B "O4'"  1 
ATOM   728  C  "C3'"  . DG  B 2 3  ? -5.838  3.969   -0.633  1.00 97.03  ? 2   DG  B "C3'"  1 
ATOM   729  O  "O3'"  . DG  B 2 3  ? -6.339  5.301   -0.701  1.00 102.63 ? 2   DG  B "O3'"  1 
ATOM   730  C  "C2'"  . DG  B 2 3  ? -4.520  3.889   0.156   1.00 92.80  ? 2   DG  B "C2'"  1 
ATOM   731  C  "C1'"  . DG  B 2 3  ? -4.821  2.951   1.322   1.00 74.93  ? 2   DG  B "C1'"  1 
ATOM   732  N  N9     . DG  B 2 3  ? -3.768  1.969   1.590   1.00 72.00  ? 2   DG  B N9     1 
ATOM   733  C  C8     . DG  B 2 3  ? -3.604  0.748   0.983   1.00 69.08  ? 2   DG  B C8     1 
ATOM   734  N  N7     . DG  B 2 3  ? -2.587  0.073   1.435   1.00 56.55  ? 2   DG  B N7     1 
ATOM   735  C  C5     . DG  B 2 3  ? -2.039  0.895   2.406   1.00 58.40  ? 2   DG  B C5     1 
ATOM   736  C  C6     . DG  B 2 3  ? -0.913  0.692   3.236   1.00 69.17  ? 2   DG  B C6     1 
ATOM   737  O  O6     . DG  B 2 3  ? -0.155  -0.290  3.274   1.00 59.44  ? 2   DG  B O6     1 
ATOM   738  N  N1     . DG  B 2 3  ? -0.699  1.776   4.087   1.00 79.79  ? 2   DG  B N1     1 
ATOM   739  C  C2     . DG  B 2 3  ? -1.479  2.913   4.124   1.00 80.48  ? 2   DG  B C2     1 
ATOM   740  N  N2     . DG  B 2 3  ? -1.119  3.851   5.011   1.00 86.16  ? 2   DG  B N2     1 
ATOM   741  N  N3     . DG  B 2 3  ? -2.537  3.113   3.350   1.00 65.52  ? 2   DG  B N3     1 
ATOM   742  C  C4     . DG  B 2 3  ? -2.758  2.067   2.518   1.00 64.95  ? 2   DG  B C4     1 
ATOM   743  H  "H5'"  . DG  B 2 3  ? -8.319  1.708   -0.198  1.00 94.36  ? 2   DG  B "H5'"  1 
ATOM   744  H  "H5''" . DG  B 2 3  ? -8.139  2.715   -1.406  1.00 94.36  ? 2   DG  B "H5''" 1 
ATOM   745  H  "H4'"  . DG  B 2 3  ? -7.393  3.623   0.670   1.00 99.66  ? 2   DG  B "H4'"  1 
ATOM   746  H  "H3'"  . DG  B 2 3  ? -5.703  3.624   -1.530  1.00 116.60 ? 2   DG  B "H3'"  1 
ATOM   747  H  "H2'"  . DG  B 2 3  ? -3.815  3.522   -0.400  1.00 111.53 ? 2   DG  B "H2'"  1 
ATOM   748  H  "H2''" . DG  B 2 3  ? -4.269  4.767   0.485   1.00 111.53 ? 2   DG  B "H2''" 1 
ATOM   749  H  "H1'"  . DG  B 2 3  ? -4.977  3.476   2.122   1.00 90.08  ? 2   DG  B "H1'"  1 
ATOM   750  H  H8     . DG  B 2 3  ? -4.169  0.432   0.315   1.00 83.05  ? 2   DG  B H8     1 
ATOM   751  H  H1     . DG  B 2 3  ? -0.031  1.733   4.626   1.00 95.91  ? 2   DG  B H1     1 
ATOM   752  H  H21    . DG  B 2 3  ? -1.572  4.579   5.076   1.00 103.55 ? 2   DG  B H21    1 
ATOM   753  H  H22    . DG  B 2 3  ? -0.432  3.726   5.516   1.00 103.55 ? 2   DG  B H22    1 
ATOM   754  P  P      . DT  B 2 4  ? -5.657  6.372   -1.687  1.00 138.82 ? 3   DT  B P      1 
ATOM   755  O  OP1    . DT  B 2 4  ? -6.593  7.513   -1.814  1.00 128.72 ? 3   DT  B OP1    1 
ATOM   756  O  OP2    . DT  B 2 4  ? -5.205  5.651   -2.897  1.00 130.04 ? 3   DT  B OP2    1 
ATOM   757  O  "O5'"  . DT  B 2 4  ? -4.361  6.866   -0.889  1.00 106.25 ? 3   DT  B "O5'"  1 
ATOM   758  C  "C5'"  . DT  B 2 4  ? -4.402  8.095   -0.181  1.00 101.46 ? 3   DT  B "C5'"  1 
ATOM   759  C  "C4'"  . DT  B 2 4  ? -3.284  8.184   0.840   1.00 92.61  ? 3   DT  B "C4'"  1 
ATOM   760  O  "O4'"  . DT  B 2 4  ? -2.774  6.850   1.147   1.00 81.59  ? 3   DT  B "O4'"  1 
ATOM   761  C  "C3'"  . DT  B 2 4  ? -2.064  9.002   0.390   1.00 88.21  ? 3   DT  B "C3'"  1 
ATOM   762  O  "O3'"  . DT  B 2 4  ? -1.761  10.007  1.356   1.00 91.34  ? 3   DT  B "O3'"  1 
ATOM   763  C  "C2'"  . DT  B 2 4  ? -0.964  7.954   0.269   1.00 83.16  ? 3   DT  B "C2'"  1 
ATOM   764  C  "C1'"  . DT  B 2 4  ? -1.387  6.962   1.325   1.00 79.58  ? 3   DT  B "C1'"  1 
ATOM   765  N  N1     . DT  B 2 4  ? -0.730  5.633   1.208   1.00 77.17  ? 3   DT  B N1     1 
ATOM   766  C  C2     . DT  B 2 4  ? 0.380   5.377   1.977   1.00 77.41  ? 3   DT  B C2     1 
ATOM   767  O  O2     . DT  B 2 4  ? 0.847   6.184   2.760   1.00 84.61  ? 3   DT  B O2     1 
ATOM   768  N  N3     . DT  B 2 4  ? 0.935   4.145   1.796   1.00 78.40  ? 3   DT  B N3     1 
ATOM   769  C  C4     . DT  B 2 4  ? 0.500   3.155   0.938   1.00 76.22  ? 3   DT  B C4     1 
ATOM   770  O  O4     . DT  B 2 4  ? 1.064   2.071   0.848   1.00 74.24  ? 3   DT  B O4     1 
ATOM   771  C  C5     . DT  B 2 4  ? -0.667  3.482   0.157   1.00 77.07  ? 3   DT  B C5     1 
ATOM   772  C  C7     . DT  B 2 4  ? -1.218  2.477   -0.810  1.00 79.42  ? 3   DT  B C7     1 
ATOM   773  C  C6     . DT  B 2 4  ? -1.220  4.697   0.319   1.00 79.18  ? 3   DT  B C6     1 
ATOM   774  H  "H5'"  . DT  B 2 4  ? -5.255  8.169   0.275   1.00 121.91 ? 3   DT  B "H5'"  1 
ATOM   775  H  "H5''" . DT  B 2 4  ? -4.316  8.826   -0.812  1.00 121.91 ? 3   DT  B "H5''" 1 
ATOM   776  H  "H4'"  . DT  B 2 4  ? -3.638  8.575   1.654   1.00 111.29 ? 3   DT  B "H4'"  1 
ATOM   777  H  "H3'"  . DT  B 2 4  ? -2.235  9.409   -0.475  1.00 106.02 ? 3   DT  B "H3'"  1 
ATOM   778  H  "H2'"  . DT  B 2 4  ? -0.968  7.547   -0.611  1.00 99.95  ? 3   DT  B "H2'"  1 
ATOM   779  H  "H2''" . DT  B 2 4  ? -0.097  8.334   0.477   1.00 99.95  ? 3   DT  B "H2''" 1 
ATOM   780  H  "H1'"  . DT  B 2 4  ? -1.206  7.333   2.204   1.00 95.65  ? 3   DT  B "H1'"  1 
ATOM   781  H  H3     . DT  B 2 4  ? 1.629   3.964   2.269   1.00 94.25  ? 3   DT  B H3     1 
ATOM   782  H  H71    . DT  B 2 4  ? -2.133  2.262   -0.568  1.00 95.46  ? 3   DT  B H71    1 
ATOM   783  H  H72    . DT  B 2 4  ? -1.200  2.847   -1.707  1.00 95.46  ? 3   DT  B H72    1 
ATOM   784  H  H73    . DT  B 2 4  ? -0.678  1.672   -0.783  1.00 95.46  ? 3   DT  B H73    1 
ATOM   785  H  H6     . DT  B 2 4  ? -1.974  4.912   -0.182  1.00 95.18  ? 3   DT  B H6     1 
ATOM   786  P  P      . DC  B 2 5  ? -0.938  11.325  0.943   1.00 92.71  ? 4   DC  B P      1 
ATOM   787  O  OP1    . DC  B 2 5  ? -1.731  12.503  1.358   1.00 82.97  ? 4   DC  B OP1    1 
ATOM   788  O  OP2    . DC  B 2 5  ? -0.510  11.165  -0.467  1.00 95.75  ? 4   DC  B OP2    1 
ATOM   789  O  "O5'"  . DC  B 2 5  ? 0.373   11.243  1.850   1.00 79.67  ? 4   DC  B "O5'"  1 
ATOM   790  C  "C5'"  . DC  B 2 5  ? 1.125   10.056  1.843   1.00 70.05  ? 4   DC  B "C5'"  1 
ATOM   791  C  "C4'"  . DC  B 2 5  ? 2.360   10.167  2.707   1.00 71.54  ? 4   DC  B "C4'"  1 
ATOM   792  O  "O4'"  . DC  B 2 5  ? 2.918   8.848   2.911   1.00 74.69  ? 4   DC  B "O4'"  1 
ATOM   793  C  "C3'"  . DC  B 2 5  ? 3.497   10.963  2.114   1.00 73.36  ? 4   DC  B "C3'"  1 
ATOM   794  O  "O3'"  . DC  B 2 5  ? 4.346   11.442  3.155   1.00 84.02  ? 4   DC  B "O3'"  1 
ATOM   795  C  "C2'"  . DC  B 2 5  ? 4.175   9.928   1.218   1.00 68.68  ? 4   DC  B "C2'"  1 
ATOM   796  C  "C1'"  . DC  B 2 5  ? 3.991   8.629   2.002   1.00 69.86  ? 4   DC  B "C1'"  1 
ATOM   797  N  N1     . DC  B 2 5  ? 3.653   7.427   1.158   1.00 59.16  ? 4   DC  B N1     1 
ATOM   798  C  C2     . DC  B 2 5  ? 4.487   6.298   1.186   1.00 68.19  ? 4   DC  B C2     1 
ATOM   799  O  O2     . DC  B 2 5  ? 5.501   6.309   1.893   1.00 75.04  ? 4   DC  B O2     1 
ATOM   800  N  N3     . DC  B 2 5  ? 4.160   5.219   0.434   1.00 60.07  ? 4   DC  B N3     1 
ATOM   801  C  C4     . DC  B 2 5  ? 3.058   5.236   -0.314  1.00 67.08  ? 4   DC  B C4     1 
ATOM   802  N  N4     . DC  B 2 5  ? 2.776   4.149   -1.045  1.00 70.61  ? 4   DC  B N4     1 
ATOM   803  C  C5     . DC  B 2 5  ? 2.197   6.371   -0.358  1.00 63.20  ? 4   DC  B C5     1 
ATOM   804  C  C6     . DC  B 2 5  ? 2.524   7.430   0.392   1.00 53.94  ? 4   DC  B C6     1 
ATOM   805  H  "H5'"  . DC  B 2 5  ? 1.394   9.859   0.931   1.00 84.22  ? 4   DC  B "H5'"  1 
ATOM   806  H  "H5''" . DC  B 2 5  ? 0.572   9.331   2.172   1.00 84.22  ? 4   DC  B "H5''" 1 
ATOM   807  H  "H4'"  . DC  B 2 5  ? 2.116   10.547  3.565   1.00 86.01  ? 4   DC  B "H4'"  1 
ATOM   808  H  "H3'"  . DC  B 2 5  ? 3.155   11.699  1.584   1.00 88.19  ? 4   DC  B "H3'"  1 
ATOM   809  H  "H2'"  . DC  B 2 5  ? 3.732   9.876   0.357   1.00 82.58  ? 4   DC  B "H2'"  1 
ATOM   810  H  "H2''" . DC  B 2 5  ? 5.117   10.133  1.110   1.00 82.58  ? 4   DC  B "H2''" 1 
ATOM   811  H  "H1'"  . DC  B 2 5  ? 4.800   8.445   2.505   1.00 84.00  ? 4   DC  B "H1'"  1 
ATOM   812  H  H41    . DC  B 2 5  ? 2.072   4.131   -1.538  1.00 84.90  ? 4   DC  B H41    1 
ATOM   813  H  H42    . DC  B 2 5  ? 3.301   3.467   -1.022  1.00 84.90  ? 4   DC  B H42    1 
ATOM   814  H  H5     . DC  B 2 5  ? 1.429   6.372   -0.882  1.00 76.00  ? 4   DC  B H5     1 
ATOM   815  H  H6     . DC  B 2 5  ? 1.979   8.183   0.382   1.00 64.89  ? 4   DC  B H6     1 
ATOM   816  P  P      . DA  B 2 6  ? 5.414   12.601  2.867   1.00 74.29  ? 5   DA  B P      1 
ATOM   817  O  OP1    . DA  B 2 6  ? 5.503   13.492  4.043   1.00 86.26  ? 5   DA  B OP1    1 
ATOM   818  O  OP2    . DA  B 2 6  ? 5.078   13.151  1.538   1.00 96.37  ? 5   DA  B OP2    1 
ATOM   819  O  "O5'"  . DA  B 2 6  ? 6.792   11.817  2.726   1.00 72.04  ? 5   DA  B "O5'"  1 
ATOM   820  C  "C5'"  . DA  B 2 6  ? 7.438   11.788  1.477   1.00 90.67  ? 5   DA  B "C5'"  1 
ATOM   821  C  "C4'"  . DA  B 2 6  ? 8.462   10.678  1.421   1.00 83.04  ? 5   DA  B "C4'"  1 
ATOM   822  O  "O4'"  . DA  B 2 6  ? 7.806   9.436   1.036   1.00 77.31  ? 5   DA  B "O4'"  1 
ATOM   823  C  "C3'"  . DA  B 2 6  ? 9.566   10.892  0.399   1.00 73.10  ? 5   DA  B "C3'"  1 
ATOM   824  O  "O3'"  . DA  B 2 6  ? 10.797  10.308  0.837   1.00 48.81  ? 5   DA  B "O3'"  1 
ATOM   825  C  "C2'"  . DA  B 2 6  ? 9.002   10.212  -0.831  1.00 73.22  ? 5   DA  B "C2'"  1 
ATOM   826  C  "C1'"  . DA  B 2 6  ? 8.273   9.020   -0.233  1.00 63.63  ? 5   DA  B "C1'"  1 
ATOM   827  N  N9     . DA  B 2 6  ? 7.139   8.563   -1.027  1.00 63.28  ? 5   DA  B N9     1 
ATOM   828  C  C8     . DA  B 2 6  ? 6.055   9.297   -1.423  1.00 71.66  ? 5   DA  B C8     1 
ATOM   829  N  N7     . DA  B 2 6  ? 5.188   8.616   -2.136  1.00 67.82  ? 5   DA  B N7     1 
ATOM   830  C  C5     . DA  B 2 6  ? 5.745   7.351   -2.214  1.00 62.54  ? 5   DA  B C5     1 
ATOM   831  C  C6     . DA  B 2 6  ? 5.317   6.162   -2.836  1.00 61.52  ? 5   DA  B C6     1 
ATOM   832  N  N6     . DA  B 2 6  ? 4.176   6.060   -3.527  1.00 59.83  ? 5   DA  B N6     1 
ATOM   833  N  N1     . DA  B 2 6  ? 6.111   5.078   -2.722  1.00 53.66  ? 5   DA  B N1     1 
ATOM   834  C  C2     . DA  B 2 6  ? 7.249   5.182   -2.031  1.00 59.84  ? 5   DA  B C2     1 
ATOM   835  N  N3     . DA  B 2 6  ? 7.758   6.243   -1.409  1.00 67.84  ? 5   DA  B N3     1 
ATOM   836  C  C4     . DA  B 2 6  ? 6.948   7.304   -1.538  1.00 64.12  ? 5   DA  B C4     1 
ATOM   837  H  "H5'"  . DA  B 2 6  ? 7.882   12.638  1.329   1.00 108.97 ? 5   DA  B "H5'"  1 
ATOM   838  H  "H5''" . DA  B 2 6  ? 6.778   11.648  0.781   1.00 108.97 ? 5   DA  B "H5''" 1 
ATOM   839  H  "H4'"  . DA  B 2 6  ? 8.860   10.568  2.299   1.00 99.81  ? 5   DA  B "H4'"  1 
ATOM   840  H  "H3'"  . DA  B 2 6  ? 9.686   11.840  0.232   1.00 87.88  ? 5   DA  B "H3'"  1 
ATOM   841  H  "HO3'" . DA  B 2 6  ? 11.166  9.711   0.375   1.00 58.74  ? 5   DA  B "HO3'" 1 
ATOM   842  H  "H2'"  . DA  B 2 6  ? 8.382   10.797  -1.295  1.00 88.02  ? 5   DA  B "H2'"  1 
ATOM   843  H  "H2''" . DA  B 2 6  ? 9.714   9.920   -1.422  1.00 88.02  ? 5   DA  B "H2''" 1 
ATOM   844  H  "H1'"  . DA  B 2 6  ? 8.899   8.288   -0.119  1.00 76.52  ? 5   DA  B "H1'"  1 
ATOM   845  H  H8     . DA  B 2 6  ? 5.940   10.194  -1.204  1.00 86.15  ? 5   DA  B H8     1 
ATOM   846  H  H61    . DA  B 2 6  ? 3.959   5.310   -3.889  1.00 71.96  ? 5   DA  B H61    1 
ATOM   847  H  H62    . DA  B 2 6  ? 3.659   6.743   -3.608  1.00 71.96  ? 5   DA  B H62    1 
ATOM   848  H  H2     . DA  B 2 6  ? 7.762   4.407   -1.983  1.00 71.96  ? 5   DA  B H2     1 
ATOM   849  C  "C4'"  . DT  C 3 1  ? -26.796 -11.303 23.984  1.00 77.91  ? 1   DT  C "C4'"  1 
ATOM   850  O  "O4'"  . DT  C 3 1  ? -25.873 -12.041 24.813  1.00 82.67  ? 1   DT  C "O4'"  1 
ATOM   851  C  "C3'"  . DT  C 3 1  ? -25.933 -10.614 22.923  1.00 84.47  ? 1   DT  C "C3'"  1 
ATOM   852  O  "O3'"  . DT  C 3 1  ? -26.334 -9.241  22.723  1.00 86.46  ? 1   DT  C "O3'"  1 
ATOM   853  C  "C2'"  . DT  C 3 1  ? -24.498 -10.727 23.452  1.00 84.25  ? 1   DT  C "C2'"  1 
ATOM   854  C  "C1'"  . DT  C 3 1  ? -24.650 -11.350 24.833  1.00 86.96  ? 1   DT  C "C1'"  1 
ATOM   855  N  N1     . DT  C 3 1  ? -23.558 -12.302 25.187  1.00 86.30  ? 1   DT  C N1     1 
ATOM   856  C  C2     . DT  C 3 1  ? -22.623 -11.933 26.128  1.00 95.95  ? 1   DT  C C2     1 
ATOM   857  O  O2     . DT  C 3 1  ? -22.645 -10.862 26.710  1.00 98.97  ? 1   DT  C O2     1 
ATOM   858  N  N3     . DT  C 3 1  ? -21.658 -12.873 26.377  1.00 96.53  ? 1   DT  C N3     1 
ATOM   859  C  C4     . DT  C 3 1  ? -21.534 -14.117 25.787  1.00 95.03  ? 1   DT  C C4     1 
ATOM   860  O  O4     . DT  C 3 1  ? -20.629 -14.893 26.079  1.00 81.57  ? 1   DT  C O4     1 
ATOM   861  C  C5     . DT  C 3 1  ? -22.540 -14.437 24.802  1.00 91.57  ? 1   DT  C C5     1 
ATOM   862  C  C7     . DT  C 3 1  ? -22.506 -15.760 24.096  1.00 96.48  ? 1   DT  C C7     1 
ATOM   863  C  C6     . DT  C 3 1  ? -23.492 -13.525 24.549  1.00 85.16  ? 1   DT  C C6     1 
ATOM   864  H  "H3'"  . DT  C 3 1  ? -26.006 -11.096 22.085  1.00 101.53 ? 1   DT  C "H3'"  1 
ATOM   865  H  "H2'"  . DT  C 3 1  ? -23.970 -11.303 22.878  1.00 101.26 ? 1   DT  C "H2'"  1 
ATOM   866  H  "H2''" . DT  C 3 1  ? -24.091 -9.849  23.520  1.00 101.26 ? 1   DT  C "H2''" 1 
ATOM   867  H  "H1'"  . DT  C 3 1  ? -24.692 -10.647 25.500  1.00 104.52 ? 1   DT  C "H1'"  1 
ATOM   868  H  H3     . DT  C 3 1  ? -21.068 -12.667 26.967  1.00 116.00 ? 1   DT  C H3     1 
ATOM   869  H  H71    . DT  C 3 1  ? -23.327 -16.244 24.275  1.00 115.94 ? 1   DT  C H71    1 
ATOM   870  H  H72    . DT  C 3 1  ? -22.418 -15.615 23.141  1.00 115.94 ? 1   DT  C H72    1 
ATOM   871  H  H73    . DT  C 3 1  ? -21.750 -16.277 24.416  1.00 115.94 ? 1   DT  C H73    1 
ATOM   872  H  H6     . DT  C 3 1  ? -24.142 -13.729 23.916  1.00 102.36 ? 1   DT  C H6     1 
ATOM   873  P  P      . DC  C 3 2  ? -26.366 -8.178  23.935  1.00 108.52 ? 2   DC  C P      1 
ATOM   874  O  OP1    . DC  C 3 2  ? -27.081 -8.777  25.080  1.00 107.77 ? 2   DC  C OP1    1 
ATOM   875  O  OP2    . DC  C 3 2  ? -26.839 -6.899  23.359  1.00 79.11  ? 2   DC  C OP2    1 
ATOM   876  O  "O5'"  . DC  C 3 2  ? -24.838 -7.976  24.364  1.00 81.39  ? 2   DC  C "O5'"  1 
ATOM   877  C  "C5'"  . DC  C 3 2  ? -24.300 -6.662  24.442  1.00 82.27  ? 2   DC  C "C5'"  1 
ATOM   878  C  "C4'"  . DC  C 3 2  ? -23.078 -6.617  25.341  1.00 85.06  ? 2   DC  C "C4'"  1 
ATOM   879  O  "O4'"  . DC  C 3 2  ? -22.505 -7.956  25.467  1.00 91.60  ? 2   DC  C "O4'"  1 
ATOM   880  C  "C3'"  . DC  C 3 2  ? -21.938 -5.743  24.822  1.00 86.79  ? 2   DC  C "C3'"  1 
ATOM   881  O  "O3'"  . DC  C 3 2  ? -21.244 -5.126  25.907  1.00 91.06  ? 2   DC  C "O3'"  1 
ATOM   882  C  "C2'"  . DC  C 3 2  ? -21.081 -6.763  24.090  1.00 94.78  ? 2   DC  C "C2'"  1 
ATOM   883  C  "C1'"  . DC  C 3 2  ? -21.144 -7.908  25.077  1.00 87.53  ? 2   DC  C "C1'"  1 
ATOM   884  N  N1     . DC  C 3 2  ? -20.729 -9.264  24.557  1.00 87.41  ? 2   DC  C N1     1 
ATOM   885  C  C2     . DC  C 3 2  ? -19.616 -9.907  25.119  1.00 97.24  ? 2   DC  C C2     1 
ATOM   886  O  O2     . DC  C 3 2  ? -18.975 -9.337  26.010  1.00 100.71 ? 2   DC  C O2     1 
ATOM   887  N  N3     . DC  C 3 2  ? -19.265 -11.136 24.665  1.00 92.80  ? 2   DC  C N3     1 
ATOM   888  C  C4     . DC  C 3 2  ? -19.979 -11.722 23.705  1.00 90.27  ? 2   DC  C C4     1 
ATOM   889  N  N4     . DC  C 3 2  ? -19.591 -12.935 23.294  1.00 86.11  ? 2   DC  C N4     1 
ATOM   890  C  C5     . DC  C 3 2  ? -21.119 -11.092 23.126  1.00 89.90  ? 2   DC  C C5     1 
ATOM   891  C  C6     . DC  C 3 2  ? -21.458 -9.877  23.580  1.00 88.25  ? 2   DC  C C6     1 
ATOM   892  H  "H5'"  . DC  C 3 2  ? -24.975 -6.062  24.797  1.00 98.88  ? 2   DC  C "H5'"  1 
ATOM   893  H  "H5''" . DC  C 3 2  ? -24.050 -6.367  23.553  1.00 98.88  ? 2   DC  C "H5''" 1 
ATOM   894  H  "H4'"  . DC  C 3 2  ? -23.343 -6.304  26.219  1.00 102.23 ? 2   DC  C "H4'"  1 
ATOM   895  H  "H3'"  . DC  C 3 2  ? -22.274 -5.075  24.205  1.00 104.31 ? 2   DC  C "H3'"  1 
ATOM   896  H  "H2'"  . DC  C 3 2  ? -21.479 -7.010  23.240  1.00 113.90 ? 2   DC  C "H2'"  1 
ATOM   897  H  "H2''" . DC  C 3 2  ? -20.172 -6.444  23.978  1.00 113.90 ? 2   DC  C "H2''" 1 
ATOM   898  H  "H1'"  . DC  C 3 2  ? -20.602 -7.686  25.851  1.00 105.20 ? 2   DC  C "H1'"  1 
ATOM   899  H  H41    . DC  C 3 2  ? -20.031 -13.341 22.676  1.00 103.50 ? 2   DC  C H41    1 
ATOM   900  H  H42    . DC  C 3 2  ? -18.901 -13.308 23.646  1.00 103.50 ? 2   DC  C H42    1 
ATOM   901  H  H5     . DC  C 3 2  ? -21.612 -11.510 22.458  1.00 108.04 ? 2   DC  C H5     1 
ATOM   902  H  H6     . DC  C 3 2  ? -22.200 -9.445  23.222  1.00 106.07 ? 2   DC  C H6     1 
ATOM   903  P  P      . DT  C 3 3  ? -20.319 -3.833  25.667  1.00 113.86 ? 3   DT  C P      1 
ATOM   904  O  OP1    . DT  C 3 3  ? -20.036 -3.241  26.992  1.00 114.07 ? 3   DT  C OP1    1 
ATOM   905  O  OP2    . DT  C 3 3  ? -20.961 -3.012  24.614  1.00 94.24  ? 3   DT  C OP2    1 
ATOM   906  O  "O5'"  . DT  C 3 3  ? -18.939 -4.436  25.124  1.00 101.63 ? 3   DT  C "O5'"  1 
ATOM   907  C  "C5'"  . DT  C 3 3  ? -18.371 -5.585  25.751  1.00 101.88 ? 3   DT  C "C5'"  1 
ATOM   908  C  "C4'"  . DT  C 3 3  ? -16.912 -5.366  26.112  1.00 116.46 ? 3   DT  C "C4'"  1 
ATOM   909  O  "O4'"  . DT  C 3 3  ? -16.188 -6.601  25.910  1.00 119.27 ? 3   DT  C "O4'"  1 
ATOM   910  C  "C3'"  . DT  C 3 3  ? -16.169 -4.327  25.286  1.00 110.27 ? 3   DT  C "C3'"  1 
ATOM   911  O  "O3'"  . DT  C 3 3  ? -15.171 -3.677  26.079  1.00 107.36 ? 3   DT  C "O3'"  1 
ATOM   912  C  "C2'"  . DT  C 3 3  ? -15.571 -5.137  24.132  1.00 103.18 ? 3   DT  C "C2'"  1 
ATOM   913  C  "C1'"  . DT  C 3 3  ? -15.500 -6.575  24.671  1.00 103.41 ? 3   DT  C "C1'"  1 
ATOM   914  N  N1     . DT  C 3 3  ? -16.103 -7.636  23.753  1.00 94.77  ? 3   DT  C N1     1 
ATOM   915  C  C2     . DT  C 3 3  ? -15.531 -8.891  23.720  1.00 94.15  ? 3   DT  C C2     1 
ATOM   916  O  O2     . DT  C 3 3  ? -14.559 -9.199  24.388  1.00 98.59  ? 3   DT  C O2     1 
ATOM   917  N  N3     . DT  C 3 3  ? -16.145 -9.784  22.878  1.00 84.08  ? 3   DT  C N3     1 
ATOM   918  C  C4     . DT  C 3 3  ? -17.249 -9.554  22.079  1.00 82.84  ? 3   DT  C C4     1 
ATOM   919  O  O4     . DT  C 3 3  ? -17.724 -10.422 21.354  1.00 79.70  ? 3   DT  C O4     1 
ATOM   920  C  C5     . DT  C 3 3  ? -17.802 -8.222  22.155  1.00 83.61  ? 3   DT  C C5     1 
ATOM   921  C  C7     . DT  C 3 3  ? -19.002 -7.859  21.326  1.00 83.21  ? 3   DT  C C7     1 
ATOM   922  C  C6     . DT  C 3 3  ? -17.211 -7.335  22.978  1.00 83.72  ? 3   DT  C C6     1 
ATOM   923  H  "H5'"  . DT  C 3 3  ? -18.437 -6.338  25.145  1.00 122.42 ? 3   DT  C "H5'"  1 
ATOM   924  H  "H5''" . DT  C 3 3  ? -18.870 -5.783  26.558  1.00 122.42 ? 3   DT  C "H5''" 1 
ATOM   925  H  "H4'"  . DT  C 3 3  ? -16.856 -5.119  27.049  1.00 139.92 ? 3   DT  C "H4'"  1 
ATOM   926  H  "H3'"  . DT  C 3 3  ? -16.795 -3.672  24.938  1.00 132.49 ? 3   DT  C "H3'"  1 
ATOM   927  H  "H2'"  . DT  C 3 3  ? -16.149 -5.096  23.354  1.00 123.98 ? 3   DT  C "H2'"  1 
ATOM   928  H  "H2''" . DT  C 3 3  ? -14.683 -4.813  23.915  1.00 123.98 ? 3   DT  C "H2''" 1 
ATOM   929  H  "H1'"  . DT  C 3 3  ? -14.569 -6.798  24.829  1.00 124.26 ? 3   DT  C "H1'"  1 
ATOM   930  H  H3     . DT  C 3 3  ? -15.806 -10.574 22.843  1.00 101.06 ? 3   DT  C H3     1 
ATOM   931  H  H71    . DT  C 3 3  ? -19.275 -8.628  20.800  1.00 100.02 ? 3   DT  C H71    1 
ATOM   932  H  H72    . DT  C 3 3  ? -19.728 -7.591  21.909  1.00 100.02 ? 3   DT  C H72    1 
ATOM   933  H  H73    . DT  C 3 3  ? -18.775 -7.126  20.732  1.00 100.02 ? 3   DT  C H73    1 
ATOM   934  H  H6     . DT  C 3 3  ? -17.566 -6.477  23.029  1.00 100.62 ? 3   DT  C H6     1 
ATOM   935  P  P      . DG  C 3 4  ? -14.308 -2.462  25.474  1.00 102.38 ? 4   DG  C P      1 
ATOM   936  O  OP1    . DG  C 3 4  ? -13.977 -1.525  26.568  1.00 121.37 ? 4   DG  C OP1    1 
ATOM   937  O  OP2    . DG  C 3 4  ? -15.013 -1.961  24.275  1.00 102.85 ? 4   DG  C OP2    1 
ATOM   938  O  "O5'"  . DG  C 3 4  ? -12.959 -3.163  24.989  1.00 108.42 ? 4   DG  C "O5'"  1 
ATOM   939  C  "C5'"  . DG  C 3 4  ? -12.325 -4.135  25.809  1.00 109.25 ? 4   DG  C "C5'"  1 
ATOM   940  C  "C4'"  . DG  C 3 4  ? -11.278 -4.889  25.018  1.00 116.36 ? 4   DG  C "C4'"  1 
ATOM   941  O  "O4'"  . DG  C 3 4  ? -11.933 -5.826  24.112  1.00 110.22 ? 4   DG  C "O4'"  1 
ATOM   942  C  "C3'"  . DG  C 3 4  ? -10.402 -4.012  24.130  1.00 103.08 ? 4   DG  C "C3'"  1 
ATOM   943  O  "O3'"  . DG  C 3 4  ? -9.093  -4.547  24.042  1.00 94.52  ? 4   DG  C "O3'"  1 
ATOM   944  C  "C2'"  . DG  C 3 4  ? -11.134 -4.068  22.801  1.00 95.64  ? 4   DG  C "C2'"  1 
ATOM   945  C  "C1'"  . DG  C 3 4  ? -11.570 -5.521  22.779  1.00 96.19  ? 4   DG  C "C1'"  1 
ATOM   946  N  N9     . DG  C 3 4  ? -12.698 -5.815  21.896  1.00 86.37  ? 4   DG  C N9     1 
ATOM   947  C  C8     . DG  C 3 4  ? -13.668 -4.951  21.442  1.00 87.66  ? 4   DG  C C8     1 
ATOM   948  N  N7     . DG  C 3 4  ? -14.546 -5.522  20.661  1.00 76.00  ? 4   DG  C N7     1 
ATOM   949  C  C5     . DG  C 3 4  ? -14.127 -6.844  20.589  1.00 75.23  ? 4   DG  C C5     1 
ATOM   950  C  C6     . DG  C 3 4  ? -14.679 -7.946  19.890  1.00 69.81  ? 4   DG  C C6     1 
ATOM   951  O  O6     . DG  C 3 4  ? -15.685 -7.978  19.165  1.00 67.39  ? 4   DG  C O6     1 
ATOM   952  N  N1     . DG  C 3 4  ? -13.937 -9.106  20.094  1.00 70.75  ? 4   DG  C N1     1 
ATOM   953  C  C2     . DG  C 3 4  ? -12.805 -9.188  20.876  1.00 78.82  ? 4   DG  C C2     1 
ATOM   954  N  N2     . DG  C 3 4  ? -12.219 -10.388 20.958  1.00 82.27  ? 4   DG  C N2     1 
ATOM   955  N  N3     . DG  C 3 4  ? -12.283 -8.168  21.532  1.00 80.57  ? 4   DG  C N3     1 
ATOM   956  C  C4     . DG  C 3 4  ? -12.991 -7.034  21.344  1.00 81.71  ? 4   DG  C C4     1 
ATOM   957  H  "H5'"  . DG  C 3 4  ? -12.989 -4.760  26.138  1.00 131.26 ? 4   DG  C "H5'"  1 
ATOM   958  H  "H5''" . DG  C 3 4  ? -11.901 -3.692  26.561  1.00 131.26 ? 4   DG  C "H5''" 1 
ATOM   959  H  "H4'"  . DG  C 3 4  ? -10.713 -5.384  25.632  1.00 139.80 ? 4   DG  C "H4'"  1 
ATOM   960  H  "H3'"  . DG  C 3 4  ? -10.378 -3.103  24.468  1.00 123.86 ? 4   DG  C "H3'"  1 
ATOM   961  H  "H2'"  . DG  C 3 4  ? -11.900 -3.473  22.801  1.00 114.93 ? 4   DG  C "H2'"  1 
ATOM   962  H  "H2''" . DG  C 3 4  ? -10.534 -3.871  22.065  1.00 114.93 ? 4   DG  C "H2''" 1 
ATOM   963  H  "H1'"  . DG  C 3 4  ? -10.815 -6.073  22.522  1.00 115.59 ? 4   DG  C "H1'"  1 
ATOM   964  H  H8     . DG  C 3 4  ? -13.699 -4.052  21.675  1.00 105.35 ? 4   DG  C H8     1 
ATOM   965  H  H1     . DG  C 3 4  ? -14.204 -9.823  19.702  1.00 85.06  ? 4   DG  C H1     1 
ATOM   966  H  H21    . DG  C 3 4  ? -11.510 -10.488 21.434  1.00 98.88  ? 4   DG  C H21    1 
ATOM   967  H  H22    . DG  C 3 4  ? -12.551 -11.057 20.535  1.00 98.88  ? 4   DG  C H22    1 
ATOM   968  P  P      . DA  C 3 5  ? -7.814  -3.625  24.339  1.00 119.70 ? 5   DA  C P      1 
ATOM   969  O  OP1    . DA  C 3 5  ? -7.666  -3.545  25.810  1.00 111.31 ? 5   DA  C OP1    1 
ATOM   970  O  OP2    . DA  C 3 5  ? -7.971  -2.381  23.551  1.00 128.10 ? 5   DA  C OP2    1 
ATOM   971  O  "O5'"  . DA  C 3 5  ? -6.587  -4.465  23.734  1.00 115.03 ? 5   DA  C "O5'"  1 
ATOM   972  C  "C5'"  . DA  C 3 5  ? -5.995  -5.524  24.497  1.00 109.46 ? 5   DA  C "C5'"  1 
ATOM   973  C  "C4'"  . DA  C 3 5  ? -5.816  -6.787  23.660  1.00 99.32  ? 5   DA  C "C4'"  1 
ATOM   974  O  "O4'"  . DA  C 3 5  ? -7.036  -7.040  22.899  1.00 98.57  ? 5   DA  C "O4'"  1 
ATOM   975  C  "C3'"  . DA  C 3 5  ? -4.697  -6.741  22.618  1.00 93.12  ? 5   DA  C "C3'"  1 
ATOM   976  O  "O3'"  . DA  C 3 5  ? -4.116  -8.047  22.443  1.00 92.97  ? 5   DA  C "O3'"  1 
ATOM   977  C  "C2'"  . DA  C 3 5  ? -5.438  -6.264  21.380  1.00 90.92  ? 5   DA  C "C2'"  1 
ATOM   978  C  "C1'"  . DA  C 3 5  ? -6.744  -7.029  21.512  1.00 83.13  ? 5   DA  C "C1'"  1 
ATOM   979  N  N9     . DA  C 3 5  ? -7.879  -6.443  20.802  1.00 81.86  ? 5   DA  C N9     1 
ATOM   980  C  C8     . DA  C 3 5  ? -8.326  -5.153  20.878  1.00 85.17  ? 5   DA  C C8     1 
ATOM   981  N  N7     . DA  C 3 5  ? -9.380  -4.914  20.136  1.00 84.78  ? 5   DA  C N7     1 
ATOM   982  C  C5     . DA  C 3 5  ? -9.652  -6.134  19.542  1.00 82.87  ? 5   DA  C C5     1 
ATOM   983  C  C6     . DA  C 3 5  ? -10.651 -6.545  18.641  1.00 75.61  ? 5   DA  C C6     1 
ATOM   984  N  N6     . DA  C 3 5  ? -11.594 -5.724  18.175  1.00 71.47  ? 5   DA  C N6     1 
ATOM   985  N  N1     . DA  C 3 5  ? -10.641 -7.833  18.239  1.00 71.48  ? 5   DA  C N1     1 
ATOM   986  C  C2     . DA  C 3 5  ? -9.690  -8.648  18.713  1.00 80.40  ? 5   DA  C C2     1 
ATOM   987  N  N3     . DA  C 3 5  ? -8.701  -8.376  19.563  1.00 81.92  ? 5   DA  C N3     1 
ATOM   988  C  C4     . DA  C 3 5  ? -8.739  -7.088  19.943  1.00 83.99  ? 5   DA  C C4     1 
ATOM   989  H  "H5'"  . DA  C 3 5  ? -6.566  -5.725  25.255  1.00 131.51 ? 5   DA  C "H5'"  1 
ATOM   990  H  "H5''" . DA  C 3 5  ? -5.129  -5.235  24.821  1.00 131.51 ? 5   DA  C "H5''" 1 
ATOM   991  H  "H4'"  . DA  C 3 5  ? -5.659  -7.536  24.255  1.00 119.35 ? 5   DA  C "H4'"  1 
ATOM   992  H  "H3'"  . DA  C 3 5  ? -4.020  -6.097  22.877  1.00 111.91 ? 5   DA  C "H3'"  1 
ATOM   993  H  "H2'"  . DA  C 3 5  ? -5.590  -5.307  21.413  1.00 109.27 ? 5   DA  C "H2'"  1 
ATOM   994  H  "H2''" . DA  C 3 5  ? -4.965  -6.519  20.572  1.00 109.27 ? 5   DA  C "H2''" 1 
ATOM   995  H  "H1'"  . DA  C 3 5  ? -6.613  -7.940  21.206  1.00 99.91  ? 5   DA  C "H1'"  1 
ATOM   996  H  H8     . DA  C 3 5  ? -7.914  -4.503  21.400  1.00 102.36 ? 5   DA  C H8     1 
ATOM   997  H  H61    . DA  C 3 5  ? -12.186 -6.018  17.624  1.00 85.92  ? 5   DA  C H61    1 
ATOM   998  H  H62    . DA  C 3 5  ? -11.611 -4.901  18.424  1.00 85.92  ? 5   DA  C H62    1 
ATOM   999  H  H2     . DA  C 3 5  ? -9.727  -9.526  18.409  1.00 96.65  ? 5   DA  C H2     1 
ATOM   1000 P  P      . DG  C 3 6  ? -2.681  -8.227  21.736  1.00 101.98 ? 6   DG  C P      1 
ATOM   1001 O  OP1    . DG  C 3 6  ? -1.850  -9.067  22.630  1.00 117.51 ? 6   DG  C OP1    1 
ATOM   1002 O  OP2    . DG  C 3 6  ? -2.211  -6.883  21.330  1.00 75.50  ? 6   DG  C OP2    1 
ATOM   1003 O  "O5'"  . DG  C 3 6  ? -3.000  -9.081  20.415  1.00 82.90  ? 6   DG  C "O5'"  1 
ATOM   1004 C  "C5'"  . DG  C 3 6  ? -4.114  -8.732  19.609  1.00 88.64  ? 6   DG  C "C5'"  1 
ATOM   1005 C  "C4'"  . DG  C 3 6  ? -4.455  -9.823  18.615  1.00 85.78  ? 6   DG  C "C4'"  1 
ATOM   1006 O  "O4'"  . DG  C 3 6  ? -5.822  -9.621  18.165  1.00 78.16  ? 6   DG  C "O4'"  1 
ATOM   1007 C  "C3'"  . DG  C 3 6  ? -3.596  -9.845  17.357  1.00 74.74  ? 6   DG  C "C3'"  1 
ATOM   1008 O  "O3'"  . DG  C 3 6  ? -3.372  -11.179 16.905  1.00 79.04  ? 6   DG  C "O3'"  1 
ATOM   1009 C  "C2'"  . DG  C 3 6  ? -4.401  -9.027  16.356  1.00 70.10  ? 6   DG  C "C2'"  1 
ATOM   1010 C  "C1'"  . DG  C 3 6  ? -5.847  -9.184  16.820  1.00 67.11  ? 6   DG  C "C1'"  1 
ATOM   1011 N  N9     . DG  C 3 6  ? -6.605  -7.936  16.720  1.00 70.92  ? 6   DG  C N9     1 
ATOM   1012 C  C8     . DG  C 3 6  ? -6.272  -6.714  17.260  1.00 70.13  ? 6   DG  C C8     1 
ATOM   1013 N  N7     . DG  C 3 6  ? -7.122  -5.767  16.968  1.00 65.41  ? 6   DG  C N7     1 
ATOM   1014 C  C5     . DG  C 3 6  ? -8.073  -6.396  16.175  1.00 64.36  ? 6   DG  C C5     1 
ATOM   1015 C  C6     . DG  C 3 6  ? -9.240  -5.874  15.563  1.00 68.89  ? 6   DG  C C6     1 
ATOM   1016 O  O6     . DG  C 3 6  ? -9.680  -4.715  15.605  1.00 66.37  ? 6   DG  C O6     1 
ATOM   1017 N  N1     . DG  C 3 6  ? -9.926  -6.853  14.845  1.00 65.52  ? 6   DG  C N1     1 
ATOM   1018 C  C2     . DG  C 3 6  ? -9.532  -8.171  14.734  1.00 65.26  ? 6   DG  C C2     1 
ATOM   1019 N  N2     . DG  C 3 6  ? -10.312 -8.976  13.999  1.00 59.55  ? 6   DG  C N2     1 
ATOM   1020 N  N3     . DG  C 3 6  ? -8.441  -8.668  15.303  1.00 59.47  ? 6   DG  C N3     1 
ATOM   1021 C  C4     . DG  C 3 6  ? -7.763  -7.728  16.004  1.00 65.87  ? 6   DG  C C4     1 
ATOM   1022 H  "H5'"  . DG  C 3 6  ? -3.910  -7.917  19.125  1.00 106.53 ? 6   DG  C "H5'"  1 
ATOM   1023 H  "H5''" . DG  C 3 6  ? -4.880  -8.575  20.181  1.00 106.53 ? 6   DG  C "H5''" 1 
ATOM   1024 H  "H4'"  . DG  C 3 6  ? -4.392  -10.684 19.057  1.00 103.09 ? 6   DG  C "H4'"  1 
ATOM   1025 H  "H3'"  . DG  C 3 6  ? -2.747  -9.409  17.530  1.00 89.85  ? 6   DG  C "H3'"  1 
ATOM   1026 H  "H2'"  . DG  C 3 6  ? -4.134  -8.094  16.388  1.00 84.28  ? 6   DG  C "H2'"  1 
ATOM   1027 H  "H2''" . DG  C 3 6  ? -4.292  -9.382  15.461  1.00 84.28  ? 6   DG  C "H2''" 1 
ATOM   1028 H  "H1'"  . DG  C 3 6  ? -6.281  -9.861  16.278  1.00 80.70  ? 6   DG  C "H1'"  1 
ATOM   1029 H  H8     . DG  C 3 6  ? -5.515  -6.577  17.783  1.00 84.32  ? 6   DG  C H8     1 
ATOM   1030 H  H1     . DG  C 3 6  ? -10.649 -6.619  14.443  1.00 78.78  ? 6   DG  C H1     1 
ATOM   1031 H  H21    . DG  C 3 6  ? -10.104 -9.804  13.900  1.00 71.62  ? 6   DG  C H21    1 
ATOM   1032 H  H22    . DG  C 3 6  ? -11.022 -8.665  13.626  1.00 71.62  ? 6   DG  C H22    1 
ATOM   1033 P  P      . DT  C 3 7  ? -2.476  -11.439 15.595  1.00 73.79  ? 7   DT  C P      1 
ATOM   1034 O  OP1    . DT  C 3 7  ? -1.845  -12.772 15.715  1.00 80.40  ? 7   DT  C OP1    1 
ATOM   1035 O  OP2    . DT  C 3 7  ? -1.646  -10.235 15.377  1.00 95.94  ? 7   DT  C OP2    1 
ATOM   1036 O  "O5'"  . DT  C 3 7  ? -3.544  -11.495 14.407  1.00 76.92  ? 7   DT  C "O5'"  1 
ATOM   1037 C  "C5'"  . DT  C 3 7  ? -4.518  -12.525 14.390  1.00 66.35  ? 7   DT  C "C5'"  1 
ATOM   1038 C  "C4'"  . DT  C 3 7  ? -5.596  -12.251 13.357  1.00 60.83  ? 7   DT  C "C4'"  1 
ATOM   1039 O  "O4'"  . DT  C 3 7  ? -6.113  -10.921 13.532  1.00 70.60  ? 7   DT  C "O4'"  1 
ATOM   1040 C  "C3'"  . DT  C 3 7  ? -5.139  -12.325 11.899  1.00 55.61  ? 7   DT  C "C3'"  1 
ATOM   1041 O  "O3'"  . DT  C 3 7  ? -5.622  -13.524 11.316  1.00 54.84  ? 7   DT  C "O3'"  1 
ATOM   1042 C  "C2'"  . DT  C 3 7  ? -5.726  -11.060 11.235  1.00 53.44  ? 7   DT  C "C2'"  1 
ATOM   1043 C  "C1'"  . DT  C 3 7  ? -6.649  -10.488 12.308  1.00 61.94  ? 7   DT  C "C1'"  1 
ATOM   1044 N  N1     . DT  C 3 7  ? -6.742  -8.995  12.365  1.00 57.38  ? 7   DT  C N1     1 
ATOM   1045 C  C2     . DT  C 3 7  ? -7.841  -8.346  11.830  1.00 62.21  ? 7   DT  C C2     1 
ATOM   1046 O  O2     . DT  C 3 7  ? -8.744  -8.920  11.244  1.00 58.43  ? 7   DT  C O2     1 
ATOM   1047 N  N3     . DT  C 3 7  ? -7.827  -6.983  11.984  1.00 61.73  ? 7   DT  C N3     1 
ATOM   1048 C  C4     . DT  C 3 7  ? -6.863  -6.227  12.623  1.00 63.97  ? 7   DT  C C4     1 
ATOM   1049 O  O4     . DT  C 3 7  ? -6.935  -5.008  12.714  1.00 69.17  ? 7   DT  C O4     1 
ATOM   1050 C  C5     . DT  C 3 7  ? -5.764  -6.965  13.174  1.00 48.78  ? 7   DT  C C5     1 
ATOM   1051 C  C7     . DT  C 3 7  ? -4.675  -6.235  13.886  1.00 55.54  ? 7   DT  C C7     1 
ATOM   1052 C  C6     . DT  C 3 7  ? -5.756  -8.298  13.031  1.00 49.16  ? 7   DT  C C6     1 
ATOM   1053 H  "H5'"  . DT  C 3 7  ? -4.928  -12.588 15.268  1.00 79.79  ? 7   DT  C "H5'"  1 
ATOM   1054 H  "H5''" . DT  C 3 7  ? -4.085  -13.368 14.182  1.00 79.79  ? 7   DT  C "H5''" 1 
ATOM   1055 H  "H4'"  . DT  C 3 7  ? -6.318  -12.885 13.488  1.00 73.16  ? 7   DT  C "H4'"  1 
ATOM   1056 H  "H3'"  . DT  C 3 7  ? -4.170  -12.301 11.856  1.00 66.90  ? 7   DT  C "H3'"  1 
ATOM   1057 H  "H2'"  . DT  C 3 7  ? -5.021  -10.430 11.019  1.00 64.29  ? 7   DT  C "H2'"  1 
ATOM   1058 H  "H2''" . DT  C 3 7  ? -6.231  -11.295 10.440  1.00 64.29  ? 7   DT  C "H2''" 1 
ATOM   1059 H  "H1'"  . DT  C 3 7  ? -7.538  -10.860 12.198  1.00 74.49  ? 7   DT  C "H1'"  1 
ATOM   1060 H  H3     . DT  C 3 7  ? -8.492  -6.553  11.651  1.00 74.24  ? 7   DT  C H3     1 
ATOM   1061 H  H71    . DT  C 3 7  ? -4.864  -5.284  13.880  1.00 66.81  ? 7   DT  C H71    1 
ATOM   1062 H  H72    . DT  C 3 7  ? -4.622  -6.549  14.802  1.00 66.81  ? 7   DT  C H72    1 
ATOM   1063 H  H73    . DT  C 3 7  ? -3.830  -6.400  13.439  1.00 66.81  ? 7   DT  C H73    1 
ATOM   1064 H  H6     . DT  C 3 7  ? -5.044  -8.776  13.390  1.00 59.15  ? 7   DT  C H6     1 
ATOM   1065 P  P      . DG  C 3 8  ? -5.315  -13.855 9.780   1.00 77.02  ? 8   DG  C P      1 
ATOM   1066 O  OP1    . DG  C 3 8  ? -5.318  -15.326 9.615   1.00 82.38  ? 8   DG  C OP1    1 
ATOM   1067 O  OP2    . DG  C 3 8  ? -4.123  -13.061 9.405   1.00 67.28  ? 8   DG  C OP2    1 
ATOM   1068 O  "O5'"  . DG  C 3 8  ? -6.585  -13.273 9.013   1.00 52.53  ? 8   DG  C "O5'"  1 
ATOM   1069 C  "C5'"  . DG  C 3 8  ? -6.464  -12.840 7.682   1.00 70.14  ? 8   DG  C "C5'"  1 
ATOM   1070 C  "C4'"  . DG  C 3 8  ? -7.356  -11.650 7.429   1.00 61.22  ? 8   DG  C "C4'"  1 
ATOM   1071 O  "O4'"  . DG  C 3 8  ? -7.041  -10.601 8.370   1.00 67.82  ? 8   DG  C "O4'"  1 
ATOM   1072 C  "C3'"  . DG  C 3 8  ? -7.198  -11.036 6.044   1.00 59.37  ? 8   DG  C "C3'"  1 
ATOM   1073 O  "O3'"  . DG  C 3 8  ? -8.350  -11.285 5.260   1.00 64.29  ? 8   DG  C "O3'"  1 
ATOM   1074 C  "C2'"  . DG  C 3 8  ? -6.992  -9.542  6.301   1.00 60.43  ? 8   DG  C "C2'"  1 
ATOM   1075 C  "C1'"  . DG  C 3 8  ? -7.334  -9.372  7.772   1.00 53.75  ? 8   DG  C "C1'"  1 
ATOM   1076 N  N9     . DG  C 3 8  ? -6.580  -8.325  8.451   1.00 53.12  ? 8   DG  C N9     1 
ATOM   1077 C  C8     . DG  C 3 8  ? -5.353  -8.442  9.057   1.00 58.64  ? 8   DG  C C8     1 
ATOM   1078 N  N7     . DG  C 3 8  ? -4.933  -7.330  9.597   1.00 56.04  ? 8   DG  C N7     1 
ATOM   1079 C  C5     . DG  C 3 8  ? -5.952  -6.423  9.337   1.00 59.99  ? 8   DG  C C5     1 
ATOM   1080 C  C6     . DG  C 3 8  ? -6.068  -5.054  9.680   1.00 62.22  ? 8   DG  C C6     1 
ATOM   1081 O  O6     . DG  C 3 8  ? -5.268  -4.343  10.302  1.00 60.63  ? 8   DG  C O6     1 
ATOM   1082 N  N1     . DG  C 3 8  ? -7.265  -4.508  9.219   1.00 59.31  ? 8   DG  C N1     1 
ATOM   1083 C  C2     . DG  C 3 8  ? -8.226  -5.203  8.521   1.00 62.31  ? 8   DG  C C2     1 
ATOM   1084 N  N2     . DG  C 3 8  ? -9.315  -4.517  8.159   1.00 63.75  ? 8   DG  C N2     1 
ATOM   1085 N  N3     . DG  C 3 8  ? -8.129  -6.482  8.195   1.00 55.98  ? 8   DG  C N3     1 
ATOM   1086 C  C4     . DG  C 3 8  ? -6.970  -7.025  8.634   1.00 54.68  ? 8   DG  C C4     1 
ATOM   1087 H  "H5'"  . DG  C 3 8  ? -6.716  -13.563 7.086   1.00 84.33  ? 8   DG  C "H5'"  1 
ATOM   1088 H  "H5''" . DG  C 3 8  ? -5.541  -12.591 7.510   1.00 84.33  ? 8   DG  C "H5''" 1 
ATOM   1089 H  "H4'"  . DG  C 3 8  ? -8.280  -11.918 7.552   1.00 73.63  ? 8   DG  C "H4'"  1 
ATOM   1090 H  "H3'"  . DG  C 3 8  ? -6.415  -11.405 5.608   1.00 71.41  ? 8   DG  C "H3'"  1 
ATOM   1091 H  "HO3'" . DG  C 3 8  ? -8.800  -10.644 4.960   1.00 77.30  ? 8   DG  C "HO3'" 1 
ATOM   1092 H  "H2'"  . DG  C 3 8  ? -6.068  -9.292  6.136   1.00 72.68  ? 8   DG  C "H2'"  1 
ATOM   1093 H  "H2''" . DG  C 3 8  ? -7.592  -9.015  5.750   1.00 72.68  ? 8   DG  C "H2''" 1 
ATOM   1094 H  "H1'"  . DG  C 3 8  ? -8.283  -9.192  7.860   1.00 64.67  ? 8   DG  C "H1'"  1 
ATOM   1095 H  H8     . DG  C 3 8  ? -4.866  -9.234  9.077   1.00 70.53  ? 8   DG  C H8     1 
ATOM   1096 H  H1     . DG  C 3 8  ? -7.414  -3.679  9.385   1.00 71.34  ? 8   DG  C H1     1 
ATOM   1097 H  H21    . DG  C 3 8  ? -9.944  -4.907  7.721   1.00 76.66  ? 8   DG  C H21    1 
ATOM   1098 H  H22    . DG  C 3 8  ? -9.389  -3.685  8.366   1.00 76.66  ? 8   DG  C H22    1 
ATOM   1099 P  P      . DA  D 4 1  ? 11.581  11.338  -5.748  1.00 92.93  ? 10  DA  D P      1 
ATOM   1100 O  OP1    . DA  D 4 1  ? 12.514  12.092  -6.613  1.00 87.57  ? 10  DA  D OP1    1 
ATOM   1101 O  OP2    . DA  D 4 1  ? 10.189  11.814  -5.561  1.00 64.60  ? 10  DA  D OP2    1 
ATOM   1102 O  "O5'"  . DA  D 4 1  ? 12.244  11.221  -4.299  1.00 88.14  ? 10  DA  D "O5'"  1 
ATOM   1103 C  "C5'"  . DA  D 4 1  ? 11.519  10.623  -3.247  1.00 75.87  ? 10  DA  D "C5'"  1 
ATOM   1104 C  "C4'"  . DA  D 4 1  ? 12.025  9.219   -2.957  1.00 77.15  ? 10  DA  D "C4'"  1 
ATOM   1105 O  "O4'"  . DA  D 4 1  ? 10.919  8.419   -2.465  1.00 75.50  ? 10  DA  D "O4'"  1 
ATOM   1106 C  "C3'"  . DA  D 4 1  ? 12.602  8.464   -4.156  1.00 79.86  ? 10  DA  D "C3'"  1 
ATOM   1107 O  "O3'"  . DA  D 4 1  ? 14.022  8.556   -4.159  1.00 67.90  ? 10  DA  D "O3'"  1 
ATOM   1108 C  "C2'"  . DA  D 4 1  ? 12.119  7.028   -3.954  1.00 71.33  ? 10  DA  D "C2'"  1 
ATOM   1109 C  "C1'"  . DA  D 4 1  ? 10.845  7.177   -3.134  1.00 63.87  ? 10  DA  D "C1'"  1 
ATOM   1110 N  N9     . DA  D 4 1  ? 9.609   7.144   -3.918  1.00 57.19  ? 10  DA  D N9     1 
ATOM   1111 C  C8     . DA  D 4 1  ? 8.765   8.188   -4.180  1.00 67.18  ? 10  DA  D C8     1 
ATOM   1112 N  N7     . DA  D 4 1  ? 7.715   7.856   -4.901  1.00 61.51  ? 10  DA  D N7     1 
ATOM   1113 C  C5     . DA  D 4 1  ? 7.880   6.498   -5.121  1.00 56.50  ? 10  DA  D C5     1 
ATOM   1114 C  C6     . DA  D 4 1  ? 7.106   5.543   -5.819  1.00 56.04  ? 10  DA  D C6     1 
ATOM   1115 N  N6     . DA  D 4 1  ? 5.962   5.830   -6.454  1.00 57.18  ? 10  DA  D N6     1 
ATOM   1116 N  N1     . DA  D 4 1  ? 7.559   4.275   -5.842  1.00 60.63  ? 10  DA  D N1     1 
ATOM   1117 C  C2     . DA  D 4 1  ? 8.702   3.985   -5.211  1.00 70.63  ? 10  DA  D C2     1 
ATOM   1118 N  N3     . DA  D 4 1  ? 9.513   4.789   -4.527  1.00 60.35  ? 10  DA  D N3     1 
ATOM   1119 C  C4     . DA  D 4 1  ? 9.042   6.044   -4.520  1.00 59.16  ? 10  DA  D C4     1 
ATOM   1120 H  "H5'"  . DA  D 4 1  ? 10.582  10.578  -3.493  1.00 91.20  ? 10  DA  D "H5'"  1 
ATOM   1121 H  "H5''" . DA  D 4 1  ? 11.612  11.165  -2.449  1.00 91.20  ? 10  DA  D "H5''" 1 
ATOM   1122 H  "H4'"  . DA  D 4 1  ? 12.703  9.270   -2.267  1.00 92.74  ? 10  DA  D "H4'"  1 
ATOM   1123 H  "H3'"  . DA  D 4 1  ? 12.242  8.823   -4.981  1.00 96.00  ? 10  DA  D "H3'"  1 
ATOM   1124 H  "H2'"  . DA  D 4 1  ? 11.925  6.611   -4.809  1.00 85.76  ? 10  DA  D "H2'"  1 
ATOM   1125 H  "H2''" . DA  D 4 1  ? 12.780  6.512   -3.465  1.00 85.76  ? 10  DA  D "H2''" 1 
ATOM   1126 H  "H1'"  . DA  D 4 1  ? 10.815  6.468   -2.472  1.00 76.80  ? 10  DA  D "H1'"  1 
ATOM   1127 H  H8     . DA  D 4 1  ? 8.920   9.054   -3.878  1.00 80.77  ? 10  DA  D H8     1 
ATOM   1128 H  H61    . DA  D 4 1  ? 5.532   5.210   -6.866  1.00 68.78  ? 10  DA  D H61    1 
ATOM   1129 H  H62    . DA  D 4 1  ? 5.658   6.634   -6.450  1.00 68.78  ? 10  DA  D H62    1 
ATOM   1130 H  H2     . DA  D 4 1  ? 8.970   3.095   -5.260  1.00 84.92  ? 10  DA  D H2     1 
ATOM   1131 P  P      . DG  D 4 2  ? 14.837  8.422   -5.536  1.00 99.35  ? 11  DG  D P      1 
ATOM   1132 O  OP1    . DG  D 4 2  ? 16.278  8.368   -5.196  1.00 98.63  ? 11  DG  D OP1    1 
ATOM   1133 O  OP2    . DG  D 4 2  ? 14.332  9.468   -6.450  1.00 116.53 ? 11  DG  D OP2    1 
ATOM   1134 O  "O5'"  . DG  D 4 2  ? 14.394  6.996   -6.105  1.00 74.20  ? 11  DG  D "O5'"  1 
ATOM   1135 C  "C5'"  . DG  D 4 2  ? 14.804  5.818   -5.427  1.00 58.20  ? 11  DG  D "C5'"  1 
ATOM   1136 C  "C4'"  . DG  D 4 2  ? 14.183  4.579   -6.047  1.00 67.87  ? 11  DG  D "C4'"  1 
ATOM   1137 O  "O4'"  . DG  D 4 2  ? 12.751  4.675   -5.976  1.00 68.85  ? 11  DG  D "O4'"  1 
ATOM   1138 C  "C3'"  . DG  D 4 2  ? 14.483  4.370   -7.523  1.00 93.09  ? 11  DG  D "C3'"  1 
ATOM   1139 O  "O3'"  . DG  D 4 2  ? 15.676  3.615   -7.699  1.00 103.04 ? 11  DG  D "O3'"  1 
ATOM   1140 C  "C2'"  . DG  D 4 2  ? 13.251  3.626   -8.045  1.00 88.25  ? 11  DG  D "C2'"  1 
ATOM   1141 C  "C1'"  . DG  D 4 2  ? 12.179  3.869   -6.983  1.00 60.03  ? 11  DG  D "C1'"  1 
ATOM   1142 N  N9     . DG  D 4 2  ? 10.989  4.543   -7.481  1.00 67.36  ? 11  DG  D N9     1 
ATOM   1143 C  C8     . DG  D 4 2  ? 10.650  5.862   -7.302  1.00 72.16  ? 11  DG  D C8     1 
ATOM   1144 N  N7     . DG  D 4 2  ? 9.510   6.183   -7.846  1.00 62.98  ? 11  DG  D N7     1 
ATOM   1145 C  C5     . DG  D 4 2  ? 9.066   4.999   -8.421  1.00 62.83  ? 11  DG  D C5     1 
ATOM   1146 C  C6     . DG  D 4 2  ? 7.886   4.726   -9.150  1.00 75.91  ? 11  DG  D C6     1 
ATOM   1147 O  O6     . DG  D 4 2  ? 6.968   5.502   -9.446  1.00 81.62  ? 11  DG  D O6     1 
ATOM   1148 N  N1     . DG  D 4 2  ? 7.828   3.393   -9.551  1.00 73.06  ? 11  DG  D N1     1 
ATOM   1149 C  C2     . DG  D 4 2  ? 8.786   2.448   -9.277  1.00 72.47  ? 11  DG  D C2     1 
ATOM   1150 N  N2     . DG  D 4 2  ? 8.558   1.215   -9.743  1.00 75.72  ? 11  DG  D N2     1 
ATOM   1151 N  N3     . DG  D 4 2  ? 9.892   2.692   -8.594  1.00 63.63  ? 11  DG  D N3     1 
ATOM   1152 C  C4     . DG  D 4 2  ? 9.965   3.982   -8.200  1.00 65.29  ? 11  DG  D C4     1 
ATOM   1153 H  "H5'"  . DG  D 4 2  ? 14.535  5.877   -4.498  1.00 70.00  ? 11  DG  D "H5'"  1 
ATOM   1154 H  "H5''" . DG  D 4 2  ? 15.770  5.746   -5.474  1.00 70.00  ? 11  DG  D "H5''" 1 
ATOM   1155 H  "H4'"  . DG  D 4 2  ? 14.473  3.797   -5.552  1.00 81.60  ? 11  DG  D "H4'"  1 
ATOM   1156 H  "H3'"  . DG  D 4 2  ? 14.563  5.228   -7.968  1.00 111.87 ? 11  DG  D "H3'"  1 
ATOM   1157 H  "H2'"  . DG  D 4 2  ? 12.971  3.991   -8.899  1.00 106.07 ? 11  DG  D "H2'"  1 
ATOM   1158 H  "H2''" . DG  D 4 2  ? 13.439  2.677   -8.126  1.00 106.07 ? 11  DG  D "H2''" 1 
ATOM   1159 H  "H1'"  . DG  D 4 2  ? 11.919  3.018   -6.596  1.00 72.19  ? 11  DG  D "H1'"  1 
ATOM   1160 H  H8     . DG  D 4 2  ? 11.181  6.467   -6.836  1.00 86.75  ? 11  DG  D H8     1 
ATOM   1161 H  H1     . DG  D 4 2  ? 7.140   3.143   -10.002 1.00 87.83  ? 11  DG  D H1     1 
ATOM   1162 H  H21    . DG  D 4 2  ? 9.127   0.588   -9.596  1.00 91.02  ? 11  DG  D H21    1 
ATOM   1163 H  H22    . DG  D 4 2  ? 7.841   1.050   -10.189 1.00 91.02  ? 11  DG  D H22    1 
ATOM   1164 P  P      . DT  D 4 3  ? 16.359  3.519   -9.152  1.00 118.61 ? 12  DT  D P      1 
ATOM   1165 O  OP1    . DT  D 4 3  ? 17.717  2.961   -8.964  1.00 105.04 ? 12  DT  D OP1    1 
ATOM   1166 O  OP2    . DT  D 4 3  ? 16.189  4.833   -9.813  1.00 117.39 ? 12  DT  D OP2    1 
ATOM   1167 O  "O5'"  . DT  D 4 3  ? 15.462  2.447   -9.940  1.00 84.76  ? 12  DT  D "O5'"  1 
ATOM   1168 C  "C5'"  . DT  D 4 3  ? 15.612  1.054   -9.665  1.00 85.94  ? 12  DT  D "C5'"  1 
ATOM   1169 C  "C4'"  . DT  D 4 3  ? 14.653  0.219   -10.501 1.00 83.94  ? 12  DT  D "C4'"  1 
ATOM   1170 O  "O4'"  . DT  D 4 3  ? 13.326  0.826   -10.485 1.00 79.80  ? 12  DT  D "O4'"  1 
ATOM   1171 C  "C3'"  . DT  D 4 3  ? 15.031  0.086   -11.984 1.00 101.65 ? 12  DT  D "C3'"  1 
ATOM   1172 O  "O3'"  . DT  D 4 3  ? 14.931  -1.272  -12.412 1.00 109.81 ? 12  DT  D "O3'"  1 
ATOM   1173 C  "C2'"  . DT  D 4 3  ? 14.021  0.989   -12.680 1.00 95.78  ? 12  DT  D "C2'"  1 
ATOM   1174 C  "C1'"  . DT  D 4 3  ? 12.810  0.806   -11.796 1.00 75.43  ? 12  DT  D "C1'"  1 
ATOM   1175 N  N1     . DT  D 4 3  ? 11.767  1.862   -11.948 1.00 70.30  ? 12  DT  D N1     1 
ATOM   1176 C  C2     . DT  D 4 3  ? 10.598  1.558   -12.608 1.00 82.93  ? 12  DT  D C2     1 
ATOM   1177 O  O2     . DT  D 4 3  ? 10.362  0.459   -13.078 1.00 92.57  ? 12  DT  D O2     1 
ATOM   1178 N  N3     . DT  D 4 3  ? 9.705   2.591   -12.700 1.00 84.87  ? 12  DT  D N3     1 
ATOM   1179 C  C4     . DT  D 4 3  ? 9.862   3.873   -12.210 1.00 82.90  ? 12  DT  D C4     1 
ATOM   1180 O  O4     . DT  D 4 3  ? 9.000   4.736   -12.342 1.00 83.93  ? 12  DT  D O4     1 
ATOM   1181 C  C5     . DT  D 4 3  ? 11.110  4.125   -11.529 1.00 74.51  ? 12  DT  D C5     1 
ATOM   1182 C  C7     . DT  D 4 3  ? 11.393  5.481   -10.956 1.00 81.04  ? 12  DT  D C7     1 
ATOM   1183 C  C6     . DT  D 4 3  ? 11.994  3.122   -11.434 1.00 68.84  ? 12  DT  D C6     1 
ATOM   1184 H  "H5'"  . DT  D 4 3  ? 15.433  0.895   -8.725  1.00 103.29 ? 12  DT  D "H5'"  1 
ATOM   1185 H  "H5''" . DT  D 4 3  ? 16.523  0.787   -9.865  1.00 103.29 ? 12  DT  D "H5''" 1 
ATOM   1186 H  "H4'"  . DT  D 4 3  ? 14.595  -0.669  -10.114 1.00 100.89 ? 12  DT  D "H4'"  1 
ATOM   1187 H  "H3'"  . DT  D 4 3  ? 15.932  0.418   -12.130 1.00 122.14 ? 12  DT  D "H3'"  1 
ATOM   1188 H  "H2'"  . DT  D 4 3  ? 14.319  1.913   -12.676 1.00 115.09 ? 12  DT  D "H2'"  1 
ATOM   1189 H  "H2''" . DT  D 4 3  ? 13.844  0.681   -13.583 1.00 115.09 ? 12  DT  D "H2''" 1 
ATOM   1190 H  "H1'"  . DT  D 4 3  ? 12.414  -0.062  -11.971 1.00 90.68  ? 12  DT  D "H1'"  1 
ATOM   1191 H  H3     . DT  D 4 3  ? 8.966   2.423   -13.107 1.00 102.01 ? 12  DT  D H3     1 
ATOM   1192 H  H71    . DT  D 4 3  ? 11.533  5.404   -10.000 1.00 97.40  ? 12  DT  D H71    1 
ATOM   1193 H  H72    . DT  D 4 3  ? 12.189  5.847   -11.371 1.00 97.40  ? 12  DT  D H72    1 
ATOM   1194 H  H73    . DT  D 4 3  ? 10.641  6.067   -11.126 1.00 97.40  ? 12  DT  D H73    1 
ATOM   1195 H  H6     . DT  D 4 3  ? 12.800  3.281   -10.998 1.00 82.77  ? 12  DT  D H6     1 
ATOM   1196 P  P      . DC  D 4 4  ? 15.579  -1.732  -13.808 1.00 123.49 ? 13  DC  D P      1 
ATOM   1197 O  OP1    . DC  D 4 4  ? 16.537  -2.826  -13.531 1.00 120.14 ? 13  DC  D OP1    1 
ATOM   1198 O  OP2    . DC  D 4 4  ? 16.036  -0.506  -14.499 1.00 107.37 ? 13  DC  D OP2    1 
ATOM   1199 O  "O5'"  . DC  D 4 4  ? 14.338  -2.303  -14.642 1.00 105.07 ? 13  DC  D "O5'"  1 
ATOM   1200 C  "C5'"  . DC  D 4 4  ? 13.296  -1.424  -15.032 1.00 94.35  ? 13  DC  D "C5'"  1 
ATOM   1201 C  "C4'"  . DC  D 4 4  ? 12.319  -2.106  -15.968 1.00 104.49 ? 13  DC  D "C4'"  1 
ATOM   1202 O  "O4'"  . DC  D 4 4  ? 11.036  -1.443  -15.878 1.00 99.18  ? 13  DC  D "O4'"  1 
ATOM   1203 C  "C3'"  . DC  D 4 4  ? 12.706  -2.072  -17.437 1.00 118.07 ? 13  DC  D "C3'"  1 
ATOM   1204 O  "O3'"  . DC  D 4 4  ? 12.324  -3.282  -18.092 1.00 133.00 ? 13  DC  D "O3'"  1 
ATOM   1205 C  "C2'"  . DC  D 4 4  ? 11.967  -0.851  -17.988 1.00 114.52 ? 13  DC  D "C2'"  1 
ATOM   1206 C  "C1'"  . DC  D 4 4  ? 10.826  -0.604  -16.998 1.00 98.98  ? 13  DC  D "C1'"  1 
ATOM   1207 N  N1     . DC  D 4 4  ? 10.744  0.824   -16.524 1.00 90.60  ? 13  DC  D N1     1 
ATOM   1208 C  C2     . DC  D 4 4  ? 9.594   1.584   -16.787 1.00 95.64  ? 13  DC  D C2     1 
ATOM   1209 O  O2     . DC  D 4 4  ? 8.651   1.066   -17.396 1.00 101.58 ? 13  DC  D O2     1 
ATOM   1210 N  N3     . DC  D 4 4  ? 9.544   2.871   -16.361 1.00 89.40  ? 13  DC  D N3     1 
ATOM   1211 C  C4     . DC  D 4 4  ? 10.578  3.399   -15.707 1.00 93.38  ? 13  DC  D C4     1 
ATOM   1212 N  N4     . DC  D 4 4  ? 10.480  4.672   -15.308 1.00 95.91  ? 13  DC  D N4     1 
ATOM   1213 C  C5     . DC  D 4 4  ? 11.758  2.648   -15.434 1.00 89.13  ? 13  DC  D C5     1 
ATOM   1214 C  C6     . DC  D 4 4  ? 11.797  1.378   -15.854 1.00 89.00  ? 13  DC  D C6     1 
ATOM   1215 H  "H5'"  . DC  D 4 4  ? 13.682  -0.656  -15.481 1.00 113.38 ? 13  DC  D "H5'"  1 
ATOM   1216 H  "H5''" . DC  D 4 4  ? 12.823  -1.124  -14.241 1.00 113.38 ? 13  DC  D "H5''" 1 
ATOM   1217 H  "H4'"  . DC  D 4 4  ? 12.214  -3.030  -15.692 1.00 125.55 ? 13  DC  D "H4'"  1 
ATOM   1218 H  "H3'"  . DC  D 4 4  ? 13.663  -1.940  -17.521 1.00 141.85 ? 13  DC  D "H3'"  1 
ATOM   1219 H  "H2'"  . DC  D 4 4  ? 12.559  -0.084  -18.020 1.00 137.59 ? 13  DC  D "H2'"  1 
ATOM   1220 H  "H2''" . DC  D 4 4  ? 11.612  -1.042  -18.872 1.00 137.59 ? 13  DC  D "H2''" 1 
ATOM   1221 H  "H1'"  . DC  D 4 4  ? 9.985   -0.845  -17.418 1.00 118.94 ? 13  DC  D "H1'"  1 
ATOM   1222 H  H41    . DC  D 4 4  ? 11.130  5.042   -14.884 1.00 115.25 ? 13  DC  D H41    1 
ATOM   1223 H  H42    . DC  D 4 4  ? 9.766   5.122   -15.476 1.00 115.25 ? 13  DC  D H42    1 
ATOM   1224 H  H5     . DC  D 4 4  ? 12.473  3.024   -14.974 1.00 107.12 ? 13  DC  D H5     1 
ATOM   1225 H  H6     . DC  D 4 4  ? 12.556  0.865   -15.690 1.00 106.96 ? 13  DC  D H6     1 
ATOM   1226 P  P      . DT  D 4 5  ? 12.847  -3.592  -19.582 1.00 151.30 ? 14  DT  D P      1 
ATOM   1227 O  OP1    . DT  D 4 5  ? 12.738  -5.048  -19.820 1.00 141.05 ? 14  DT  D OP1    1 
ATOM   1228 O  OP2    . DT  D 4 5  ? 14.152  -2.914  -19.745 1.00 130.05 ? 14  DT  D OP2    1 
ATOM   1229 O  "O5'"  . DT  D 4 5  ? 11.792  -2.839  -20.515 1.00 127.20 ? 14  DT  D "O5'"  1 
ATOM   1230 C  "C5'"  . DT  D 4 5  ? 10.420  -3.200  -20.463 1.00 119.77 ? 14  DT  D "C5'"  1 
ATOM   1231 C  "C4'"  . DT  D 4 5  ? 9.568   -2.233  -21.266 1.00 131.67 ? 14  DT  D "C4'"  1 
ATOM   1232 O  "O4'"  . DT  D 4 5  ? 9.442   -0.979  -20.551 1.00 128.55 ? 14  DT  D "O4'"  1 
ATOM   1233 C  "C3'"  . DT  D 4 5  ? 10.127  -1.872  -22.646 1.00 143.06 ? 14  DT  D "C3'"  1 
ATOM   1234 O  "O3'"  . DT  D 4 5  ? 9.345   -2.477  -23.671 1.00 148.63 ? 14  DT  D "O3'"  1 
ATOM   1235 C  "C2'"  . DT  D 4 5  ? 10.075  -0.336  -22.700 1.00 136.13 ? 14  DT  D "C2'"  1 
ATOM   1236 C  "C1'"  . DT  D 4 5  ? 9.234   0.046   -21.489 1.00 122.65 ? 14  DT  D "C1'"  1 
ATOM   1237 N  N1     . DT  D 4 5  ? 9.611   1.366   -20.876 1.00 110.41 ? 14  DT  D N1     1 
ATOM   1238 C  C2     . DT  D 4 5  ? 8.734   2.428   -20.957 1.00 105.65 ? 14  DT  D C2     1 
ATOM   1239 O  O2     . DT  D 4 5  ? 7.645   2.356   -21.499 1.00 102.33 ? 14  DT  D O2     1 
ATOM   1240 N  N3     . DT  D 4 5  ? 9.179   3.586   -20.371 1.00 102.21 ? 14  DT  D N3     1 
ATOM   1241 C  C4     . DT  D 4 5  ? 10.387  3.785   -19.730 1.00 103.78 ? 14  DT  D C4     1 
ATOM   1242 O  O4     . DT  D 4 5  ? 10.695  4.863   -19.236 1.00 101.82 ? 14  DT  D O4     1 
ATOM   1243 C  C5     . DT  D 4 5  ? 11.261  2.636   -19.684 1.00 103.75 ? 14  DT  D C5     1 
ATOM   1244 C  C7     . DT  D 4 5  ? 12.601  2.739   -19.016 1.00 95.34  ? 14  DT  D C7     1 
ATOM   1245 C  C6     . DT  D 4 5  ? 10.838  1.495   -20.253 1.00 105.51 ? 14  DT  D C6     1 
ATOM   1246 H  "H5'"  . DT  D 4 5  ? 10.126  -3.193  -19.539 1.00 143.88 ? 14  DT  D "H5'"  1 
ATOM   1247 H  "H5''" . DT  D 4 5  ? 10.313  -4.094  -20.825 1.00 143.88 ? 14  DT  D "H5''" 1 
ATOM   1248 H  "H4'"  . DT  D 4 5  ? 8.684   -2.617  -21.378 1.00 158.17 ? 14  DT  D "H4'"  1 
ATOM   1249 H  "H3'"  . DT  D 4 5  ? 11.047  -2.171  -22.715 1.00 171.83 ? 14  DT  D "H3'"  1 
ATOM   1250 H  "H2'"  . DT  D 4 5  ? 10.967  0.037   -22.625 1.00 163.52 ? 14  DT  D "H2'"  1 
ATOM   1251 H  "H2''" . DT  D 4 5  ? 9.647   -0.039  -23.518 1.00 163.52 ? 14  DT  D "H2''" 1 
ATOM   1252 H  "H1'"  . DT  D 4 5  ? 8.297   0.064   -21.741 1.00 147.34 ? 14  DT  D "H1'"  1 
ATOM   1253 H  H3     . DT  D 4 5  ? 8.649   4.261   -20.407 1.00 122.81 ? 14  DT  D H3     1 
ATOM   1254 H  H71    . DT  D 4 5  ? 12.648  2.102   -18.286 1.00 114.57 ? 14  DT  D H71    1 
ATOM   1255 H  H72    . DT  D 4 5  ? 13.300  2.544   -19.661 1.00 114.57 ? 14  DT  D H72    1 
ATOM   1256 H  H73    . DT  D 4 5  ? 12.723  3.637   -18.670 1.00 114.57 ? 14  DT  D H73    1 
ATOM   1257 H  H6     . DT  D 4 5  ? 11.399  0.754   -20.225 1.00 126.77 ? 14  DT  D H6     1 
ATOM   1258 P  P      . DG  D 4 6  ? 9.839   -2.435  -25.199 1.00 143.65 ? 15  DG  D P      1 
ATOM   1259 O  OP1    . DG  D 4 6  ? 9.086   -3.465  -25.946 1.00 142.66 ? 15  DG  D OP1    1 
ATOM   1260 O  OP2    . DG  D 4 6  ? 11.319  -2.458  -25.194 1.00 147.64 ? 15  DG  D OP2    1 
ATOM   1261 O  "O5'"  . DG  D 4 6  ? 9.334   -1.014  -25.722 1.00 127.54 ? 15  DG  D "O5'"  1 
ATOM   1262 C  "C5'"  . DG  D 4 6  ? 7.970   -0.646  -25.563 1.00 132.71 ? 15  DG  D "C5'"  1 
ATOM   1263 C  "C4'"  . DG  D 4 6  ? 7.794   0.847   -25.744 1.00 133.24 ? 15  DG  D "C4'"  1 
ATOM   1264 O  "O4'"  . DG  D 4 6  ? 8.437   1.534   -24.647 1.00 128.78 ? 15  DG  D "O4'"  1 
ATOM   1265 C  "C3'"  . DG  D 4 6  ? 8.427   1.409   -27.014 1.00 130.67 ? 15  DG  D "C3'"  1 
ATOM   1266 O  "O3'"  . DG  D 4 6  ? 7.421   1.601   -28.056 1.00 140.92 ? 15  DG  D "O3'"  1 
ATOM   1267 C  "C2'"  . DG  D 4 6  ? 9.114   2.712   -26.563 1.00 120.26 ? 15  DG  D "C2'"  1 
ATOM   1268 C  "C1'"  . DG  D 4 6  ? 8.806   2.819   -25.071 1.00 117.58 ? 15  DG  D "C1'"  1 
ATOM   1269 N  N9     . DG  D 4 6  ? 9.954   3.276   -24.297 1.00 111.40 ? 15  DG  D N9     1 
ATOM   1270 C  C8     . DG  D 4 6  ? 11.073  2.548   -23.965 1.00 115.03 ? 15  DG  D C8     1 
ATOM   1271 N  N7     . DG  D 4 6  ? 11.958  3.235   -23.296 1.00 108.09 ? 15  DG  D N7     1 
ATOM   1272 C  C5     . DG  D 4 6  ? 11.398  4.502   -23.190 1.00 107.67 ? 15  DG  D C5     1 
ATOM   1273 C  C6     . DG  D 4 6  ? 11.899  5.672   -22.569 1.00 101.70 ? 15  DG  D C6     1 
ATOM   1274 O  O6     . DG  D 4 6  ? 12.973  5.822   -21.969 1.00 106.47 ? 15  DG  D O6     1 
ATOM   1275 N  N1     . DG  D 4 6  ? 11.013  6.742   -22.691 1.00 97.32  ? 15  DG  D N1     1 
ATOM   1276 C  C2     . DG  D 4 6  ? 9.799   6.687   -23.333 1.00 101.02 ? 15  DG  D C2     1 
ATOM   1277 N  N2     . DG  D 4 6  ? 9.076   7.821   -23.348 1.00 89.42  ? 15  DG  D N2     1 
ATOM   1278 N  N3     . DG  D 4 6  ? 9.318   5.596   -23.919 1.00 106.80 ? 15  DG  D N3     1 
ATOM   1279 C  C4     . DG  D 4 6  ? 10.169  4.545   -23.808 1.00 109.98 ? 15  DG  D C4     1 
ATOM   1280 H  "H5'"  . DG  D 4 6  ? 7.672   -0.898  -24.675 1.00 159.42 ? 15  DG  D "H5'"  1 
ATOM   1281 H  "H5''" . DG  D 4 6  ? 7.434   -1.112  -26.225 1.00 159.42 ? 15  DG  D "H5''" 1 
ATOM   1282 H  "H4'"  . DG  D 4 6  ? 6.847   1.057   -25.739 1.00 160.05 ? 15  DG  D "H4'"  1 
ATOM   1283 H  "H3'"  . DG  D 4 6  ? 9.101   0.789   -27.334 1.00 156.97 ? 15  DG  D "H3'"  1 
ATOM   1284 H  "H2'"  . DG  D 4 6  ? 10.071  2.656   -26.707 1.00 144.48 ? 15  DG  D "H2'"  1 
ATOM   1285 H  "H2''" . DG  D 4 6  ? 8.743   3.471   -27.039 1.00 144.48 ? 15  DG  D "H2''" 1 
ATOM   1286 H  "H1'"  . DG  D 4 6  ? 8.062   3.428   -24.938 1.00 141.26 ? 15  DG  D "H1'"  1 
ATOM   1287 H  H8     . DG  D 4 6  ? 11.184  1.652   -24.187 1.00 138.20 ? 15  DG  D H8     1 
ATOM   1288 H  H1     . DG  D 4 6  ? 11.244  7.492   -22.339 1.00 116.94 ? 15  DG  D H1     1 
ATOM   1289 H  H21    . DG  D 4 6  ? 8.309   7.838   -23.735 1.00 107.46 ? 15  DG  D H21    1 
ATOM   1290 H  H22    . DG  D 4 6  ? 9.383   8.531   -22.970 1.00 107.46 ? 15  DG  D H22    1 
ATOM   1291 P  P      . DC  D 4 7  ? 6.570   2.964   -28.188 1.00 142.46 ? 16  DC  D P      1 
ATOM   1292 O  OP1    . DC  D 4 7  ? 6.299   3.458   -26.821 1.00 131.92 ? 16  DC  D OP1    1 
ATOM   1293 O  OP2    . DC  D 4 7  ? 5.444   2.697   -29.112 1.00 121.61 ? 16  DC  D OP2    1 
ATOM   1294 O  "O5'"  . DC  D 4 7  ? 7.574   3.980   -28.911 1.00 110.68 ? 16  DC  D "O5'"  1 
ATOM   1295 C  "C5'"  . DC  D 4 7  ? 7.077   5.019   -29.758 1.00 104.79 ? 16  DC  D "C5'"  1 
ATOM   1296 C  "C4'"  . DC  D 4 7  ? 6.247   6.030   -28.979 1.00 108.77 ? 16  DC  D "C4'"  1 
ATOM   1297 O  "O4'"  . DC  D 4 7  ? 6.844   6.255   -27.677 1.00 118.68 ? 16  DC  D "O4'"  1 
ATOM   1298 C  "C3'"  . DC  D 4 7  ? 6.153   7.409   -29.621 1.00 117.54 ? 16  DC  D "C3'"  1 
ATOM   1299 O  "O3'"  . DC  D 4 7  ? 4.911   8.032   -29.307 1.00 122.43 ? 16  DC  D "O3'"  1 
ATOM   1300 C  "C2'"  . DC  D 4 7  ? 7.344   8.146   -29.019 1.00 106.83 ? 16  DC  D "C2'"  1 
ATOM   1301 C  "C1'"  . DC  D 4 7  ? 7.458   7.535   -27.626 1.00 110.54 ? 16  DC  D "C1'"  1 
ATOM   1302 N  N1     . DC  D 4 7  ? 8.856   7.356   -27.158 1.00 106.68 ? 16  DC  D N1     1 
ATOM   1303 C  C2     . DC  D 4 7  ? 9.597   8.458   -26.711 1.00 106.77 ? 16  DC  D C2     1 
ATOM   1304 O  O2     . DC  D 4 7  ? 9.076   9.580   -26.720 1.00 109.07 ? 16  DC  D O2     1 
ATOM   1305 N  N3     . DC  D 4 7  ? 10.870  8.262   -26.284 1.00 98.41  ? 16  DC  D N3     1 
ATOM   1306 C  C4     . DC  D 4 7  ? 11.393  7.034   -26.290 1.00 101.35 ? 16  DC  D C4     1 
ATOM   1307 N  N4     . DC  D 4 7  ? 12.649  6.882   -25.862 1.00 100.83 ? 16  DC  D N4     1 
ATOM   1308 C  C5     . DC  D 4 7  ? 10.651  5.905   -26.739 1.00 107.63 ? 16  DC  D C5     1 
ATOM   1309 C  C6     . DC  D 4 7  ? 9.401   6.109   -27.156 1.00 106.17 ? 16  DC  D C6     1 
ATOM   1310 H  "H5'"  . DC  D 4 7  ? 6.525   4.625   -30.452 1.00 125.91 ? 16  DC  D "H5'"  1 
ATOM   1311 H  "H5''" . DC  D 4 7  ? 7.826   5.476   -30.171 1.00 125.91 ? 16  DC  D "H5''" 1 
ATOM   1312 H  "H4'"  . DC  D 4 7  ? 5.352   5.677   -28.860 1.00 130.69 ? 16  DC  D "H4'"  1 
ATOM   1313 H  "H3'"  . DC  D 4 7  ? 6.258   7.336   -30.582 1.00 141.21 ? 16  DC  D "H3'"  1 
ATOM   1314 H  "HO3'" . DC  D 4 7  ? 4.901   8.764   -28.895 1.00 147.07 ? 16  DC  D "HO3'" 1 
ATOM   1315 H  "H2'"  . DC  D 4 7  ? 8.147   7.976   -29.534 1.00 128.36 ? 16  DC  D "H2'"  1 
ATOM   1316 H  "H2''" . DC  D 4 7  ? 7.164   9.097   -28.962 1.00 128.36 ? 16  DC  D "H2''" 1 
ATOM   1317 H  "H1'"  . DC  D 4 7  ? 6.979   8.093   -26.993 1.00 132.81 ? 16  DC  D "H1'"  1 
ATOM   1318 H  H41    . DC  D 4 7  ? 13.009  6.101   -25.853 1.00 121.16 ? 16  DC  D H41    1 
ATOM   1319 H  H42    . DC  D 4 7  ? 13.098  7.565   -25.595 1.00 121.16 ? 16  DC  D H42    1 
ATOM   1320 H  H5     . DC  D 4 7  ? 11.025  5.053   -26.739 1.00 129.32 ? 16  DC  D H5     1 
ATOM   1321 H  H6     . DC  D 4 7  ? 8.895   5.388   -27.454 1.00 127.57 ? 16  DC  D H6     1 
HETATM 1322 AS AS     . CAC E 5 .  ? -0.539  -6.740  10.278  1.00 195.52 ? 101 CAC B AS     1 
HETATM 1323 AS AS     . CAC F 5 .  ? -12.486 -9.578  26.905  1.00 147.45 ? 101 CAC C AS     1 
HETATM 1324 AS AS     . CAC G 5 .  ? 7.882   9.676   -8.633  1.00 129.51 ? 101 CAC D AS     1 
# 
loop_
_pdbx_poly_seq_scheme.asym_id 
_pdbx_poly_seq_scheme.entity_id 
_pdbx_poly_seq_scheme.seq_id 
_pdbx_poly_seq_scheme.mon_id 
_pdbx_poly_seq_scheme.ndb_seq_num 
_pdbx_poly_seq_scheme.pdb_seq_num 
_pdbx_poly_seq_scheme.auth_seq_num 
_pdbx_poly_seq_scheme.pdb_mon_id 
_pdbx_poly_seq_scheme.auth_mon_id 
_pdbx_poly_seq_scheme.pdb_strand_id 
_pdbx_poly_seq_scheme.pdb_ins_code 
_pdbx_poly_seq_scheme.hetero 
A 1 1  DG 1  1  1  DG DG A . n 
A 1 2  DA 2  2  2  DA DA A . n 
A 1 3  DG 3  3  3  DG DG A . n 
A 1 4  DC 4  4  4  DC DC A . n 
A 1 5  DA 5  5  5  DA DA A . n 
A 1 6  DG 6  6  6  DG DG A . n 
A 1 7  DA 7  7  7  DA DA A . n 
A 1 8  DC 8  8  8  DC DC A . n 
A 1 9  DT 9  9  9  DT DT A . n 
A 1 10 DT 10 10 10 DT DT A . n 
A 1 11 DG 11 11 11 DG DG A . n 
A 1 12 DA 12 12 12 DA DA A . n 
A 1 13 DC 13 13 13 DC DC A . n 
A 1 14 DG 14 14 14 DG DG A . n 
A 1 15 DA 15 15 15 DA DA A . n 
A 1 16 DC 16 16 16 DC DC A . n 
A 1 17 DA 17 17 17 DA DA A . n 
A 1 18 DC 18 18 18 DC DC A . n 
A 1 19 DT 19 19 19 DT DT A . n 
A 1 20 DC 20 20 20 DC DC A . n 
A 1 21 DA 21 21 21 DA DA A . n 
B 2 1  DT 1  0  0  DT DT B . n 
B 2 2  DC 2  1  1  DC DC B . n 
B 2 3  DG 3  2  2  DG DG B . n 
B 2 4  DT 4  3  3  DT DT B . n 
B 2 5  DC 5  4  4  DC DC B . n 
B 2 6  DA 6  5  5  DA DA B . n 
C 3 1  DT 1  1  1  DT DT C . n 
C 3 2  DC 2  2  2  DC DC C . n 
C 3 3  DT 3  3  3  DT DT C . n 
C 3 4  DG 4  4  4  DG DG C . n 
C 3 5  DA 5  5  5  DA DA C . n 
C 3 6  DG 6  6  6  DG DG C . n 
C 3 7  DT 7  7  7  DT DT C . n 
C 3 8  DG 8  8  8  DG DG C . n 
D 4 1  DA 1  10 10 DA DA D . n 
D 4 2  DG 2  11 11 DG DG D . n 
D 4 3  DT 3  12 12 DT DT D . n 
D 4 4  DC 4  13 13 DC DC D . n 
D 4 5  DT 5  14 14 DT DT D . n 
D 4 6  DG 6  15 15 DG DG D . n 
D 4 7  DC 7  16 16 DC DC D . n 
# 
loop_
_pdbx_nonpoly_scheme.asym_id 
_pdbx_nonpoly_scheme.entity_id 
_pdbx_nonpoly_scheme.mon_id 
_pdbx_nonpoly_scheme.ndb_seq_num 
_pdbx_nonpoly_scheme.pdb_seq_num 
_pdbx_nonpoly_scheme.auth_seq_num 
_pdbx_nonpoly_scheme.pdb_mon_id 
_pdbx_nonpoly_scheme.auth_mon_id 
_pdbx_nonpoly_scheme.pdb_strand_id 
_pdbx_nonpoly_scheme.pdb_ins_code 
E 5 CAC 1 101 2 CAC AS B . 
F 5 CAC 1 101 1 CAC AS C . 
G 5 CAC 1 101 3 CAC AS D . 
# 
_pdbx_struct_assembly.id                   1 
_pdbx_struct_assembly.details              author_defined_assembly 
_pdbx_struct_assembly.method_details       ? 
_pdbx_struct_assembly.oligomeric_details   tetrameric 
_pdbx_struct_assembly.oligomeric_count     4 
# 
_pdbx_struct_assembly_gen.assembly_id       1 
_pdbx_struct_assembly_gen.oper_expression   1 
_pdbx_struct_assembly_gen.asym_id_list      A,B,C,D,E,F,G 
# 
_pdbx_struct_oper_list.id                   1 
_pdbx_struct_oper_list.type                 'identity operation' 
_pdbx_struct_oper_list.name                 1_555 
_pdbx_struct_oper_list.symmetry_operation   x,y,z 
_pdbx_struct_oper_list.matrix[1][1]         1.0000000000 
_pdbx_struct_oper_list.matrix[1][2]         0.0000000000 
_pdbx_struct_oper_list.matrix[1][3]         0.0000000000 
_pdbx_struct_oper_list.vector[1]            0.0000000000 
_pdbx_struct_oper_list.matrix[2][1]         0.0000000000 
_pdbx_struct_oper_list.matrix[2][2]         1.0000000000 
_pdbx_struct_oper_list.matrix[2][3]         0.0000000000 
_pdbx_struct_oper_list.vector[2]            0.0000000000 
_pdbx_struct_oper_list.matrix[3][1]         0.0000000000 
_pdbx_struct_oper_list.matrix[3][2]         0.0000000000 
_pdbx_struct_oper_list.matrix[3][3]         1.0000000000 
_pdbx_struct_oper_list.vector[3]            0.0000000000 
# 
loop_
_pdbx_audit_revision_history.ordinal 
_pdbx_audit_revision_history.data_content_type 
_pdbx_audit_revision_history.major_revision 
_pdbx_audit_revision_history.minor_revision 
_pdbx_audit_revision_history.revision_date 
1 'Structure model' 1 0 2021-07-14 
2 'Structure model' 1 1 2022-07-06 
3 'Structure model' 1 2 2023-10-18 
# 
_pdbx_audit_revision_details.ordinal             1 
_pdbx_audit_revision_details.revision_ordinal    1 
_pdbx_audit_revision_details.data_content_type   'Structure model' 
_pdbx_audit_revision_details.provider            repository 
_pdbx_audit_revision_details.type                'Initial release' 
_pdbx_audit_revision_details.description         ? 
_pdbx_audit_revision_details.details             ? 
# 
loop_
_pdbx_audit_revision_group.ordinal 
_pdbx_audit_revision_group.revision_ordinal 
_pdbx_audit_revision_group.data_content_type 
_pdbx_audit_revision_group.group 
1 2 'Structure model' 'Database references'    
2 3 'Structure model' 'Data collection'        
3 3 'Structure model' 'Refinement description' 
# 
loop_
_pdbx_audit_revision_category.ordinal 
_pdbx_audit_revision_category.revision_ordinal 
_pdbx_audit_revision_category.data_content_type 
_pdbx_audit_revision_category.category 
1 2 'Structure model' citation                      
2 2 'Structure model' citation_author               
3 2 'Structure model' database_2                    
4 3 'Structure model' chem_comp_atom                
5 3 'Structure model' chem_comp_bond                
6 3 'Structure model' pdbx_initial_refinement_model 
# 
loop_
_pdbx_audit_revision_item.ordinal 
_pdbx_audit_revision_item.revision_ordinal 
_pdbx_audit_revision_item.data_content_type 
_pdbx_audit_revision_item.item 
1  2 'Structure model' '_citation.country'                   
2  2 'Structure model' '_citation.journal_abbrev'            
3  2 'Structure model' '_citation.journal_id_CSD'            
4  2 'Structure model' '_citation.journal_id_ISSN'           
5  2 'Structure model' '_citation.journal_volume'            
6  2 'Structure model' '_citation.page_first'                
7  2 'Structure model' '_citation.page_last'                 
8  2 'Structure model' '_citation.pdbx_database_id_DOI'      
9  2 'Structure model' '_citation.pdbx_database_id_PubMed'   
10 2 'Structure model' '_citation.title'                     
11 2 'Structure model' '_citation.year'                      
12 2 'Structure model' '_database_2.pdbx_DOI'                
13 2 'Structure model' '_database_2.pdbx_database_accession' 
# 
loop_
_software.citation_id 
_software.classification 
_software.compiler_name 
_software.compiler_version 
_software.contact_author 
_software.contact_author_email 
_software.date 
_software.description 
_software.dependencies 
_software.hardware 
_software.language 
_software.location 
_software.mods 
_software.name 
_software.os 
_software.os_version 
_software.type 
_software.version 
_software.pdbx_ordinal 
? 'data reduction'  ? ? ? ? ? ? ? ? ? ? ? HKL-2000    ? ? ? .           1 
? 'data scaling'    ? ? ? ? ? ? ? ? ? ? ? HKL-2000    ? ? ? .           2 
? refinement        ? ? ? ? ? ? ? ? ? ? ? PHENIX      ? ? ? 1.11.1_2575 3 
? 'data extraction' ? ? ? ? ? ? ? ? ? ? ? PDB_EXTRACT ? ? ? 3.25        4 
? phasing           ? ? ? ? ? ? ? ? ? ? ? PHASER      ? ? ? .           5 
# 
_pdbx_entry_details.entry_id                 7JOK 
_pdbx_entry_details.has_ligand_of_interest   N 
_pdbx_entry_details.compound_details         ? 
_pdbx_entry_details.source_details           ? 
_pdbx_entry_details.nonpolymer_details       ? 
_pdbx_entry_details.sequence_details         ? 
# 
_pdbx_validate_close_contact.id               1 
_pdbx_validate_close_contact.PDB_model_num    1 
_pdbx_validate_close_contact.auth_atom_id_1   H61 
_pdbx_validate_close_contact.auth_asym_id_1   A 
_pdbx_validate_close_contact.auth_comp_id_1   DA 
_pdbx_validate_close_contact.auth_seq_id_1    7 
_pdbx_validate_close_contact.PDB_ins_code_1   ? 
_pdbx_validate_close_contact.label_alt_id_1   ? 
_pdbx_validate_close_contact.auth_atom_id_2   O4 
_pdbx_validate_close_contact.auth_asym_id_2   D 
_pdbx_validate_close_contact.auth_comp_id_2   DT 
_pdbx_validate_close_contact.auth_seq_id_2    12 
_pdbx_validate_close_contact.PDB_ins_code_2   ? 
_pdbx_validate_close_contact.label_alt_id_2   ? 
_pdbx_validate_close_contact.dist             1.58 
# 
_pdbx_validate_rmsd_angle.id                         1 
_pdbx_validate_rmsd_angle.PDB_model_num              1 
_pdbx_validate_rmsd_angle.auth_atom_id_1             "O4'" 
_pdbx_validate_rmsd_angle.auth_asym_id_1             B 
_pdbx_validate_rmsd_angle.auth_comp_id_1             DT 
_pdbx_validate_rmsd_angle.auth_seq_id_1              3 
_pdbx_validate_rmsd_angle.PDB_ins_code_1             ? 
_pdbx_validate_rmsd_angle.label_alt_id_1             ? 
_pdbx_validate_rmsd_angle.auth_atom_id_2             "C1'" 
_pdbx_validate_rmsd_angle.auth_asym_id_2             B 
_pdbx_validate_rmsd_angle.auth_comp_id_2             DT 
_pdbx_validate_rmsd_angle.auth_seq_id_2              3 
_pdbx_validate_rmsd_angle.PDB_ins_code_2             ? 
_pdbx_validate_rmsd_angle.label_alt_id_2             ? 
_pdbx_validate_rmsd_angle.auth_atom_id_3             N1 
_pdbx_validate_rmsd_angle.auth_asym_id_3             B 
_pdbx_validate_rmsd_angle.auth_comp_id_3             DT 
_pdbx_validate_rmsd_angle.auth_seq_id_3              3 
_pdbx_validate_rmsd_angle.PDB_ins_code_3             ? 
_pdbx_validate_rmsd_angle.label_alt_id_3             ? 
_pdbx_validate_rmsd_angle.angle_value                110.81 
_pdbx_validate_rmsd_angle.angle_target_value         108.30 
_pdbx_validate_rmsd_angle.angle_deviation            2.51 
_pdbx_validate_rmsd_angle.angle_standard_deviation   0.30 
_pdbx_validate_rmsd_angle.linker_flag                N 
# 
loop_
_pdbx_unobs_or_zero_occ_atoms.id 
_pdbx_unobs_or_zero_occ_atoms.PDB_model_num 
_pdbx_unobs_or_zero_occ_atoms.polymer_flag 
_pdbx_unobs_or_zero_occ_atoms.occupancy_flag 
_pdbx_unobs_or_zero_occ_atoms.auth_asym_id 
_pdbx_unobs_or_zero_occ_atoms.auth_comp_id 
_pdbx_unobs_or_zero_occ_atoms.auth_seq_id 
_pdbx_unobs_or_zero_occ_atoms.PDB_ins_code 
_pdbx_unobs_or_zero_occ_atoms.auth_atom_id 
_pdbx_unobs_or_zero_occ_atoms.label_alt_id 
_pdbx_unobs_or_zero_occ_atoms.label_asym_id 
_pdbx_unobs_or_zero_occ_atoms.label_comp_id 
_pdbx_unobs_or_zero_occ_atoms.label_seq_id 
_pdbx_unobs_or_zero_occ_atoms.label_atom_id 
1  1 Y 1 A DG  1   ? "O5'" ? A DG  1 "O5'" 
2  1 Y 1 A DG  1   ? "C5'" ? A DG  1 "C5'" 
3  1 Y 1 C DT  1   ? "O5'" ? C DT  1 "O5'" 
4  1 Y 1 C DT  1   ? "C5'" ? C DT  1 "C5'" 
5  1 N 1 B CAC 101 ? O1    ? E CAC 1 O1    
6  1 N 1 B CAC 101 ? O2    ? E CAC 1 O2    
7  1 N 1 B CAC 101 ? C1    ? E CAC 1 C1    
8  1 N 1 B CAC 101 ? C2    ? E CAC 1 C2    
9  1 N 1 C CAC 101 ? O1    ? F CAC 1 O1    
10 1 N 1 C CAC 101 ? O2    ? F CAC 1 O2    
11 1 N 1 C CAC 101 ? C1    ? F CAC 1 C1    
12 1 N 1 C CAC 101 ? C2    ? F CAC 1 C2    
13 1 N 1 D CAC 101 ? O1    ? G CAC 1 O1    
14 1 N 1 D CAC 101 ? O2    ? G CAC 1 O2    
15 1 N 1 D CAC 101 ? C1    ? G CAC 1 C1    
16 1 N 1 D CAC 101 ? C2    ? G CAC 1 C2    
# 
loop_
_chem_comp_atom.comp_id 
_chem_comp_atom.atom_id 
_chem_comp_atom.type_symbol 
_chem_comp_atom.pdbx_aromatic_flag 
_chem_comp_atom.pdbx_stereo_config 
_chem_comp_atom.pdbx_ordinal 
CAC AS     AS N N 1   
CAC O1     O  N N 2   
CAC O2     O  N N 3   
CAC C1     C  N N 4   
CAC C2     C  N N 5   
CAC H11    H  N N 6   
CAC H12    H  N N 7   
CAC H13    H  N N 8   
CAC H21    H  N N 9   
CAC H22    H  N N 10  
CAC H23    H  N N 11  
DA  OP3    O  N N 12  
DA  P      P  N N 13  
DA  OP1    O  N N 14  
DA  OP2    O  N N 15  
DA  "O5'"  O  N N 16  
DA  "C5'"  C  N N 17  
DA  "C4'"  C  N R 18  
DA  "O4'"  O  N N 19  
DA  "C3'"  C  N S 20  
DA  "O3'"  O  N N 21  
DA  "C2'"  C  N N 22  
DA  "C1'"  C  N R 23  
DA  N9     N  Y N 24  
DA  C8     C  Y N 25  
DA  N7     N  Y N 26  
DA  C5     C  Y N 27  
DA  C6     C  Y N 28  
DA  N6     N  N N 29  
DA  N1     N  Y N 30  
DA  C2     C  Y N 31  
DA  N3     N  Y N 32  
DA  C4     C  Y N 33  
DA  HOP3   H  N N 34  
DA  HOP2   H  N N 35  
DA  "H5'"  H  N N 36  
DA  "H5''" H  N N 37  
DA  "H4'"  H  N N 38  
DA  "H3'"  H  N N 39  
DA  "HO3'" H  N N 40  
DA  "H2'"  H  N N 41  
DA  "H2''" H  N N 42  
DA  "H1'"  H  N N 43  
DA  H8     H  N N 44  
DA  H61    H  N N 45  
DA  H62    H  N N 46  
DA  H2     H  N N 47  
DC  OP3    O  N N 48  
DC  P      P  N N 49  
DC  OP1    O  N N 50  
DC  OP2    O  N N 51  
DC  "O5'"  O  N N 52  
DC  "C5'"  C  N N 53  
DC  "C4'"  C  N R 54  
DC  "O4'"  O  N N 55  
DC  "C3'"  C  N S 56  
DC  "O3'"  O  N N 57  
DC  "C2'"  C  N N 58  
DC  "C1'"  C  N R 59  
DC  N1     N  N N 60  
DC  C2     C  N N 61  
DC  O2     O  N N 62  
DC  N3     N  N N 63  
DC  C4     C  N N 64  
DC  N4     N  N N 65  
DC  C5     C  N N 66  
DC  C6     C  N N 67  
DC  HOP3   H  N N 68  
DC  HOP2   H  N N 69  
DC  "H5'"  H  N N 70  
DC  "H5''" H  N N 71  
DC  "H4'"  H  N N 72  
DC  "H3'"  H  N N 73  
DC  "HO3'" H  N N 74  
DC  "H2'"  H  N N 75  
DC  "H2''" H  N N 76  
DC  "H1'"  H  N N 77  
DC  H41    H  N N 78  
DC  H42    H  N N 79  
DC  H5     H  N N 80  
DC  H6     H  N N 81  
DG  OP3    O  N N 82  
DG  P      P  N N 83  
DG  OP1    O  N N 84  
DG  OP2    O  N N 85  
DG  "O5'"  O  N N 86  
DG  "C5'"  C  N N 87  
DG  "C4'"  C  N R 88  
DG  "O4'"  O  N N 89  
DG  "C3'"  C  N S 90  
DG  "O3'"  O  N N 91  
DG  "C2'"  C  N N 92  
DG  "C1'"  C  N R 93  
DG  N9     N  Y N 94  
DG  C8     C  Y N 95  
DG  N7     N  Y N 96  
DG  C5     C  Y N 97  
DG  C6     C  N N 98  
DG  O6     O  N N 99  
DG  N1     N  N N 100 
DG  C2     C  N N 101 
DG  N2     N  N N 102 
DG  N3     N  N N 103 
DG  C4     C  Y N 104 
DG  HOP3   H  N N 105 
DG  HOP2   H  N N 106 
DG  "H5'"  H  N N 107 
DG  "H5''" H  N N 108 
DG  "H4'"  H  N N 109 
DG  "H3'"  H  N N 110 
DG  "HO3'" H  N N 111 
DG  "H2'"  H  N N 112 
DG  "H2''" H  N N 113 
DG  "H1'"  H  N N 114 
DG  H8     H  N N 115 
DG  H1     H  N N 116 
DG  H21    H  N N 117 
DG  H22    H  N N 118 
DT  OP3    O  N N 119 
DT  P      P  N N 120 
DT  OP1    O  N N 121 
DT  OP2    O  N N 122 
DT  "O5'"  O  N N 123 
DT  "C5'"  C  N N 124 
DT  "C4'"  C  N R 125 
DT  "O4'"  O  N N 126 
DT  "C3'"  C  N S 127 
DT  "O3'"  O  N N 128 
DT  "C2'"  C  N N 129 
DT  "C1'"  C  N R 130 
DT  N1     N  N N 131 
DT  C2     C  N N 132 
DT  O2     O  N N 133 
DT  N3     N  N N 134 
DT  C4     C  N N 135 
DT  O4     O  N N 136 
DT  C5     C  N N 137 
DT  C7     C  N N 138 
DT  C6     C  N N 139 
DT  HOP3   H  N N 140 
DT  HOP2   H  N N 141 
DT  "H5'"  H  N N 142 
DT  "H5''" H  N N 143 
DT  "H4'"  H  N N 144 
DT  "H3'"  H  N N 145 
DT  "HO3'" H  N N 146 
DT  "H2'"  H  N N 147 
DT  "H2''" H  N N 148 
DT  "H1'"  H  N N 149 
DT  H3     H  N N 150 
DT  H71    H  N N 151 
DT  H72    H  N N 152 
DT  H73    H  N N 153 
DT  H6     H  N N 154 
# 
loop_
_chem_comp_bond.comp_id 
_chem_comp_bond.atom_id_1 
_chem_comp_bond.atom_id_2 
_chem_comp_bond.value_order 
_chem_comp_bond.pdbx_aromatic_flag 
_chem_comp_bond.pdbx_stereo_config 
_chem_comp_bond.pdbx_ordinal 
CAC AS    O1     doub N N 1   
CAC AS    O2     sing N N 2   
CAC AS    C1     sing N N 3   
CAC AS    C2     sing N N 4   
CAC C1    H11    sing N N 5   
CAC C1    H12    sing N N 6   
CAC C1    H13    sing N N 7   
CAC C2    H21    sing N N 8   
CAC C2    H22    sing N N 9   
CAC C2    H23    sing N N 10  
DA  OP3   P      sing N N 11  
DA  OP3   HOP3   sing N N 12  
DA  P     OP1    doub N N 13  
DA  P     OP2    sing N N 14  
DA  P     "O5'"  sing N N 15  
DA  OP2   HOP2   sing N N 16  
DA  "O5'" "C5'"  sing N N 17  
DA  "C5'" "C4'"  sing N N 18  
DA  "C5'" "H5'"  sing N N 19  
DA  "C5'" "H5''" sing N N 20  
DA  "C4'" "O4'"  sing N N 21  
DA  "C4'" "C3'"  sing N N 22  
DA  "C4'" "H4'"  sing N N 23  
DA  "O4'" "C1'"  sing N N 24  
DA  "C3'" "O3'"  sing N N 25  
DA  "C3'" "C2'"  sing N N 26  
DA  "C3'" "H3'"  sing N N 27  
DA  "O3'" "HO3'" sing N N 28  
DA  "C2'" "C1'"  sing N N 29  
DA  "C2'" "H2'"  sing N N 30  
DA  "C2'" "H2''" sing N N 31  
DA  "C1'" N9     sing N N 32  
DA  "C1'" "H1'"  sing N N 33  
DA  N9    C8     sing Y N 34  
DA  N9    C4     sing Y N 35  
DA  C8    N7     doub Y N 36  
DA  C8    H8     sing N N 37  
DA  N7    C5     sing Y N 38  
DA  C5    C6     sing Y N 39  
DA  C5    C4     doub Y N 40  
DA  C6    N6     sing N N 41  
DA  C6    N1     doub Y N 42  
DA  N6    H61    sing N N 43  
DA  N6    H62    sing N N 44  
DA  N1    C2     sing Y N 45  
DA  C2    N3     doub Y N 46  
DA  C2    H2     sing N N 47  
DA  N3    C4     sing Y N 48  
DC  OP3   P      sing N N 49  
DC  OP3   HOP3   sing N N 50  
DC  P     OP1    doub N N 51  
DC  P     OP2    sing N N 52  
DC  P     "O5'"  sing N N 53  
DC  OP2   HOP2   sing N N 54  
DC  "O5'" "C5'"  sing N N 55  
DC  "C5'" "C4'"  sing N N 56  
DC  "C5'" "H5'"  sing N N 57  
DC  "C5'" "H5''" sing N N 58  
DC  "C4'" "O4'"  sing N N 59  
DC  "C4'" "C3'"  sing N N 60  
DC  "C4'" "H4'"  sing N N 61  
DC  "O4'" "C1'"  sing N N 62  
DC  "C3'" "O3'"  sing N N 63  
DC  "C3'" "C2'"  sing N N 64  
DC  "C3'" "H3'"  sing N N 65  
DC  "O3'" "HO3'" sing N N 66  
DC  "C2'" "C1'"  sing N N 67  
DC  "C2'" "H2'"  sing N N 68  
DC  "C2'" "H2''" sing N N 69  
DC  "C1'" N1     sing N N 70  
DC  "C1'" "H1'"  sing N N 71  
DC  N1    C2     sing N N 72  
DC  N1    C6     sing N N 73  
DC  C2    O2     doub N N 74  
DC  C2    N3     sing N N 75  
DC  N3    C4     doub N N 76  
DC  C4    N4     sing N N 77  
DC  C4    C5     sing N N 78  
DC  N4    H41    sing N N 79  
DC  N4    H42    sing N N 80  
DC  C5    C6     doub N N 81  
DC  C5    H5     sing N N 82  
DC  C6    H6     sing N N 83  
DG  OP3   P      sing N N 84  
DG  OP3   HOP3   sing N N 85  
DG  P     OP1    doub N N 86  
DG  P     OP2    sing N N 87  
DG  P     "O5'"  sing N N 88  
DG  OP2   HOP2   sing N N 89  
DG  "O5'" "C5'"  sing N N 90  
DG  "C5'" "C4'"  sing N N 91  
DG  "C5'" "H5'"  sing N N 92  
DG  "C5'" "H5''" sing N N 93  
DG  "C4'" "O4'"  sing N N 94  
DG  "C4'" "C3'"  sing N N 95  
DG  "C4'" "H4'"  sing N N 96  
DG  "O4'" "C1'"  sing N N 97  
DG  "C3'" "O3'"  sing N N 98  
DG  "C3'" "C2'"  sing N N 99  
DG  "C3'" "H3'"  sing N N 100 
DG  "O3'" "HO3'" sing N N 101 
DG  "C2'" "C1'"  sing N N 102 
DG  "C2'" "H2'"  sing N N 103 
DG  "C2'" "H2''" sing N N 104 
DG  "C1'" N9     sing N N 105 
DG  "C1'" "H1'"  sing N N 106 
DG  N9    C8     sing Y N 107 
DG  N9    C4     sing Y N 108 
DG  C8    N7     doub Y N 109 
DG  C8    H8     sing N N 110 
DG  N7    C5     sing Y N 111 
DG  C5    C6     sing N N 112 
DG  C5    C4     doub Y N 113 
DG  C6    O6     doub N N 114 
DG  C6    N1     sing N N 115 
DG  N1    C2     sing N N 116 
DG  N1    H1     sing N N 117 
DG  C2    N2     sing N N 118 
DG  C2    N3     doub N N 119 
DG  N2    H21    sing N N 120 
DG  N2    H22    sing N N 121 
DG  N3    C4     sing N N 122 
DT  OP3   P      sing N N 123 
DT  OP3   HOP3   sing N N 124 
DT  P     OP1    doub N N 125 
DT  P     OP2    sing N N 126 
DT  P     "O5'"  sing N N 127 
DT  OP2   HOP2   sing N N 128 
DT  "O5'" "C5'"  sing N N 129 
DT  "C5'" "C4'"  sing N N 130 
DT  "C5'" "H5'"  sing N N 131 
DT  "C5'" "H5''" sing N N 132 
DT  "C4'" "O4'"  sing N N 133 
DT  "C4'" "C3'"  sing N N 134 
DT  "C4'" "H4'"  sing N N 135 
DT  "O4'" "C1'"  sing N N 136 
DT  "C3'" "O3'"  sing N N 137 
DT  "C3'" "C2'"  sing N N 138 
DT  "C3'" "H3'"  sing N N 139 
DT  "O3'" "HO3'" sing N N 140 
DT  "C2'" "C1'"  sing N N 141 
DT  "C2'" "H2'"  sing N N 142 
DT  "C2'" "H2''" sing N N 143 
DT  "C1'" N1     sing N N 144 
DT  "C1'" "H1'"  sing N N 145 
DT  N1    C2     sing N N 146 
DT  N1    C6     sing N N 147 
DT  C2    O2     doub N N 148 
DT  C2    N3     sing N N 149 
DT  N3    C4     sing N N 150 
DT  N3    H3     sing N N 151 
DT  C4    O4     doub N N 152 
DT  C4    C5     sing N N 153 
DT  C5    C7     sing N N 154 
DT  C5    C6     doub N N 155 
DT  C7    H71    sing N N 156 
DT  C7    H72    sing N N 157 
DT  C7    H73    sing N N 158 
DT  C6    H6     sing N N 159 
# 
loop_
_ndb_struct_conf_na.entry_id 
_ndb_struct_conf_na.feature 
7JOK 'double helix'        
7JOK 'a-form double helix' 
7JOK 'b-form double helix' 
# 
loop_
_ndb_struct_na_base_pair.model_number 
_ndb_struct_na_base_pair.i_label_asym_id 
_ndb_struct_na_base_pair.i_label_comp_id 
_ndb_struct_na_base_pair.i_label_seq_id 
_ndb_struct_na_base_pair.i_symmetry 
_ndb_struct_na_base_pair.j_label_asym_id 
_ndb_struct_na_base_pair.j_label_comp_id 
_ndb_struct_na_base_pair.j_label_seq_id 
_ndb_struct_na_base_pair.j_symmetry 
_ndb_struct_na_base_pair.shear 
_ndb_struct_na_base_pair.stretch 
_ndb_struct_na_base_pair.stagger 
_ndb_struct_na_base_pair.buckle 
_ndb_struct_na_base_pair.propeller 
_ndb_struct_na_base_pair.opening 
_ndb_struct_na_base_pair.pair_number 
_ndb_struct_na_base_pair.pair_name 
_ndb_struct_na_base_pair.i_auth_asym_id 
_ndb_struct_na_base_pair.i_auth_seq_id 
_ndb_struct_na_base_pair.i_PDB_ins_code 
_ndb_struct_na_base_pair.j_auth_asym_id 
_ndb_struct_na_base_pair.j_auth_seq_id 
_ndb_struct_na_base_pair.j_PDB_ins_code 
_ndb_struct_na_base_pair.hbond_type_28 
_ndb_struct_na_base_pair.hbond_type_12 
1 A DG 3  1_555 D DC 7 1_555 2.380  0.401  1.130  9.743  -11.715 -0.871  1  A_DG3:DC16_D A 3  ? D 16 ? ?  ? 
1 A DC 4  1_555 D DG 6 1_555 -0.147 0.162  0.413  -0.136 -12.635 -1.720  2  A_DC4:DG15_D A 4  ? D 15 ? 19 1 
1 A DA 5  1_555 D DT 5 1_555 2.014  0.264  0.045  -4.255 -9.589  -17.314 3  A_DA5:DT14_D A 5  ? D 14 ? 20 1 
1 A DG 6  1_555 D DC 4 1_555 0.075  -0.249 -0.266 -8.196 -1.885  -8.705  4  A_DG6:DC13_D A 6  ? D 13 ? 19 1 
1 A DA 7  1_555 D DT 3 1_555 1.052  -0.081 -0.258 1.737  3.168   -20.313 5  A_DA7:DT12_D A 7  ? D 12 ? 20 1 
1 A DC 8  1_555 D DG 2 1_555 -0.233 -0.120 -0.351 4.995  0.387   -5.608  6  A_DC8:DG11_D A 8  ? D 11 ? 19 1 
1 A DT 9  1_555 D DA 1 1_555 -0.785 0.198  0.662  -5.574 -3.707  -2.782  7  A_DT9:DA10_D A 9  ? D 10 ? 20 1 
1 A DT 10 1_555 B DA 6 1_555 -1.781 0.277  1.092  -6.359 -1.463  4.901   8  A_DT10:DA5_B A 10 ? B 5  ? ?  ? 
1 A DG 11 1_555 B DC 5 1_555 0.736  0.053  0.744  4.528  3.067   4.901   9  A_DG11:DC4_B A 11 ? B 4  ? 19 1 
1 A DA 12 1_555 B DT 4 1_555 1.342  0.260  0.755  -1.865 2.023   -11.646 10 A_DA12:DT3_B A 12 ? B 3  ? 20 1 
1 A DC 13 1_555 B DG 3 1_555 -0.288 -0.286 0.683  -5.066 -0.438  -7.265  11 A_DC13:DG2_B A 13 ? B 2  ? 19 1 
1 A DG 14 1_555 B DC 2 1_555 0.247  -0.316 0.326  0.185  -10.281 -7.216  12 A_DG14:DC1_B A 14 ? B 1  ? 19 1 
1 A DA 15 1_555 B DT 1 1_555 0.462  -0.274 0.261  -7.368 -6.061  -0.160  13 A_DA15:DT0_B A 15 ? B 0  ? 20 1 
1 A DC 16 1_555 C DG 8 1_555 0.155  -0.210 0.762  -2.117 -5.489  -0.732  14 A_DC16:DG8_C A 16 ? C 8  ? 19 1 
1 A DA 17 1_555 C DT 7 1_555 0.279  -0.231 0.785  0.586  -12.258 -9.125  15 A_DA17:DT7_C A 17 ? C 7  ? 20 1 
1 A DC 18 1_555 C DG 6 1_555 0.152  -0.147 0.639  -6.712 -7.058  -0.570  16 A_DC18:DG6_C A 18 ? C 6  ? 19 1 
1 A DT 19 1_555 C DA 5 1_555 -0.148 -0.143 0.150  -0.450 -12.552 -1.390  17 A_DT19:DA5_C A 19 ? C 5  ? 20 1 
1 A DC 20 1_555 C DG 4 1_555 0.230  -0.144 -0.358 0.167  -8.609  3.822   18 A_DC20:DG4_C A 20 ? C 4  ? 19 1 
1 A DA 21 1_555 C DT 3 1_555 0.092  -0.055 -0.370 -6.514 -9.703  0.972   19 A_DA21:DT3_C A 21 ? C 3  ? 20 1 
# 
loop_
_ndb_struct_na_base_pair_step.model_number 
_ndb_struct_na_base_pair_step.i_label_asym_id_1 
_ndb_struct_na_base_pair_step.i_label_comp_id_1 
_ndb_struct_na_base_pair_step.i_label_seq_id_1 
_ndb_struct_na_base_pair_step.i_symmetry_1 
_ndb_struct_na_base_pair_step.j_label_asym_id_1 
_ndb_struct_na_base_pair_step.j_label_comp_id_1 
_ndb_struct_na_base_pair_step.j_label_seq_id_1 
_ndb_struct_na_base_pair_step.j_symmetry_1 
_ndb_struct_na_base_pair_step.i_label_asym_id_2 
_ndb_struct_na_base_pair_step.i_label_comp_id_2 
_ndb_struct_na_base_pair_step.i_label_seq_id_2 
_ndb_struct_na_base_pair_step.i_symmetry_2 
_ndb_struct_na_base_pair_step.j_label_asym_id_2 
_ndb_struct_na_base_pair_step.j_label_comp_id_2 
_ndb_struct_na_base_pair_step.j_label_seq_id_2 
_ndb_struct_na_base_pair_step.j_symmetry_2 
_ndb_struct_na_base_pair_step.shift 
_ndb_struct_na_base_pair_step.slide 
_ndb_struct_na_base_pair_step.rise 
_ndb_struct_na_base_pair_step.tilt 
_ndb_struct_na_base_pair_step.roll 
_ndb_struct_na_base_pair_step.twist 
_ndb_struct_na_base_pair_step.x_displacement 
_ndb_struct_na_base_pair_step.y_displacement 
_ndb_struct_na_base_pair_step.helical_rise 
_ndb_struct_na_base_pair_step.inclination 
_ndb_struct_na_base_pair_step.tip 
_ndb_struct_na_base_pair_step.helical_twist 
_ndb_struct_na_base_pair_step.step_number 
_ndb_struct_na_base_pair_step.step_name 
_ndb_struct_na_base_pair_step.i_auth_asym_id_1 
_ndb_struct_na_base_pair_step.i_auth_seq_id_1 
_ndb_struct_na_base_pair_step.i_PDB_ins_code_1 
_ndb_struct_na_base_pair_step.j_auth_asym_id_1 
_ndb_struct_na_base_pair_step.j_auth_seq_id_1 
_ndb_struct_na_base_pair_step.j_PDB_ins_code_1 
_ndb_struct_na_base_pair_step.i_auth_asym_id_2 
_ndb_struct_na_base_pair_step.i_auth_seq_id_2 
_ndb_struct_na_base_pair_step.i_PDB_ins_code_2 
_ndb_struct_na_base_pair_step.j_auth_asym_id_2 
_ndb_struct_na_base_pair_step.j_auth_seq_id_2 
_ndb_struct_na_base_pair_step.j_PDB_ins_code_2 
1 A DG 3  1_555 D DC 7 1_555 A DC 4  1_555 D DG 6 1_555 0.409  -0.979 3.293 7.855  -1.653 29.042 -1.536 0.871  3.336 -3.218  
-15.298 30.108 1  AA_DG3DC4:DG15DC16_DD A 3  ? D 16 ? A 4  ? D 15 ? 
1 A DC 4  1_555 D DG 6 1_555 A DA 5  1_555 D DT 5 1_555 -1.067 -0.090 3.681 2.462  2.238  37.562 -0.462 2.006  3.595 3.466   
-3.814  37.704 2  AA_DC4DA5:DT14DG15_DD A 4  ? D 15 ? A 5  ? D 14 ? 
1 A DA 5  1_555 D DT 5 1_555 A DG 6  1_555 D DC 4 1_555 0.469  -1.090 3.299 0.835  2.705  22.176 -3.812 -0.902 3.160 6.996   
-2.159  22.354 3  AA_DA5DG6:DC13DT14_DD A 5  ? D 14 ? A 6  ? D 13 ? 
1 A DG 6  1_555 D DC 4 1_555 A DA 7  1_555 D DT 3 1_555 -0.280 -0.975 3.073 2.894  1.828  42.928 -1.496 0.648  3.007 2.492   
-3.947  43.058 4  AA_DG6DA7:DT12DC13_DD A 6  ? D 13 ? A 7  ? D 12 ? 
1 A DA 7  1_555 D DT 3 1_555 A DC 8  1_555 D DG 2 1_555 1.081  -1.446 3.254 -1.700 2.747  28.118 -3.570 -2.590 3.032 5.631   3.484 
28.299 5  AA_DA7DC8:DG11DT12_DD A 7  ? D 12 ? A 8  ? D 11 ? 
1 A DC 8  1_555 D DG 2 1_555 A DT 9  1_555 D DA 1 1_555 -0.329 -1.999 3.551 -5.065 1.045  31.643 -3.824 -0.393 3.494 1.900   9.212 
32.052 6  AA_DC8DT9:DA10DG11_DD A 8  ? D 11 ? A 9  ? D 10 ? 
1 A DT 9  1_555 D DA 1 1_555 A DT 10 1_555 B DA 6 1_555 -0.289 -1.704 3.247 -2.875 -2.917 20.961 -3.364 -0.435 3.457 -7.922  7.807 
21.353 7  AA_DT9DT10:DA5DA10_BD A 9  ? D 10 ? A 10 ? B 5  ? 
1 A DT 10 1_555 B DA 6 1_555 A DG 11 1_555 B DC 5 1_555 -0.225 0.479  3.139 -1.313 6.742  40.534 -0.030 0.182  3.180 9.648   1.879 
41.087 8  AA_DT10DG11:DC4DA5_BB A 10 ? B 5  ? A 11 ? B 4  ? 
1 A DG 11 1_555 B DC 5 1_555 A DA 12 1_555 B DT 4 1_555 -0.754 -0.529 3.299 -0.690 2.882  42.365 -1.024 0.970  3.269 3.982   0.954 
42.464 9  AA_DG11DA12:DT3DC4_BB A 11 ? B 4  ? A 12 ? B 3  ? 
1 A DA 12 1_555 B DT 4 1_555 A DC 13 1_555 B DG 3 1_555 0.062  -1.343 3.422 -1.323 1.634  27.088 -3.284 -0.477 3.330 3.481   2.819 
27.168 10 AA_DA12DC13:DG2DT3_BB A 12 ? B 3  ? A 13 ? B 2  ? 
1 A DC 13 1_555 B DG 3 1_555 A DG 14 1_555 B DC 2 1_555 -0.698 -0.652 3.053 0.222  -0.785 35.283 -0.968 1.182  3.063 -1.294  
-0.366  35.292 11 AA_DC13DG14:DC1DG2_BB A 13 ? B 2  ? A 14 ? B 1  ? 
1 A DG 14 1_555 B DC 2 1_555 A DA 15 1_555 B DT 1 1_555 0.031  -0.823 3.428 -5.672 1.502  38.860 -1.411 -0.750 3.358 2.242   8.467 
39.284 12 AA_DG14DA15:DT0DC1_BB A 14 ? B 1  ? A 15 ? B 0  ? 
1 A DA 15 1_555 B DT 1 1_555 A DC 16 1_555 C DG 8 1_555 -0.985 -1.473 2.981 -5.964 3.089  21.507 -4.818 0.503  2.907 8.029   
15.501  22.519 13 AA_DA15DC16:DG8DT0_CB A 15 ? B 0  ? A 16 ? C 8  ? 
1 A DC 16 1_555 C DG 8 1_555 A DA 17 1_555 C DT 7 1_555 -1.528 -0.066 3.020 -4.731 -1.013 38.800 0.018  1.744  3.178 -1.517  7.087 
39.089 14 AA_DC16DA17:DT7DG8_CC A 16 ? C 8  ? A 17 ? C 7  ? 
1 A DA 17 1_555 C DT 7 1_555 A DC 18 1_555 C DG 6 1_555 0.493  -0.935 3.427 -0.707 -6.369 32.581 -0.490 -0.991 3.531 -11.217 1.245 
33.188 15 AA_DA17DC18:DG6DT7_CC A 17 ? C 7  ? A 18 ? C 6  ? 
1 A DC 18 1_555 C DG 6 1_555 A DT 19 1_555 C DA 5 1_555 -0.742 -1.047 3.071 1.673  -4.024 38.101 -1.116 1.329  3.127 -6.139  
-2.553  38.341 16 AA_DC18DT19:DA5DG6_CC A 18 ? C 6  ? A 19 ? C 5  ? 
1 A DT 19 1_555 C DA 5 1_555 A DC 20 1_555 C DG 4 1_555 1.090  1.872  3.378 6.234  1.084  39.291 2.617  -0.831 3.551 1.600   
-9.198  39.777 17 AA_DT19DC20:DG4DA5_CC A 19 ? C 5  ? A 20 ? C 4  ? 
1 A DC 20 1_555 C DG 4 1_555 A DA 21 1_555 C DT 3 1_555 -0.879 1.738  3.612 -5.013 1.487  33.363 2.720  0.592  3.772 2.570   8.665 
33.758 18 AA_DC20DA21:DT3DG4_CC A 20 ? C 4  ? A 21 ? C 3  ? 
# 
loop_
_pdbx_audit_support.funding_organization 
_pdbx_audit_support.country 
_pdbx_audit_support.grant_number 
_pdbx_audit_support.ordinal 
'National Science Foundation (NSF, United States)'                                         'United States' 1360635     1 
'National Institutes of Health/National Institute of General Medical Sciences (NIH/NIGMS)' 'United States' R01GM104960 2 
'National Science Foundation (NSF, United States)'                                         'United States' NSF2004250  3 
# 
_pdbx_entity_nonpoly.entity_id   5 
_pdbx_entity_nonpoly.name        'CACODYLATE ION' 
_pdbx_entity_nonpoly.comp_id     CAC 
# 
_pdbx_initial_refinement_model.id               1 
_pdbx_initial_refinement_model.entity_id_list   ? 
_pdbx_initial_refinement_model.type             'experimental model' 
_pdbx_initial_refinement_model.source_name      PDB 
_pdbx_initial_refinement_model.accession_code   5VY6 
_pdbx_initial_refinement_model.details          ? 
# 
_pdbx_struct_assembly_auth_evidence.id                     1 
_pdbx_struct_assembly_auth_evidence.assembly_id            1 
_pdbx_struct_assembly_auth_evidence.experimental_support   none 
_pdbx_struct_assembly_auth_evidence.details                ? 
# 
